data_6GT7
#
_entry.id   6GT7
#
_entity_poly.entity_id   1
_entity_poly.type   'polypeptide(L)'
_entity_poly.pdbx_seq_one_letter_code
;TVVEFEELRKELVKRDSGKPVEKIKEEICTKSPPKLIKEIICENKTYADVNIDRSRGDWHVILYLMKHGVTDPDKILELL
PRDSKAKENEKWNTQKYFVITLSKAWSVVKKYLEA
;
_entity_poly.pdbx_strand_id   A
#
# COMPACT_ATOMS: atom_id res chain seq x y z
N THR A 1 -14.37 17.63 2.96
CA THR A 1 -13.19 16.80 3.25
C THR A 1 -13.53 15.44 3.83
N VAL A 2 -14.25 15.42 4.96
CA VAL A 2 -14.60 14.18 5.65
C VAL A 2 -15.46 13.31 4.74
N VAL A 3 -16.41 13.92 4.02
CA VAL A 3 -17.30 13.19 3.13
C VAL A 3 -16.54 12.58 1.94
N GLU A 4 -15.40 13.16 1.57
CA GLU A 4 -14.59 12.64 0.47
C GLU A 4 -13.82 11.41 0.92
N PHE A 5 -13.52 11.32 2.22
CA PHE A 5 -12.84 10.16 2.77
C PHE A 5 -13.76 8.94 2.91
N GLU A 6 -15.05 9.18 3.15
CA GLU A 6 -16.03 8.11 3.21
C GLU A 6 -16.33 7.59 1.80
N GLU A 7 -16.21 8.47 0.80
CA GLU A 7 -16.41 8.10 -0.59
C GLU A 7 -15.22 7.25 -1.07
N LEU A 8 -14.04 7.49 -0.49
CA LEU A 8 -12.85 6.69 -0.78
C LEU A 8 -12.96 5.35 -0.06
N ARG A 9 -13.48 5.38 1.17
CA ARG A 9 -13.57 4.17 1.99
C ARG A 9 -14.47 3.14 1.32
N LYS A 10 -15.59 3.57 0.74
CA LYS A 10 -16.51 2.64 0.07
C LYS A 10 -15.94 2.17 -1.26
N GLU A 11 -15.09 3.00 -1.89
CA GLU A 11 -14.51 2.65 -3.18
C GLU A 11 -13.43 1.57 -3.02
N LEU A 12 -12.63 1.65 -1.95
CA LEU A 12 -11.58 0.68 -1.72
C LEU A 12 -12.18 -0.69 -1.41
N VAL A 13 -13.15 -0.76 -0.50
CA VAL A 13 -13.73 -2.05 -0.12
C VAL A 13 -14.50 -2.67 -1.28
N LYS A 14 -14.93 -1.85 -2.25
CA LYS A 14 -15.60 -2.36 -3.45
C LYS A 14 -14.60 -2.95 -4.44
N ARG A 15 -13.35 -2.48 -4.38
CA ARG A 15 -12.29 -2.91 -5.29
C ARG A 15 -11.28 -3.83 -4.60
N ASP A 16 -11.50 -4.15 -3.33
CA ASP A 16 -10.56 -4.95 -2.56
C ASP A 16 -10.55 -6.40 -3.06
N SER A 17 -9.49 -7.14 -2.68
CA SER A 17 -9.31 -8.53 -3.12
C SER A 17 -10.26 -9.48 -2.39
N GLY A 18 -10.77 -9.06 -1.21
CA GLY A 18 -11.70 -9.88 -0.45
C GLY A 18 -11.02 -11.10 0.17
N LYS A 19 -9.68 -11.13 0.18
CA LYS A 19 -8.91 -12.26 0.70
C LYS A 19 -7.89 -11.77 1.73
N PRO A 20 -7.61 -12.59 2.75
CA PRO A 20 -6.77 -12.22 3.89
C PRO A 20 -5.33 -12.03 3.45
N VAL A 21 -4.61 -11.14 4.13
CA VAL A 21 -3.23 -10.79 3.79
C VAL A 21 -2.30 -12.01 3.77
N GLU A 22 -2.64 -13.06 4.52
CA GLU A 22 -1.79 -14.24 4.57
C GLU A 22 -1.80 -14.95 3.22
N LYS A 23 -2.86 -14.73 2.43
CA LYS A 23 -2.97 -15.28 1.09
C LYS A 23 -2.38 -14.31 0.07
N ILE A 24 -2.51 -13.01 0.33
CA ILE A 24 -2.06 -11.98 -0.59
C ILE A 24 -0.54 -12.08 -0.81
N LYS A 25 0.22 -12.30 0.26
CA LYS A 25 1.67 -12.36 0.16
C LYS A 25 2.13 -13.52 -0.71
N GLU A 26 1.31 -14.56 -0.85
CA GLU A 26 1.65 -15.69 -1.71
C GLU A 26 1.55 -15.25 -3.17
N GLU A 27 0.45 -14.57 -3.52
CA GLU A 27 0.24 -14.14 -4.88
C GLU A 27 1.20 -13.01 -5.25
N ILE A 28 1.59 -12.19 -4.27
CA ILE A 28 2.52 -11.09 -4.51
C ILE A 28 3.89 -11.63 -4.90
N CYS A 29 4.30 -12.75 -4.28
CA CYS A 29 5.64 -13.27 -4.45
C CYS A 29 5.75 -14.21 -5.66
N THR A 30 4.61 -14.60 -6.27
CA THR A 30 4.61 -15.43 -7.45
C THR A 30 4.03 -14.76 -8.71
N LYS A 31 3.69 -13.47 -8.63
CA LYS A 31 3.15 -12.74 -9.77
C LYS A 31 4.20 -11.85 -10.43
N SER A 32 5.42 -11.83 -9.91
CA SER A 32 6.47 -10.98 -10.45
C SER A 32 7.86 -11.58 -10.22
N PRO A 33 8.78 -11.39 -11.17
CA PRO A 33 10.20 -11.69 -11.00
C PRO A 33 10.79 -10.82 -9.90
N PRO A 34 12.08 -11.00 -9.57
CA PRO A 34 12.77 -10.20 -8.57
C PRO A 34 12.58 -8.71 -8.84
N LYS A 35 12.19 -7.98 -7.82
CA LYS A 35 11.86 -6.56 -7.93
C LYS A 35 11.95 -5.90 -6.56
N LEU A 36 12.17 -4.58 -6.52
CA LEU A 36 12.31 -3.85 -5.27
C LEU A 36 11.10 -4.08 -4.37
N ILE A 37 9.89 -4.03 -4.93
CA ILE A 37 8.67 -4.18 -4.16
C ILE A 37 8.55 -5.62 -3.65
N LYS A 38 9.07 -6.58 -4.43
CA LYS A 38 9.01 -7.98 -4.05
C LYS A 38 10.01 -8.27 -2.93
N GLU A 39 11.15 -7.58 -2.94
CA GLU A 39 12.17 -7.76 -1.91
C GLU A 39 11.65 -7.34 -0.54
N ILE A 40 10.79 -6.32 -0.48
CA ILE A 40 10.30 -5.80 0.79
C ILE A 40 9.25 -6.72 1.39
N ILE A 41 8.29 -7.20 0.56
CA ILE A 41 7.14 -7.95 1.06
C ILE A 41 7.45 -9.43 1.22
N CYS A 42 8.35 -9.98 0.39
CA CYS A 42 8.59 -11.43 0.37
C CYS A 42 9.72 -11.84 1.32
N GLU A 43 10.37 -10.86 1.98
CA GLU A 43 11.42 -11.15 2.94
C GLU A 43 11.23 -10.37 4.24
N ASN A 44 10.12 -9.61 4.34
CA ASN A 44 9.78 -8.85 5.54
C ASN A 44 10.89 -7.88 5.97
N LYS A 45 11.79 -7.51 5.05
CA LYS A 45 12.87 -6.58 5.35
C LYS A 45 12.33 -5.16 5.40
N THR A 46 13.24 -4.18 5.54
CA THR A 46 12.86 -2.78 5.69
C THR A 46 13.56 -1.88 4.68
N TYR A 47 13.11 -0.63 4.56
CA TYR A 47 13.64 0.29 3.56
C TYR A 47 15.15 0.55 3.72
N ALA A 48 15.64 0.46 4.94
CA ALA A 48 17.05 0.69 5.23
C ALA A 48 17.91 -0.47 4.70
N ASP A 49 17.29 -1.62 4.43
CA ASP A 49 18.03 -2.78 3.94
C ASP A 49 18.25 -2.61 2.43
N VAL A 50 17.32 -1.94 1.76
CA VAL A 50 17.42 -1.67 0.33
C VAL A 50 17.89 -0.24 0.06
N ASN A 51 18.22 0.49 1.12
CA ASN A 51 18.76 1.85 1.03
C ASN A 51 17.88 2.77 0.18
N ILE A 52 16.59 2.84 0.52
CA ILE A 52 15.65 3.73 -0.18
C ILE A 52 14.99 4.68 0.82
N ASP A 53 14.53 5.83 0.34
CA ASP A 53 13.80 6.77 1.17
C ASP A 53 12.44 6.20 1.56
N ARG A 54 12.05 6.39 2.82
CA ARG A 54 10.88 5.74 3.38
C ARG A 54 9.59 6.27 2.75
N SER A 55 9.55 7.55 2.38
CA SER A 55 8.37 8.14 1.78
C SER A 55 8.25 7.72 0.31
N ARG A 56 9.39 7.58 -0.36
CA ARG A 56 9.42 7.17 -1.76
C ARG A 56 9.06 5.70 -1.88
N GLY A 57 9.51 4.89 -0.92
CA GLY A 57 9.18 3.48 -0.90
C GLY A 57 7.69 3.28 -0.63
N ASP A 58 7.14 4.04 0.32
CA ASP A 58 5.72 3.96 0.64
C ASP A 58 4.83 4.27 -0.56
N TRP A 59 5.30 5.10 -1.49
CA TRP A 59 4.53 5.41 -2.67
C TRP A 59 4.48 4.22 -3.61
N HIS A 60 5.64 3.71 -4.02
CA HIS A 60 5.70 2.62 -5.01
C HIS A 60 5.12 1.33 -4.45
N VAL A 61 5.19 1.14 -3.12
CA VAL A 61 4.68 -0.07 -2.50
C VAL A 61 3.16 -0.03 -2.47
N ILE A 62 2.56 1.14 -2.17
CA ILE A 62 1.11 1.24 -2.05
C ILE A 62 0.46 1.14 -3.43
N LEU A 63 1.05 1.77 -4.45
CA LEU A 63 0.47 1.74 -5.79
C LEU A 63 0.55 0.33 -6.36
N TYR A 64 1.57 -0.44 -5.98
CA TYR A 64 1.74 -1.79 -6.50
C TYR A 64 0.70 -2.78 -5.97
N LEU A 65 0.32 -2.64 -4.70
CA LEU A 65 -0.66 -3.52 -4.10
C LEU A 65 -2.04 -3.30 -4.73
N MET A 66 -2.35 -2.05 -5.07
CA MET A 66 -3.61 -1.72 -5.71
C MET A 66 -3.68 -2.38 -7.09
N LYS A 67 -2.56 -2.42 -7.81
CA LYS A 67 -2.49 -3.07 -9.11
C LYS A 67 -2.51 -4.59 -8.98
N HIS A 68 -2.22 -5.11 -7.79
CA HIS A 68 -2.28 -6.55 -7.52
C HIS A 68 -3.73 -7.00 -7.32
N GLY A 69 -4.63 -6.05 -7.07
CA GLY A 69 -6.05 -6.32 -6.91
C GLY A 69 -6.51 -6.20 -5.45
N VAL A 70 -5.58 -5.89 -4.54
CA VAL A 70 -5.92 -5.68 -3.13
C VAL A 70 -5.86 -4.19 -2.82
N THR A 71 -6.87 -3.67 -2.11
CA THR A 71 -6.97 -2.23 -1.90
C THR A 71 -7.46 -1.81 -0.50
N ASP A 72 -7.87 -2.77 0.33
CA ASP A 72 -8.26 -2.47 1.69
C ASP A 72 -7.12 -1.83 2.48
N PRO A 73 -7.34 -0.66 3.11
CA PRO A 73 -6.31 0.09 3.79
C PRO A 73 -5.61 -0.74 4.88
N ASP A 74 -6.29 -1.75 5.44
CA ASP A 74 -5.70 -2.59 6.47
C ASP A 74 -4.74 -3.63 5.87
N LYS A 75 -5.00 -4.04 4.62
CA LYS A 75 -4.14 -4.99 3.94
C LYS A 75 -2.92 -4.25 3.38
N ILE A 76 -3.15 -3.06 2.82
CA ILE A 76 -2.07 -2.25 2.27
C ILE A 76 -1.10 -1.85 3.39
N LEU A 77 -1.66 -1.50 4.55
CA LEU A 77 -0.88 -1.06 5.70
C LEU A 77 -0.06 -2.21 6.28
N GLU A 78 -0.67 -3.40 6.36
CA GLU A 78 -0.05 -4.54 7.03
C GLU A 78 1.19 -5.01 6.27
N LEU A 79 1.28 -4.68 4.97
CA LEU A 79 2.39 -5.12 4.14
C LEU A 79 3.53 -4.10 4.09
N LEU A 80 3.36 -2.93 4.71
CA LEU A 80 4.42 -1.93 4.73
C LEU A 80 5.53 -2.36 5.69
N PRO A 81 6.80 -2.03 5.37
CA PRO A 81 7.96 -2.38 6.16
C PRO A 81 7.99 -1.60 7.47
N ARG A 82 8.94 -1.96 8.34
CA ARG A 82 9.07 -1.37 9.67
C ARG A 82 9.35 0.13 9.58
N ASP A 83 10.21 0.54 8.65
CA ASP A 83 10.63 1.94 8.53
C ASP A 83 9.63 2.81 7.80
N SER A 84 8.43 2.28 7.51
CA SER A 84 7.41 3.02 6.78
C SER A 84 6.97 4.24 7.58
N LYS A 85 6.76 5.36 6.88
CA LYS A 85 6.31 6.59 7.52
C LYS A 85 4.84 6.47 7.92
N ALA A 86 4.17 5.45 7.37
CA ALA A 86 2.79 5.14 7.71
C ALA A 86 2.71 4.14 8.87
N LYS A 87 3.86 3.83 9.50
CA LYS A 87 3.91 2.91 10.62
C LYS A 87 4.79 3.43 11.76
N GLU A 88 5.74 4.32 11.44
CA GLU A 88 6.56 4.97 12.44
C GLU A 88 6.52 6.48 12.26
N ASN A 89 5.74 7.16 13.10
CA ASN A 89 5.56 8.60 13.04
C ASN A 89 4.98 9.07 14.38
N GLU A 90 4.52 10.32 14.46
CA GLU A 90 4.01 10.91 15.70
C GLU A 90 2.61 10.38 16.08
N LYS A 91 2.30 9.14 15.67
CA LYS A 91 1.02 8.46 15.92
C LYS A 91 -0.15 9.15 15.24
N TRP A 92 -0.46 10.38 15.65
CA TRP A 92 -1.54 11.14 15.04
C TRP A 92 -1.15 11.53 13.61
N ASN A 93 0.15 11.75 13.38
CA ASN A 93 0.66 12.07 12.06
C ASN A 93 0.71 10.79 11.22
N THR A 94 0.75 9.62 11.86
CA THR A 94 0.74 8.35 11.15
C THR A 94 -0.55 8.11 10.38
N GLN A 95 -1.69 8.36 11.04
CA GLN A 95 -2.99 8.17 10.42
C GLN A 95 -3.24 9.25 9.38
N LYS A 96 -2.78 10.48 9.64
CA LYS A 96 -2.98 11.57 8.71
C LYS A 96 -2.19 11.33 7.42
N TYR A 97 -0.88 11.10 7.54
CA TYR A 97 -0.04 10.89 6.38
C TYR A 97 -0.39 9.64 5.58
N PHE A 98 -0.87 8.60 6.27
CA PHE A 98 -1.29 7.38 5.61
C PHE A 98 -2.42 7.60 4.61
N VAL A 99 -3.39 8.42 4.99
CA VAL A 99 -4.55 8.70 4.13
C VAL A 99 -4.14 9.62 3.00
N ILE A 100 -3.19 10.54 3.23
CA ILE A 100 -2.73 11.42 2.18
C ILE A 100 -2.04 10.61 1.09
N THR A 101 -1.24 9.62 1.49
CA THR A 101 -0.56 8.75 0.55
C THR A 101 -1.50 7.75 -0.10
N LEU A 102 -2.44 7.23 0.68
CA LEU A 102 -3.39 6.23 0.20
C LEU A 102 -4.36 6.83 -0.80
N SER A 103 -4.86 8.04 -0.52
CA SER A 103 -5.87 8.65 -1.38
C SER A 103 -5.26 9.09 -2.71
N LYS A 104 -4.01 9.56 -2.70
CA LYS A 104 -3.33 9.97 -3.92
C LYS A 104 -2.82 8.76 -4.69
N ALA A 105 -2.41 7.71 -3.99
CA ALA A 105 -1.94 6.50 -4.64
C ALA A 105 -3.09 5.84 -5.38
N TRP A 106 -4.25 5.76 -4.74
CA TRP A 106 -5.41 5.15 -5.36
C TRP A 106 -5.91 5.98 -6.53
N SER A 107 -5.71 7.30 -6.45
CA SER A 107 -6.11 8.19 -7.53
C SER A 107 -5.28 7.93 -8.79
N VAL A 108 -4.01 7.55 -8.62
CA VAL A 108 -3.12 7.36 -9.76
C VAL A 108 -3.39 6.01 -10.41
N VAL A 109 -3.62 4.97 -9.61
CA VAL A 109 -3.84 3.64 -10.16
C VAL A 109 -5.25 3.48 -10.71
N LYS A 110 -6.25 4.15 -10.13
CA LYS A 110 -7.62 3.98 -10.59
C LYS A 110 -7.82 4.68 -11.93
N LYS A 111 -7.11 5.79 -12.18
CA LYS A 111 -7.21 6.45 -13.47
C LYS A 111 -6.35 5.72 -14.50
N TYR A 112 -5.37 4.93 -14.04
CA TYR A 112 -4.53 4.12 -14.90
C TYR A 112 -5.13 2.77 -15.29
N LEU A 113 -5.89 2.16 -14.37
CA LEU A 113 -6.51 0.87 -14.63
C LEU A 113 -7.81 1.02 -15.41
N GLU A 114 -8.46 2.18 -15.32
CA GLU A 114 -9.69 2.45 -16.06
C GLU A 114 -9.41 3.10 -17.41
N ALA A 115 -8.13 3.24 -17.77
CA ALA A 115 -7.72 3.84 -19.03
C ALA A 115 -8.12 2.96 -20.21
N THR A 1 -15.26 18.27 2.27
CA THR A 1 -14.06 17.41 2.39
C THR A 1 -14.38 16.01 2.88
N VAL A 2 -15.11 15.89 3.99
CA VAL A 2 -15.41 14.59 4.59
C VAL A 2 -16.22 13.70 3.65
N VAL A 3 -16.97 14.30 2.72
CA VAL A 3 -17.76 13.54 1.76
C VAL A 3 -16.86 12.80 0.77
N GLU A 4 -15.67 13.35 0.51
CA GLU A 4 -14.71 12.72 -0.40
C GLU A 4 -13.95 11.62 0.32
N PHE A 5 -13.80 11.75 1.65
CA PHE A 5 -13.10 10.75 2.44
C PHE A 5 -13.90 9.49 2.69
N GLU A 6 -15.23 9.61 2.82
CA GLU A 6 -16.09 8.45 2.98
C GLU A 6 -16.37 7.82 1.60
N GLU A 7 -16.25 8.60 0.53
CA GLU A 7 -16.40 8.09 -0.83
C GLU A 7 -15.20 7.21 -1.17
N LEU A 8 -14.03 7.54 -0.62
CA LEU A 8 -12.83 6.75 -0.84
C LEU A 8 -12.93 5.41 -0.11
N ARG A 9 -13.46 5.45 1.13
CA ARG A 9 -13.55 4.26 1.96
C ARG A 9 -14.46 3.20 1.32
N LYS A 10 -15.58 3.63 0.72
CA LYS A 10 -16.50 2.67 0.10
C LYS A 10 -15.96 2.19 -1.24
N GLU A 11 -15.10 2.99 -1.88
CA GLU A 11 -14.53 2.63 -3.17
C GLU A 11 -13.46 1.54 -3.00
N LEU A 12 -12.66 1.65 -1.95
CA LEU A 12 -11.61 0.67 -1.71
C LEU A 12 -12.21 -0.69 -1.37
N VAL A 13 -13.15 -0.74 -0.42
CA VAL A 13 -13.73 -2.01 -0.01
C VAL A 13 -14.49 -2.68 -1.16
N LYS A 14 -14.92 -1.89 -2.14
CA LYS A 14 -15.62 -2.40 -3.32
C LYS A 14 -14.63 -2.96 -4.35
N ARG A 15 -13.39 -2.48 -4.31
CA ARG A 15 -12.34 -2.89 -5.25
C ARG A 15 -11.32 -3.82 -4.62
N ASP A 16 -11.45 -4.09 -3.31
CA ASP A 16 -10.50 -4.93 -2.61
C ASP A 16 -10.61 -6.39 -3.07
N SER A 17 -9.54 -7.16 -2.89
CA SER A 17 -9.49 -8.55 -3.31
C SER A 17 -10.32 -9.44 -2.38
N GLY A 18 -10.51 -8.99 -1.13
CA GLY A 18 -11.27 -9.73 -0.13
C GLY A 18 -10.47 -10.90 0.44
N LYS A 19 -9.28 -11.17 -0.10
CA LYS A 19 -8.42 -12.25 0.37
C LYS A 19 -7.59 -11.78 1.58
N PRO A 20 -7.32 -12.68 2.54
CA PRO A 20 -6.59 -12.35 3.75
C PRO A 20 -5.13 -12.06 3.45
N VAL A 21 -4.52 -11.15 4.22
CA VAL A 21 -3.16 -10.71 3.98
C VAL A 21 -2.15 -11.87 3.98
N GLU A 22 -2.46 -12.96 4.69
CA GLU A 22 -1.55 -14.09 4.76
C GLU A 22 -1.46 -14.78 3.40
N LYS A 23 -2.49 -14.63 2.56
CA LYS A 23 -2.51 -15.22 1.23
C LYS A 23 -1.95 -14.23 0.21
N ILE A 24 -2.16 -12.93 0.45
CA ILE A 24 -1.70 -11.89 -0.47
C ILE A 24 -0.20 -11.98 -0.68
N LYS A 25 0.56 -12.16 0.41
CA LYS A 25 2.02 -12.16 0.34
C LYS A 25 2.53 -13.30 -0.53
N GLU A 26 1.75 -14.37 -0.68
CA GLU A 26 2.15 -15.50 -1.50
C GLU A 26 2.01 -15.12 -2.98
N GLU A 27 0.90 -14.45 -3.32
CA GLU A 27 0.67 -14.00 -4.68
C GLU A 27 1.71 -12.95 -5.06
N ILE A 28 2.15 -12.14 -4.09
CA ILE A 28 3.13 -11.09 -4.34
C ILE A 28 4.47 -11.71 -4.71
N CYS A 29 4.78 -12.88 -4.14
CA CYS A 29 6.01 -13.59 -4.44
C CYS A 29 5.97 -14.21 -5.83
N THR A 30 4.77 -14.43 -6.39
CA THR A 30 4.61 -15.08 -7.69
C THR A 30 3.98 -14.19 -8.77
N LYS A 31 3.85 -12.88 -8.52
CA LYS A 31 3.26 -11.96 -9.48
C LYS A 31 4.24 -10.89 -9.94
N SER A 32 5.53 -11.05 -9.59
CA SER A 32 6.55 -10.10 -10.01
C SER A 32 7.93 -10.75 -10.08
N PRO A 33 8.80 -10.25 -10.96
CA PRO A 33 10.20 -10.65 -11.04
C PRO A 33 10.96 -10.02 -9.86
N PRO A 34 12.21 -10.46 -9.62
CA PRO A 34 13.04 -9.92 -8.58
C PRO A 34 13.16 -8.39 -8.67
N LYS A 35 12.58 -7.68 -7.71
CA LYS A 35 12.58 -6.23 -7.64
C LYS A 35 12.53 -5.77 -6.18
N LEU A 36 12.82 -4.48 -5.95
CA LEU A 36 12.86 -3.92 -4.61
C LEU A 36 11.51 -4.09 -3.92
N ILE A 37 10.41 -3.93 -4.66
CA ILE A 37 9.07 -4.05 -4.09
C ILE A 37 8.79 -5.49 -3.69
N LYS A 38 9.27 -6.45 -4.48
CA LYS A 38 9.02 -7.85 -4.22
C LYS A 38 9.73 -8.28 -2.95
N GLU A 39 10.97 -7.82 -2.74
CA GLU A 39 11.74 -8.22 -1.57
C GLU A 39 11.15 -7.66 -0.29
N ILE A 40 10.54 -6.48 -0.34
CA ILE A 40 10.03 -5.86 0.87
C ILE A 40 8.87 -6.67 1.44
N ILE A 41 8.01 -7.19 0.56
CA ILE A 41 6.84 -7.95 0.99
C ILE A 41 7.07 -9.46 0.99
N CYS A 42 7.98 -9.96 0.15
CA CYS A 42 8.20 -11.40 0.03
C CYS A 42 9.33 -11.87 0.95
N GLU A 43 10.12 -10.95 1.49
CA GLU A 43 11.23 -11.31 2.39
C GLU A 43 11.12 -10.57 3.73
N ASN A 44 10.01 -9.84 3.95
CA ASN A 44 9.71 -9.20 5.21
C ASN A 44 10.80 -8.22 5.68
N LYS A 45 11.64 -7.74 4.75
CA LYS A 45 12.71 -6.80 5.09
C LYS A 45 12.14 -5.38 5.17
N THR A 46 12.99 -4.40 5.47
CA THR A 46 12.58 -3.02 5.63
C THR A 46 13.30 -2.07 4.67
N TYR A 47 12.85 -0.81 4.59
CA TYR A 47 13.40 0.13 3.63
C TYR A 47 14.89 0.38 3.76
N ALA A 48 15.42 0.27 4.99
CA ALA A 48 16.83 0.49 5.24
C ALA A 48 17.68 -0.65 4.68
N ASP A 49 17.07 -1.81 4.41
CA ASP A 49 17.80 -2.95 3.90
C ASP A 49 17.98 -2.81 2.39
N VAL A 50 17.01 -2.16 1.73
CA VAL A 50 17.06 -1.92 0.30
C VAL A 50 17.55 -0.50 -0.01
N ASN A 51 17.93 0.25 1.03
CA ASN A 51 18.49 1.59 0.92
C ASN A 51 17.57 2.50 0.09
N ILE A 52 16.31 2.62 0.49
CA ILE A 52 15.36 3.52 -0.16
C ILE A 52 14.76 4.48 0.85
N ASP A 53 14.31 5.65 0.38
CA ASP A 53 13.65 6.62 1.25
C ASP A 53 12.29 6.11 1.71
N ARG A 54 11.92 6.42 2.95
CA ARG A 54 10.72 5.85 3.57
C ARG A 54 9.45 6.32 2.84
N SER A 55 9.39 7.60 2.46
CA SER A 55 8.21 8.15 1.82
C SER A 55 8.13 7.74 0.35
N ARG A 56 9.29 7.55 -0.30
CA ARG A 56 9.34 7.12 -1.69
C ARG A 56 8.94 5.66 -1.80
N GLY A 57 9.36 4.85 -0.82
CA GLY A 57 8.99 3.45 -0.78
C GLY A 57 7.50 3.31 -0.54
N ASP A 58 6.96 4.08 0.40
CA ASP A 58 5.54 4.04 0.70
C ASP A 58 4.66 4.35 -0.52
N TRP A 59 5.18 5.13 -1.46
CA TRP A 59 4.44 5.43 -2.65
C TRP A 59 4.38 4.21 -3.57
N HIS A 60 5.54 3.66 -3.93
CA HIS A 60 5.61 2.56 -4.88
C HIS A 60 5.00 1.28 -4.30
N VAL A 61 5.05 1.12 -2.97
CA VAL A 61 4.52 -0.08 -2.34
C VAL A 61 2.99 -0.03 -2.35
N ILE A 62 2.39 1.14 -2.11
CA ILE A 62 0.95 1.26 -2.04
C ILE A 62 0.33 1.15 -3.44
N LEU A 63 0.96 1.78 -4.45
CA LEU A 63 0.40 1.76 -5.80
C LEU A 63 0.48 0.36 -6.39
N TYR A 64 1.49 -0.42 -6.03
CA TYR A 64 1.66 -1.76 -6.56
C TYR A 64 0.63 -2.78 -6.05
N LEU A 65 0.29 -2.68 -4.76
CA LEU A 65 -0.71 -3.56 -4.18
C LEU A 65 -2.08 -3.30 -4.81
N MET A 66 -2.37 -2.04 -5.16
CA MET A 66 -3.64 -1.71 -5.79
C MET A 66 -3.74 -2.37 -7.16
N LYS A 67 -2.61 -2.42 -7.90
CA LYS A 67 -2.57 -3.08 -9.20
C LYS A 67 -2.57 -4.60 -9.04
N HIS A 68 -2.24 -5.10 -7.85
CA HIS A 68 -2.28 -6.52 -7.55
C HIS A 68 -3.72 -6.96 -7.30
N GLY A 69 -4.61 -6.00 -7.00
CA GLY A 69 -6.02 -6.26 -6.79
C GLY A 69 -6.43 -6.08 -5.33
N VAL A 70 -5.47 -5.90 -4.42
CA VAL A 70 -5.76 -5.67 -3.02
C VAL A 70 -5.74 -4.17 -2.73
N THR A 71 -6.78 -3.66 -2.07
CA THR A 71 -6.93 -2.21 -1.88
C THR A 71 -7.42 -1.80 -0.50
N ASP A 72 -7.83 -2.76 0.34
CA ASP A 72 -8.23 -2.46 1.70
C ASP A 72 -7.09 -1.82 2.49
N PRO A 73 -7.31 -0.65 3.09
CA PRO A 73 -6.27 0.09 3.81
C PRO A 73 -5.59 -0.77 4.86
N ASP A 74 -6.33 -1.67 5.48
CA ASP A 74 -5.81 -2.52 6.54
C ASP A 74 -4.90 -3.62 5.99
N LYS A 75 -5.14 -4.07 4.76
CA LYS A 75 -4.29 -5.06 4.13
C LYS A 75 -3.01 -4.39 3.62
N ILE A 76 -3.15 -3.19 3.03
CA ILE A 76 -2.00 -2.45 2.54
C ILE A 76 -1.10 -2.09 3.70
N LEU A 77 -1.68 -1.56 4.78
CA LEU A 77 -0.96 -1.11 5.95
C LEU A 77 -0.19 -2.26 6.58
N GLU A 78 -0.81 -3.44 6.61
CA GLU A 78 -0.23 -4.61 7.25
C GLU A 78 1.00 -5.10 6.47
N LEU A 79 1.11 -4.70 5.20
CA LEU A 79 2.19 -5.17 4.34
C LEU A 79 3.30 -4.12 4.13
N LEU A 80 3.07 -2.88 4.59
CA LEU A 80 4.14 -1.88 4.54
C LEU A 80 5.20 -2.22 5.59
N PRO A 81 6.48 -1.95 5.30
CA PRO A 81 7.61 -2.34 6.13
C PRO A 81 7.67 -1.55 7.43
N ARG A 82 8.61 -1.93 8.29
CA ARG A 82 8.74 -1.37 9.65
C ARG A 82 9.22 0.08 9.60
N ASP A 83 10.05 0.43 8.62
CA ASP A 83 10.58 1.78 8.49
C ASP A 83 9.63 2.73 7.76
N SER A 84 8.41 2.29 7.49
CA SER A 84 7.44 3.08 6.74
C SER A 84 7.09 4.36 7.50
N LYS A 85 7.07 5.47 6.78
CA LYS A 85 6.68 6.76 7.34
C LYS A 85 5.18 6.74 7.63
N ALA A 86 4.45 5.84 6.96
CA ALA A 86 3.02 5.66 7.16
C ALA A 86 2.74 4.69 8.31
N LYS A 87 3.78 4.30 9.07
CA LYS A 87 3.62 3.38 10.20
C LYS A 87 4.44 3.83 11.41
N GLU A 88 5.54 4.56 11.20
CA GLU A 88 6.37 5.06 12.29
C GLU A 88 6.72 6.53 12.07
N ASN A 89 5.80 7.42 12.45
CA ASN A 89 5.98 8.86 12.30
C ASN A 89 5.05 9.60 13.27
N GLU A 90 5.10 9.21 14.56
CA GLU A 90 4.17 9.67 15.59
C GLU A 90 2.73 9.24 15.27
N LYS A 91 2.00 8.74 16.29
CA LYS A 91 0.72 8.10 16.06
C LYS A 91 -0.28 8.99 15.32
N TRP A 92 -0.34 10.27 15.66
CA TRP A 92 -1.35 11.16 15.09
C TRP A 92 -0.97 11.54 13.66
N ASN A 93 0.33 11.72 13.39
CA ASN A 93 0.80 12.08 12.06
C ASN A 93 0.92 10.86 11.17
N THR A 94 1.04 9.67 11.76
CA THR A 94 1.14 8.42 11.01
C THR A 94 -0.19 8.15 10.33
N GLN A 95 -1.29 8.33 11.05
CA GLN A 95 -2.62 8.09 10.50
C GLN A 95 -2.97 9.15 9.47
N LYS A 96 -2.56 10.40 9.71
CA LYS A 96 -2.86 11.48 8.80
C LYS A 96 -2.09 11.28 7.49
N TYR A 97 -0.78 11.07 7.56
CA TYR A 97 0.04 10.91 6.38
C TYR A 97 -0.29 9.64 5.60
N PHE A 98 -0.76 8.61 6.28
CA PHE A 98 -1.17 7.38 5.64
C PHE A 98 -2.31 7.57 4.66
N VAL A 99 -3.31 8.37 5.06
CA VAL A 99 -4.47 8.61 4.22
C VAL A 99 -4.11 9.56 3.08
N ILE A 100 -3.18 10.50 3.30
CA ILE A 100 -2.78 11.42 2.26
C ILE A 100 -2.07 10.64 1.14
N THR A 101 -1.22 9.69 1.51
CA THR A 101 -0.51 8.86 0.55
C THR A 101 -1.43 7.82 -0.09
N LEU A 102 -2.34 7.26 0.70
CA LEU A 102 -3.25 6.23 0.24
C LEU A 102 -4.28 6.80 -0.72
N SER A 103 -4.80 8.00 -0.42
CA SER A 103 -5.82 8.62 -1.24
C SER A 103 -5.25 9.01 -2.61
N LYS A 104 -4.04 9.57 -2.64
CA LYS A 104 -3.40 9.97 -3.88
C LYS A 104 -2.89 8.78 -4.65
N ALA A 105 -2.46 7.72 -3.95
CA ALA A 105 -1.99 6.52 -4.61
C ALA A 105 -3.14 5.84 -5.35
N TRP A 106 -4.31 5.75 -4.72
CA TRP A 106 -5.46 5.13 -5.33
C TRP A 106 -5.96 5.97 -6.50
N SER A 107 -5.77 7.29 -6.43
CA SER A 107 -6.17 8.19 -7.49
C SER A 107 -5.34 7.94 -8.75
N VAL A 108 -4.06 7.58 -8.58
CA VAL A 108 -3.16 7.41 -9.71
C VAL A 108 -3.40 6.06 -10.37
N VAL A 109 -3.63 5.01 -9.59
CA VAL A 109 -3.82 3.68 -10.16
C VAL A 109 -5.22 3.50 -10.74
N LYS A 110 -6.23 4.20 -10.20
CA LYS A 110 -7.59 4.04 -10.70
C LYS A 110 -7.75 4.76 -12.04
N LYS A 111 -7.05 5.88 -12.24
CA LYS A 111 -7.11 6.57 -13.52
C LYS A 111 -6.23 5.87 -14.54
N TYR A 112 -5.26 5.08 -14.07
CA TYR A 112 -4.39 4.29 -14.92
C TYR A 112 -4.97 2.94 -15.34
N LEU A 113 -5.72 2.30 -14.44
CA LEU A 113 -6.26 0.97 -14.66
C LEU A 113 -7.56 1.03 -15.48
N GLU A 114 -8.31 2.13 -15.35
CA GLU A 114 -9.56 2.30 -16.10
C GLU A 114 -9.29 2.88 -17.49
N ALA A 115 -8.02 3.10 -17.83
CA ALA A 115 -7.63 3.66 -19.13
C ALA A 115 -7.96 2.67 -20.25
N THR A 1 -15.04 17.92 2.26
CA THR A 1 -13.79 17.15 2.35
C THR A 1 -13.96 15.80 3.03
N VAL A 2 -14.57 15.79 4.23
CA VAL A 2 -14.76 14.56 5.00
C VAL A 2 -15.61 13.58 4.19
N VAL A 3 -16.64 14.08 3.51
CA VAL A 3 -17.53 13.22 2.72
C VAL A 3 -16.82 12.61 1.53
N GLU A 4 -15.72 13.22 1.07
CA GLU A 4 -14.95 12.69 -0.04
C GLU A 4 -14.08 11.53 0.43
N PHE A 5 -13.68 11.55 1.71
CA PHE A 5 -12.92 10.45 2.30
C PHE A 5 -13.78 9.21 2.57
N GLU A 6 -15.08 9.41 2.80
CA GLU A 6 -16.02 8.31 2.97
C GLU A 6 -16.33 7.69 1.60
N GLU A 7 -16.28 8.50 0.54
CA GLU A 7 -16.50 8.02 -0.81
C GLU A 7 -15.30 7.17 -1.26
N LEU A 8 -14.12 7.48 -0.71
CA LEU A 8 -12.91 6.72 -0.97
C LEU A 8 -12.96 5.40 -0.21
N ARG A 9 -13.41 5.45 1.04
CA ARG A 9 -13.42 4.27 1.89
C ARG A 9 -14.35 3.21 1.32
N LYS A 10 -15.50 3.61 0.77
CA LYS A 10 -16.44 2.64 0.20
C LYS A 10 -15.91 2.11 -1.13
N GLU A 11 -15.11 2.90 -1.84
CA GLU A 11 -14.56 2.47 -3.11
C GLU A 11 -13.49 1.41 -2.90
N LEU A 12 -12.65 1.58 -1.88
CA LEU A 12 -11.58 0.63 -1.62
C LEU A 12 -12.15 -0.74 -1.24
N VAL A 13 -13.10 -0.78 -0.30
CA VAL A 13 -13.66 -2.05 0.15
C VAL A 13 -14.42 -2.76 -0.96
N LYS A 14 -14.88 -2.00 -1.96
CA LYS A 14 -15.60 -2.55 -3.11
C LYS A 14 -14.63 -3.08 -4.17
N ARG A 15 -13.39 -2.60 -4.13
CA ARG A 15 -12.36 -2.98 -5.10
C ARG A 15 -11.34 -3.93 -4.50
N ASP A 16 -11.45 -4.22 -3.20
CA ASP A 16 -10.46 -5.03 -2.50
C ASP A 16 -10.52 -6.48 -2.96
N SER A 17 -9.43 -7.23 -2.74
CA SER A 17 -9.34 -8.64 -3.11
C SER A 17 -10.18 -9.50 -2.16
N GLY A 18 -10.38 -9.01 -0.93
CA GLY A 18 -11.20 -9.69 0.06
C GLY A 18 -10.46 -10.88 0.71
N LYS A 19 -9.31 -11.27 0.16
CA LYS A 19 -8.52 -12.36 0.71
C LYS A 19 -7.69 -11.84 1.88
N PRO A 20 -7.42 -12.68 2.90
CA PRO A 20 -6.66 -12.30 4.06
C PRO A 20 -5.20 -12.05 3.69
N VAL A 21 -4.54 -11.14 4.41
CA VAL A 21 -3.18 -10.74 4.11
C VAL A 21 -2.20 -11.92 4.10
N GLU A 22 -2.52 -13.01 4.80
CA GLU A 22 -1.65 -14.17 4.84
C GLU A 22 -1.63 -14.87 3.48
N LYS A 23 -2.68 -14.67 2.68
CA LYS A 23 -2.75 -15.23 1.33
C LYS A 23 -2.18 -14.26 0.32
N ILE A 24 -2.34 -12.95 0.57
CA ILE A 24 -1.89 -11.91 -0.35
C ILE A 24 -0.39 -12.00 -0.57
N LYS A 25 0.37 -12.20 0.50
CA LYS A 25 1.83 -12.18 0.41
C LYS A 25 2.36 -13.33 -0.44
N GLU A 26 1.59 -14.39 -0.60
CA GLU A 26 1.99 -15.50 -1.44
C GLU A 26 1.84 -15.10 -2.90
N GLU A 27 0.71 -14.44 -3.21
CA GLU A 27 0.45 -13.97 -4.56
C GLU A 27 1.41 -12.85 -4.93
N ILE A 28 1.88 -12.08 -3.94
CA ILE A 28 2.84 -11.01 -4.18
C ILE A 28 4.18 -11.60 -4.60
N CYS A 29 4.54 -12.77 -4.06
CA CYS A 29 5.79 -13.43 -4.39
C CYS A 29 5.74 -14.02 -5.80
N THR A 30 4.54 -14.25 -6.35
CA THR A 30 4.39 -14.85 -7.68
C THR A 30 3.73 -13.94 -8.72
N LYS A 31 3.65 -12.63 -8.43
CA LYS A 31 3.03 -11.67 -9.34
C LYS A 31 3.92 -10.43 -9.52
N SER A 32 5.22 -10.58 -9.32
CA SER A 32 6.16 -9.48 -9.49
C SER A 32 7.56 -10.02 -9.79
N PRO A 33 8.32 -9.32 -10.65
CA PRO A 33 9.72 -9.62 -10.92
C PRO A 33 10.56 -9.33 -9.67
N PRO A 34 11.86 -9.67 -9.71
CA PRO A 34 12.80 -9.47 -8.60
C PRO A 34 13.01 -8.00 -8.22
N LYS A 35 12.13 -7.10 -8.65
CA LYS A 35 12.21 -5.68 -8.34
C LYS A 35 12.07 -5.42 -6.84
N LEU A 36 12.38 -4.19 -6.43
CA LEU A 36 12.46 -3.81 -5.02
C LEU A 36 11.14 -4.05 -4.29
N ILE A 37 10.00 -3.91 -4.98
CA ILE A 37 8.70 -4.01 -4.31
C ILE A 37 8.50 -5.44 -3.80
N LYS A 38 8.91 -6.44 -4.60
CA LYS A 38 8.80 -7.82 -4.20
C LYS A 38 9.84 -8.14 -3.12
N GLU A 39 11.00 -7.48 -3.19
CA GLU A 39 12.08 -7.72 -2.26
C GLU A 39 11.70 -7.27 -0.85
N ILE A 40 10.74 -6.33 -0.73
CA ILE A 40 10.31 -5.84 0.58
C ILE A 40 9.25 -6.75 1.19
N ILE A 41 8.23 -7.12 0.41
CA ILE A 41 7.08 -7.85 0.95
C ILE A 41 7.31 -9.35 0.97
N CYS A 42 8.12 -9.88 0.06
CA CYS A 42 8.33 -11.32 -0.04
C CYS A 42 9.51 -11.75 0.84
N GLU A 43 10.17 -10.81 1.52
CA GLU A 43 11.31 -11.12 2.38
C GLU A 43 11.15 -10.50 3.77
N ASN A 44 10.05 -9.79 4.01
CA ASN A 44 9.72 -9.20 5.29
C ASN A 44 10.81 -8.24 5.80
N LYS A 45 11.70 -7.78 4.92
CA LYS A 45 12.77 -6.85 5.29
C LYS A 45 12.21 -5.42 5.39
N THR A 46 13.11 -4.43 5.47
CA THR A 46 12.73 -3.04 5.63
C THR A 46 13.46 -2.12 4.65
N TYR A 47 13.02 -0.86 4.56
CA TYR A 47 13.55 0.08 3.58
C TYR A 47 15.04 0.36 3.74
N ALA A 48 15.55 0.29 4.97
CA ALA A 48 16.95 0.55 5.24
C ALA A 48 17.84 -0.59 4.70
N ASP A 49 17.24 -1.75 4.42
CA ASP A 49 18.00 -2.87 3.89
C ASP A 49 18.22 -2.69 2.40
N VAL A 50 17.26 -2.01 1.73
CA VAL A 50 17.33 -1.74 0.30
C VAL A 50 17.75 -0.30 0.01
N ASN A 51 18.11 0.45 1.04
CA ASN A 51 18.63 1.80 0.92
C ASN A 51 17.70 2.72 0.14
N ILE A 52 16.41 2.73 0.49
CA ILE A 52 15.42 3.59 -0.16
C ILE A 52 14.78 4.53 0.86
N ASP A 53 14.30 5.69 0.40
CA ASP A 53 13.59 6.62 1.27
C ASP A 53 12.26 6.03 1.71
N ARG A 54 11.88 6.25 2.97
CA ARG A 54 10.70 5.64 3.55
C ARG A 54 9.41 6.18 2.92
N SER A 55 9.43 7.45 2.48
CA SER A 55 8.25 8.05 1.87
C SER A 55 8.15 7.67 0.39
N ARG A 56 9.30 7.51 -0.28
CA ARG A 56 9.34 7.13 -1.68
C ARG A 56 8.93 5.66 -1.82
N GLY A 57 9.38 4.83 -0.88
CA GLY A 57 9.02 3.42 -0.88
C GLY A 57 7.53 3.26 -0.63
N ASP A 58 6.98 4.01 0.33
CA ASP A 58 5.57 3.95 0.64
C ASP A 58 4.68 4.32 -0.54
N TRP A 59 5.18 5.14 -1.47
CA TRP A 59 4.41 5.47 -2.65
C TRP A 59 4.37 4.28 -3.60
N HIS A 60 5.53 3.78 -4.01
CA HIS A 60 5.60 2.71 -5.01
C HIS A 60 5.01 1.41 -4.48
N VAL A 61 5.09 1.19 -3.16
CA VAL A 61 4.59 -0.04 -2.56
C VAL A 61 3.06 0.00 -2.52
N ILE A 62 2.47 1.16 -2.20
CA ILE A 62 1.02 1.25 -2.09
C ILE A 62 0.36 1.18 -3.47
N LEU A 63 0.95 1.81 -4.48
CA LEU A 63 0.37 1.79 -5.82
C LEU A 63 0.43 0.39 -6.40
N TYR A 64 1.47 -0.38 -6.05
CA TYR A 64 1.60 -1.75 -6.56
C TYR A 64 0.56 -2.72 -6.02
N LEU A 65 0.22 -2.59 -4.73
CA LEU A 65 -0.76 -3.48 -4.12
C LEU A 65 -2.13 -3.25 -4.75
N MET A 66 -2.46 -2.00 -5.08
CA MET A 66 -3.72 -1.70 -5.73
C MET A 66 -3.80 -2.36 -7.10
N LYS A 67 -2.67 -2.42 -7.82
CA LYS A 67 -2.60 -3.10 -9.12
C LYS A 67 -2.57 -4.61 -8.94
N HIS A 68 -2.23 -5.10 -7.74
CA HIS A 68 -2.20 -6.52 -7.45
C HIS A 68 -3.63 -7.03 -7.23
N GLY A 69 -4.57 -6.11 -6.97
CA GLY A 69 -5.97 -6.44 -6.79
C GLY A 69 -6.42 -6.25 -5.35
N VAL A 70 -5.49 -5.95 -4.43
CA VAL A 70 -5.82 -5.71 -3.03
C VAL A 70 -5.80 -4.22 -2.75
N THR A 71 -6.85 -3.70 -2.08
CA THR A 71 -6.98 -2.26 -1.88
C THR A 71 -7.47 -1.83 -0.50
N ASP A 72 -7.85 -2.79 0.34
CA ASP A 72 -8.25 -2.49 1.71
C ASP A 72 -7.10 -1.82 2.48
N PRO A 73 -7.34 -0.65 3.09
CA PRO A 73 -6.31 0.11 3.77
C PRO A 73 -5.62 -0.69 4.88
N ASP A 74 -6.31 -1.69 5.45
CA ASP A 74 -5.72 -2.52 6.50
C ASP A 74 -4.76 -3.55 5.93
N LYS A 75 -5.02 -4.00 4.69
CA LYS A 75 -4.14 -4.94 4.02
C LYS A 75 -2.94 -4.20 3.43
N ILE A 76 -3.19 -3.02 2.86
CA ILE A 76 -2.13 -2.20 2.30
C ILE A 76 -1.15 -1.81 3.42
N LEU A 77 -1.69 -1.46 4.59
CA LEU A 77 -0.91 -1.02 5.73
C LEU A 77 -0.09 -2.18 6.30
N GLU A 78 -0.70 -3.37 6.39
CA GLU A 78 -0.08 -4.50 7.05
C GLU A 78 1.15 -4.99 6.29
N LEU A 79 1.24 -4.66 4.99
CA LEU A 79 2.34 -5.10 4.16
C LEU A 79 3.48 -4.08 4.10
N LEU A 80 3.31 -2.91 4.71
CA LEU A 80 4.37 -1.92 4.74
C LEU A 80 5.48 -2.37 5.70
N PRO A 81 6.75 -2.09 5.37
CA PRO A 81 7.90 -2.47 6.16
C PRO A 81 7.95 -1.68 7.47
N ARG A 82 8.88 -2.06 8.35
CA ARG A 82 8.98 -1.46 9.68
C ARG A 82 9.37 0.01 9.59
N ASP A 83 10.19 0.38 8.61
CA ASP A 83 10.68 1.74 8.49
C ASP A 83 9.71 2.69 7.79
N SER A 84 8.52 2.21 7.43
CA SER A 84 7.56 3.03 6.69
C SER A 84 7.06 4.18 7.55
N LYS A 85 6.71 5.30 6.90
CA LYS A 85 6.22 6.48 7.58
C LYS A 85 4.80 6.26 8.06
N ALA A 86 4.14 5.22 7.55
CA ALA A 86 2.79 4.87 7.93
C ALA A 86 2.76 3.88 9.11
N LYS A 87 3.92 3.61 9.72
CA LYS A 87 3.97 2.67 10.85
C LYS A 87 4.89 3.15 11.97
N GLU A 88 5.88 3.99 11.66
CA GLU A 88 6.79 4.51 12.68
C GLU A 88 6.84 6.04 12.66
N ASN A 89 5.81 6.67 13.23
CA ASN A 89 5.74 8.11 13.42
C ASN A 89 4.78 8.44 14.56
N GLU A 90 4.56 9.72 14.83
CA GLU A 90 3.61 10.16 15.86
C GLU A 90 2.22 9.67 15.50
N LYS A 91 1.39 9.39 16.50
CA LYS A 91 0.09 8.74 16.28
C LYS A 91 -0.76 9.51 15.27
N TRP A 92 -0.79 10.84 15.39
CA TRP A 92 -1.61 11.67 14.51
C TRP A 92 -0.99 11.81 13.13
N ASN A 93 0.35 11.89 13.07
CA ASN A 93 1.05 12.07 11.80
C ASN A 93 1.01 10.78 10.99
N THR A 94 0.98 9.63 11.67
CA THR A 94 0.93 8.34 11.00
C THR A 94 -0.41 8.11 10.31
N GLN A 95 -1.50 8.44 10.99
CA GLN A 95 -2.83 8.26 10.42
C GLN A 95 -3.11 9.31 9.35
N LYS A 96 -2.62 10.54 9.56
CA LYS A 96 -2.86 11.63 8.63
C LYS A 96 -2.11 11.36 7.32
N TYR A 97 -0.81 11.13 7.40
CA TYR A 97 0.00 10.94 6.20
C TYR A 97 -0.36 9.66 5.44
N PHE A 98 -0.82 8.64 6.16
CA PHE A 98 -1.25 7.41 5.53
C PHE A 98 -2.41 7.62 4.56
N VAL A 99 -3.39 8.42 4.97
CA VAL A 99 -4.57 8.68 4.15
C VAL A 99 -4.21 9.61 3.00
N ILE A 100 -3.28 10.54 3.21
CA ILE A 100 -2.87 11.44 2.14
C ILE A 100 -2.17 10.65 1.04
N THR A 101 -1.34 9.66 1.43
CA THR A 101 -0.67 8.81 0.48
C THR A 101 -1.62 7.81 -0.17
N LEU A 102 -2.53 7.26 0.64
CA LEU A 102 -3.48 6.26 0.19
C LEU A 102 -4.48 6.86 -0.80
N SER A 103 -4.96 8.07 -0.52
CA SER A 103 -5.97 8.71 -1.36
C SER A 103 -5.39 9.07 -2.73
N LYS A 104 -4.15 9.57 -2.74
CA LYS A 104 -3.51 9.97 -4.00
C LYS A 104 -2.99 8.76 -4.75
N ALA A 105 -2.58 7.71 -4.03
CA ALA A 105 -2.10 6.50 -4.68
C ALA A 105 -3.23 5.83 -5.43
N TRP A 106 -4.41 5.73 -4.80
CA TRP A 106 -5.55 5.10 -5.44
C TRP A 106 -6.03 5.93 -6.62
N SER A 107 -5.86 7.25 -6.53
CA SER A 107 -6.24 8.15 -7.62
C SER A 107 -5.38 7.91 -8.85
N VAL A 108 -4.11 7.55 -8.67
CA VAL A 108 -3.18 7.39 -9.78
C VAL A 108 -3.41 6.04 -10.45
N VAL A 109 -3.67 4.99 -9.66
CA VAL A 109 -3.85 3.67 -10.25
C VAL A 109 -5.24 3.50 -10.86
N LYS A 110 -6.26 4.15 -10.29
CA LYS A 110 -7.61 3.98 -10.81
C LYS A 110 -7.76 4.70 -12.15
N LYS A 111 -7.06 5.82 -12.35
CA LYS A 111 -7.10 6.51 -13.63
C LYS A 111 -6.19 5.81 -14.64
N TYR A 112 -5.21 5.06 -14.13
CA TYR A 112 -4.33 4.25 -14.98
C TYR A 112 -4.98 2.98 -15.49
N LEU A 113 -5.87 2.38 -14.69
CA LEU A 113 -6.61 1.18 -15.08
C LEU A 113 -7.84 1.56 -15.92
N GLU A 114 -8.25 2.83 -15.85
CA GLU A 114 -9.37 3.33 -16.63
C GLU A 114 -8.95 3.55 -18.10
N ALA A 115 -7.64 3.67 -18.34
CA ALA A 115 -7.11 3.89 -19.67
C ALA A 115 -7.34 2.68 -20.56
N THR A 1 -14.77 17.50 3.88
CA THR A 1 -13.77 16.55 4.40
C THR A 1 -14.32 15.15 4.62
N VAL A 2 -15.44 15.03 5.33
CA VAL A 2 -16.02 13.73 5.65
C VAL A 2 -16.69 13.09 4.44
N VAL A 3 -17.09 13.89 3.45
CA VAL A 3 -17.78 13.36 2.28
C VAL A 3 -16.77 12.74 1.31
N GLU A 4 -15.58 13.32 1.24
CA GLU A 4 -14.52 12.83 0.37
C GLU A 4 -13.90 11.58 0.96
N PHE A 5 -13.86 11.50 2.30
CA PHE A 5 -13.30 10.36 2.99
C PHE A 5 -14.16 9.10 2.97
N GLU A 6 -15.48 9.27 2.99
CA GLU A 6 -16.39 8.13 2.98
C GLU A 6 -16.57 7.61 1.55
N GLU A 7 -16.39 8.48 0.55
CA GLU A 7 -16.49 8.08 -0.85
C GLU A 7 -15.26 7.25 -1.24
N LEU A 8 -14.12 7.55 -0.62
CA LEU A 8 -12.91 6.77 -0.84
C LEU A 8 -13.02 5.44 -0.10
N ARG A 9 -13.60 5.46 1.11
CA ARG A 9 -13.70 4.27 1.94
C ARG A 9 -14.56 3.21 1.26
N LYS A 10 -15.66 3.62 0.63
CA LYS A 10 -16.56 2.68 -0.03
C LYS A 10 -15.96 2.19 -1.33
N GLU A 11 -15.10 2.99 -1.96
CA GLU A 11 -14.48 2.62 -3.22
C GLU A 11 -13.41 1.54 -2.99
N LEU A 12 -12.62 1.67 -1.93
CA LEU A 12 -11.56 0.70 -1.67
C LEU A 12 -12.16 -0.67 -1.35
N VAL A 13 -13.14 -0.72 -0.44
CA VAL A 13 -13.70 -2.01 -0.03
C VAL A 13 -14.46 -2.68 -1.17
N LYS A 14 -14.90 -1.90 -2.18
CA LYS A 14 -15.57 -2.45 -3.34
C LYS A 14 -14.54 -2.99 -4.34
N ARG A 15 -13.33 -2.46 -4.32
CA ARG A 15 -12.26 -2.82 -5.25
C ARG A 15 -11.31 -3.85 -4.65
N ASP A 16 -11.40 -4.09 -3.33
CA ASP A 16 -10.47 -4.96 -2.62
C ASP A 16 -10.63 -6.40 -3.08
N SER A 17 -9.56 -7.21 -2.93
CA SER A 17 -9.58 -8.61 -3.32
C SER A 17 -10.38 -9.44 -2.31
N GLY A 18 -10.50 -8.95 -1.07
CA GLY A 18 -11.27 -9.60 -0.02
C GLY A 18 -10.53 -10.80 0.58
N LYS A 19 -9.36 -11.16 0.04
CA LYS A 19 -8.58 -12.28 0.55
C LYS A 19 -7.74 -11.82 1.75
N PRO A 20 -7.50 -12.71 2.73
CA PRO A 20 -6.73 -12.39 3.91
C PRO A 20 -5.27 -12.14 3.54
N VAL A 21 -4.60 -11.28 4.30
CA VAL A 21 -3.23 -10.86 4.01
C VAL A 21 -2.27 -12.06 3.92
N GLU A 22 -2.58 -13.17 4.60
CA GLU A 22 -1.71 -14.33 4.58
C GLU A 22 -1.73 -14.99 3.21
N LYS A 23 -2.80 -14.76 2.44
CA LYS A 23 -2.93 -15.30 1.09
C LYS A 23 -2.37 -14.30 0.07
N ILE A 24 -2.47 -13.00 0.38
CA ILE A 24 -2.01 -11.96 -0.53
C ILE A 24 -0.53 -12.11 -0.81
N LYS A 25 0.27 -12.35 0.24
CA LYS A 25 1.72 -12.41 0.10
C LYS A 25 2.15 -13.56 -0.80
N GLU A 26 1.31 -14.60 -0.93
CA GLU A 26 1.66 -15.73 -1.78
C GLU A 26 1.47 -15.32 -3.24
N GLU A 27 0.37 -14.62 -3.53
CA GLU A 27 0.09 -14.16 -4.89
C GLU A 27 1.04 -13.05 -5.29
N ILE A 28 1.49 -12.24 -4.31
CA ILE A 28 2.42 -11.15 -4.59
C ILE A 28 3.78 -11.70 -5.02
N CYS A 29 4.20 -12.80 -4.41
CA CYS A 29 5.52 -13.36 -4.63
C CYS A 29 5.56 -14.29 -5.84
N THR A 30 4.38 -14.63 -6.40
CA THR A 30 4.30 -15.50 -7.57
C THR A 30 3.73 -14.82 -8.81
N LYS A 31 3.49 -13.50 -8.74
CA LYS A 31 2.94 -12.73 -9.84
C LYS A 31 3.87 -11.59 -10.24
N SER A 32 5.13 -11.65 -9.84
CA SER A 32 6.08 -10.59 -10.13
C SER A 32 7.51 -11.14 -10.25
N PRO A 33 8.31 -10.59 -11.18
CA PRO A 33 9.72 -10.92 -11.34
C PRO A 33 10.52 -10.35 -10.17
N PRO A 34 11.78 -10.76 -10.02
CA PRO A 34 12.66 -10.27 -8.98
C PRO A 34 12.87 -8.76 -9.13
N LYS A 35 12.29 -8.00 -8.20
CA LYS A 35 12.32 -6.53 -8.20
C LYS A 35 12.32 -6.03 -6.76
N LEU A 36 12.54 -4.72 -6.58
CA LEU A 36 12.61 -4.12 -5.26
C LEU A 36 11.31 -4.36 -4.48
N ILE A 37 10.16 -4.20 -5.13
CA ILE A 37 8.88 -4.30 -4.45
C ILE A 37 8.66 -5.73 -3.96
N LYS A 38 9.11 -6.72 -4.74
CA LYS A 38 8.98 -8.11 -4.37
C LYS A 38 9.96 -8.44 -3.24
N GLU A 39 11.12 -7.80 -3.24
CA GLU A 39 12.15 -8.06 -2.25
C GLU A 39 11.73 -7.55 -0.86
N ILE A 40 10.89 -6.51 -0.80
CA ILE A 40 10.45 -5.97 0.48
C ILE A 40 9.38 -6.85 1.11
N ILE A 41 8.38 -7.27 0.32
CA ILE A 41 7.22 -7.99 0.86
C ILE A 41 7.52 -9.47 1.02
N CYS A 42 8.36 -10.06 0.14
CA CYS A 42 8.60 -11.49 0.16
C CYS A 42 9.76 -11.85 1.10
N GLU A 43 10.33 -10.86 1.78
CA GLU A 43 11.41 -11.10 2.75
C GLU A 43 11.09 -10.40 4.08
N ASN A 44 9.97 -9.67 4.13
CA ASN A 44 9.52 -8.96 5.33
C ASN A 44 10.60 -8.03 5.88
N LYS A 45 11.54 -7.60 5.02
CA LYS A 45 12.60 -6.68 5.40
C LYS A 45 12.06 -5.26 5.46
N THR A 46 12.97 -4.27 5.57
CA THR A 46 12.58 -2.88 5.74
C THR A 46 13.36 -1.94 4.81
N TYR A 47 12.91 -0.68 4.70
CA TYR A 47 13.50 0.27 3.78
C TYR A 47 14.97 0.54 4.01
N ALA A 48 15.43 0.43 5.26
CA ALA A 48 16.81 0.66 5.61
C ALA A 48 17.71 -0.47 5.11
N ASP A 49 17.13 -1.63 4.79
CA ASP A 49 17.92 -2.75 4.30
C ASP A 49 18.23 -2.52 2.82
N VAL A 50 17.35 -1.79 2.13
CA VAL A 50 17.51 -1.47 0.72
C VAL A 50 17.93 -0.01 0.50
N ASN A 51 18.19 0.72 1.60
CA ASN A 51 18.69 2.08 1.56
C ASN A 51 17.81 3.01 0.71
N ILE A 52 16.49 2.91 0.85
CA ILE A 52 15.57 3.75 0.10
C ILE A 52 14.87 4.74 1.05
N ASP A 53 14.43 5.89 0.51
CA ASP A 53 13.71 6.86 1.29
C ASP A 53 12.34 6.32 1.73
N ARG A 54 11.94 6.60 2.96
CA ARG A 54 10.74 6.02 3.55
C ARG A 54 9.50 6.42 2.75
N SER A 55 9.40 7.69 2.36
CA SER A 55 8.22 8.21 1.68
C SER A 55 8.19 7.76 0.22
N ARG A 56 9.37 7.60 -0.39
CA ARG A 56 9.48 7.17 -1.78
C ARG A 56 9.09 5.70 -1.88
N GLY A 57 9.51 4.89 -0.91
CA GLY A 57 9.15 3.49 -0.88
C GLY A 57 7.65 3.34 -0.65
N ASP A 58 7.10 4.11 0.29
CA ASP A 58 5.67 4.06 0.57
C ASP A 58 4.81 4.38 -0.63
N TRP A 59 5.33 5.16 -1.57
CA TRP A 59 4.56 5.47 -2.77
C TRP A 59 4.51 4.26 -3.68
N HIS A 60 5.68 3.74 -4.08
CA HIS A 60 5.74 2.64 -5.04
C HIS A 60 5.15 1.36 -4.47
N VAL A 61 5.22 1.18 -3.15
CA VAL A 61 4.72 -0.03 -2.51
C VAL A 61 3.19 0.00 -2.47
N ILE A 62 2.59 1.16 -2.19
CA ILE A 62 1.14 1.24 -2.08
C ILE A 62 0.48 1.14 -3.46
N LEU A 63 1.07 1.77 -4.48
CA LEU A 63 0.49 1.74 -5.82
C LEU A 63 0.56 0.33 -6.40
N TYR A 64 1.59 -0.44 -6.05
CA TYR A 64 1.74 -1.79 -6.57
C TYR A 64 0.71 -2.78 -6.04
N LEU A 65 0.38 -2.66 -4.75
CA LEU A 65 -0.59 -3.55 -4.13
C LEU A 65 -1.97 -3.34 -4.75
N MET A 66 -2.30 -2.09 -5.08
CA MET A 66 -3.58 -1.78 -5.71
C MET A 66 -3.67 -2.44 -7.09
N LYS A 67 -2.54 -2.47 -7.82
CA LYS A 67 -2.50 -3.12 -9.13
C LYS A 67 -2.57 -4.63 -9.03
N HIS A 68 -2.26 -5.19 -7.84
CA HIS A 68 -2.36 -6.62 -7.60
C HIS A 68 -3.81 -7.03 -7.33
N GLY A 69 -4.67 -6.05 -7.01
CA GLY A 69 -6.10 -6.27 -6.79
C GLY A 69 -6.49 -6.08 -5.33
N VAL A 70 -5.51 -5.89 -4.44
CA VAL A 70 -5.79 -5.66 -3.03
C VAL A 70 -5.74 -4.15 -2.75
N THR A 71 -6.76 -3.62 -2.06
CA THR A 71 -6.88 -2.18 -1.85
C THR A 71 -7.33 -1.77 -0.45
N ASP A 72 -7.73 -2.75 0.37
CA ASP A 72 -8.11 -2.47 1.75
C ASP A 72 -6.94 -1.87 2.54
N PRO A 73 -7.12 -0.71 3.17
CA PRO A 73 -6.06 -0.01 3.87
C PRO A 73 -5.42 -0.86 4.96
N ASP A 74 -6.15 -1.84 5.51
CA ASP A 74 -5.60 -2.71 6.54
C ASP A 74 -4.69 -3.79 5.97
N LYS A 75 -4.96 -4.20 4.71
CA LYS A 75 -4.11 -5.18 4.04
C LYS A 75 -2.86 -4.49 3.50
N ILE A 76 -3.03 -3.28 2.96
CA ILE A 76 -1.90 -2.51 2.45
C ILE A 76 -0.96 -2.17 3.61
N LEU A 77 -1.53 -1.70 4.73
CA LEU A 77 -0.77 -1.28 5.89
C LEU A 77 0.02 -2.46 6.46
N GLU A 78 -0.57 -3.65 6.41
CA GLU A 78 0.04 -4.84 6.99
C GLU A 78 1.24 -5.29 6.16
N LEU A 79 1.33 -4.83 4.90
CA LEU A 79 2.41 -5.23 4.00
C LEU A 79 3.48 -4.14 3.87
N LEU A 80 3.22 -2.94 4.40
CA LEU A 80 4.25 -1.90 4.42
C LEU A 80 5.29 -2.24 5.48
N PRO A 81 6.57 -1.95 5.21
CA PRO A 81 7.70 -2.33 6.04
C PRO A 81 7.72 -1.57 7.36
N ARG A 82 8.61 -1.97 8.27
CA ARG A 82 8.70 -1.43 9.62
C ARG A 82 9.07 0.06 9.60
N ASP A 83 10.02 0.43 8.75
CA ASP A 83 10.54 1.80 8.71
C ASP A 83 9.65 2.75 7.90
N SER A 84 8.44 2.30 7.55
CA SER A 84 7.52 3.09 6.74
C SER A 84 7.14 4.38 7.47
N LYS A 85 7.15 5.50 6.73
CA LYS A 85 6.78 6.79 7.28
C LYS A 85 5.28 6.82 7.54
N ALA A 86 4.55 5.90 6.92
CA ALA A 86 3.12 5.76 7.11
C ALA A 86 2.81 4.78 8.25
N LYS A 87 3.84 4.30 8.95
CA LYS A 87 3.66 3.38 10.08
C LYS A 87 4.45 3.84 11.30
N GLU A 88 5.49 4.65 11.10
CA GLU A 88 6.22 5.29 12.18
C GLU A 88 6.29 6.79 11.94
N ASN A 89 5.66 7.57 12.83
CA ASN A 89 5.59 9.02 12.72
C ASN A 89 5.14 9.56 14.08
N GLU A 90 4.70 10.83 14.12
CA GLU A 90 4.23 11.48 15.33
C GLU A 90 2.86 10.96 15.78
N LYS A 91 2.60 9.65 15.58
CA LYS A 91 1.37 8.97 15.94
C LYS A 91 0.16 9.53 15.21
N TRP A 92 -0.29 10.73 15.59
CA TRP A 92 -1.43 11.35 14.95
C TRP A 92 -1.10 11.72 13.51
N ASN A 93 0.19 12.01 13.25
CA ASN A 93 0.65 12.31 11.91
C ASN A 93 0.78 11.01 11.10
N THR A 94 0.89 9.87 11.79
CA THR A 94 0.96 8.57 11.12
C THR A 94 -0.33 8.23 10.39
N GLN A 95 -1.46 8.43 11.06
CA GLN A 95 -2.77 8.13 10.47
C GLN A 95 -3.09 9.16 9.40
N LYS A 96 -2.69 10.42 9.61
CA LYS A 96 -2.95 11.49 8.66
C LYS A 96 -2.16 11.26 7.38
N TYR A 97 -0.83 11.12 7.50
CA TYR A 97 0.02 10.95 6.34
C TYR A 97 -0.25 9.67 5.58
N PHE A 98 -0.70 8.62 6.28
CA PHE A 98 -1.08 7.38 5.64
C PHE A 98 -2.22 7.54 4.64
N VAL A 99 -3.24 8.32 5.02
CA VAL A 99 -4.40 8.54 4.16
C VAL A 99 -4.04 9.49 3.03
N ILE A 100 -3.14 10.45 3.26
CA ILE A 100 -2.74 11.37 2.22
C ILE A 100 -2.01 10.62 1.11
N THR A 101 -1.16 9.66 1.49
CA THR A 101 -0.45 8.83 0.52
C THR A 101 -1.35 7.79 -0.11
N LEU A 102 -2.26 7.22 0.67
CA LEU A 102 -3.16 6.19 0.21
C LEU A 102 -4.19 6.75 -0.77
N SER A 103 -4.71 7.95 -0.48
CA SER A 103 -5.73 8.56 -1.31
C SER A 103 -5.16 8.97 -2.67
N LYS A 104 -3.95 9.53 -2.67
CA LYS A 104 -3.32 9.94 -3.91
C LYS A 104 -2.79 8.74 -4.69
N ALA A 105 -2.36 7.70 -3.99
CA ALA A 105 -1.89 6.49 -4.64
C ALA A 105 -3.04 5.82 -5.37
N TRP A 106 -4.21 5.73 -4.72
CA TRP A 106 -5.36 5.11 -5.33
C TRP A 106 -5.87 5.95 -6.50
N SER A 107 -5.69 7.26 -6.43
CA SER A 107 -6.11 8.16 -7.49
C SER A 107 -5.31 7.89 -8.76
N VAL A 108 -4.02 7.54 -8.62
CA VAL A 108 -3.15 7.34 -9.77
C VAL A 108 -3.42 5.98 -10.41
N VAL A 109 -3.64 4.95 -9.60
CA VAL A 109 -3.87 3.61 -10.15
C VAL A 109 -5.28 3.45 -10.67
N LYS A 110 -6.27 4.14 -10.08
CA LYS A 110 -7.65 3.97 -10.50
C LYS A 110 -7.87 4.64 -11.85
N LYS A 111 -7.16 5.75 -12.13
CA LYS A 111 -7.27 6.40 -13.43
C LYS A 111 -6.46 5.64 -14.47
N TYR A 112 -5.48 4.84 -14.02
CA TYR A 112 -4.66 4.02 -14.89
C TYR A 112 -5.30 2.67 -15.26
N LEU A 113 -6.08 2.08 -14.34
CA LEU A 113 -6.78 0.83 -14.60
C LEU A 113 -8.05 1.08 -15.41
N GLU A 114 -8.63 2.27 -15.29
CA GLU A 114 -9.85 2.62 -16.02
C GLU A 114 -9.51 3.30 -17.35
N ALA A 115 -8.22 3.35 -17.71
CA ALA A 115 -7.77 3.97 -18.95
C ALA A 115 -8.26 3.17 -20.16
N THR A 1 -14.44 18.09 1.76
CA THR A 1 -13.36 17.24 2.32
C THR A 1 -13.87 15.91 2.86
N VAL A 2 -14.90 15.94 3.71
CA VAL A 2 -15.43 14.73 4.33
C VAL A 2 -16.22 13.88 3.34
N VAL A 3 -16.76 14.50 2.28
CA VAL A 3 -17.58 13.80 1.31
C VAL A 3 -16.69 12.99 0.35
N GLU A 4 -15.48 13.48 0.10
CA GLU A 4 -14.53 12.80 -0.77
C GLU A 4 -13.82 11.69 0.01
N PHE A 5 -13.70 11.87 1.32
CA PHE A 5 -13.05 10.88 2.18
C PHE A 5 -13.93 9.66 2.49
N GLU A 6 -15.25 9.85 2.59
CA GLU A 6 -16.17 8.75 2.83
C GLU A 6 -16.47 8.03 1.52
N GLU A 7 -16.36 8.73 0.38
CA GLU A 7 -16.51 8.11 -0.93
C GLU A 7 -15.31 7.23 -1.23
N LEU A 8 -14.14 7.58 -0.69
CA LEU A 8 -12.93 6.79 -0.86
C LEU A 8 -13.02 5.51 -0.03
N ARG A 9 -13.58 5.62 1.17
CA ARG A 9 -13.67 4.50 2.08
C ARG A 9 -14.52 3.38 1.47
N LYS A 10 -15.65 3.74 0.85
CA LYS A 10 -16.54 2.74 0.26
C LYS A 10 -15.98 2.22 -1.06
N GLU A 11 -15.12 3.00 -1.72
CA GLU A 11 -14.53 2.58 -2.98
C GLU A 11 -13.46 1.52 -2.74
N LEU A 12 -12.65 1.67 -1.68
CA LEU A 12 -11.59 0.72 -1.42
C LEU A 12 -12.16 -0.63 -1.00
N VAL A 13 -13.16 -0.65 -0.12
CA VAL A 13 -13.73 -1.91 0.36
C VAL A 13 -14.50 -2.63 -0.75
N LYS A 14 -14.95 -1.88 -1.77
CA LYS A 14 -15.65 -2.47 -2.91
C LYS A 14 -14.65 -3.03 -3.93
N ARG A 15 -13.44 -2.45 -3.98
CA ARG A 15 -12.42 -2.82 -4.94
C ARG A 15 -11.41 -3.80 -4.35
N ASP A 16 -11.51 -4.09 -3.05
CA ASP A 16 -10.55 -4.95 -2.37
C ASP A 16 -10.66 -6.38 -2.90
N SER A 17 -9.60 -7.16 -2.74
CA SER A 17 -9.56 -8.54 -3.20
C SER A 17 -10.41 -9.43 -2.28
N GLY A 18 -10.60 -9.01 -1.03
CA GLY A 18 -11.39 -9.74 -0.05
C GLY A 18 -10.62 -10.92 0.56
N LYS A 19 -9.45 -11.25 0.01
CA LYS A 19 -8.63 -12.33 0.54
C LYS A 19 -7.76 -11.82 1.70
N PRO A 20 -7.46 -12.68 2.68
CA PRO A 20 -6.68 -12.33 3.84
C PRO A 20 -5.23 -12.06 3.46
N VAL A 21 -4.55 -11.21 4.22
CA VAL A 21 -3.17 -10.81 3.93
C VAL A 21 -2.22 -11.99 3.87
N GLU A 22 -2.54 -13.09 4.55
CA GLU A 22 -1.67 -14.26 4.56
C GLU A 22 -1.64 -14.92 3.18
N LYS A 23 -2.67 -14.67 2.36
CA LYS A 23 -2.74 -15.21 1.01
C LYS A 23 -2.12 -14.22 0.02
N ILE A 24 -2.24 -12.92 0.31
CA ILE A 24 -1.76 -11.89 -0.59
C ILE A 24 -0.26 -12.03 -0.80
N LYS A 25 0.49 -12.26 0.28
CA LYS A 25 1.94 -12.31 0.21
C LYS A 25 2.42 -13.48 -0.65
N GLU A 26 1.59 -14.51 -0.82
CA GLU A 26 1.94 -15.64 -1.65
C GLU A 26 1.91 -15.21 -3.11
N GLU A 27 0.85 -14.51 -3.50
CA GLU A 27 0.74 -14.03 -4.87
C GLU A 27 1.77 -12.95 -5.16
N ILE A 28 2.20 -12.20 -4.15
CA ILE A 28 3.22 -11.16 -4.34
C ILE A 28 4.57 -11.83 -4.68
N CYS A 29 4.82 -13.01 -4.12
CA CYS A 29 6.07 -13.72 -4.34
C CYS A 29 6.11 -14.42 -5.70
N THR A 30 4.95 -14.72 -6.29
CA THR A 30 4.89 -15.48 -7.55
C THR A 30 4.37 -14.68 -8.73
N LYS A 31 4.05 -13.39 -8.53
CA LYS A 31 3.61 -12.53 -9.63
C LYS A 31 4.80 -11.87 -10.33
N SER A 32 6.03 -12.18 -9.89
CA SER A 32 7.25 -11.67 -10.46
C SER A 32 7.23 -10.14 -10.64
N PRO A 33 6.83 -9.37 -9.61
CA PRO A 33 6.87 -7.92 -9.66
C PRO A 33 8.32 -7.43 -9.68
N PRO A 34 8.53 -6.13 -9.87
CA PRO A 34 9.86 -5.52 -9.92
C PRO A 34 10.73 -5.95 -8.74
N LYS A 35 12.04 -5.94 -8.95
CA LYS A 35 13.01 -6.51 -8.02
C LYS A 35 12.91 -5.90 -6.62
N LEU A 36 12.68 -4.59 -6.53
CA LEU A 36 12.69 -3.91 -5.24
C LEU A 36 11.42 -4.23 -4.44
N ILE A 37 10.24 -4.10 -5.06
CA ILE A 37 8.98 -4.30 -4.37
C ILE A 37 8.79 -5.78 -4.01
N LYS A 38 9.30 -6.68 -4.86
CA LYS A 38 9.21 -8.10 -4.62
C LYS A 38 10.03 -8.49 -3.40
N GLU A 39 11.19 -7.84 -3.25
CA GLU A 39 12.14 -8.20 -2.19
C GLU A 39 11.70 -7.63 -0.84
N ILE A 40 10.88 -6.57 -0.82
CA ILE A 40 10.43 -5.99 0.44
C ILE A 40 9.34 -6.82 1.08
N ILE A 41 8.32 -7.21 0.30
CA ILE A 41 7.15 -7.89 0.85
C ILE A 41 7.36 -9.41 0.92
N CYS A 42 8.19 -9.98 0.05
CA CYS A 42 8.39 -11.42 0.03
C CYS A 42 9.50 -11.85 1.00
N GLU A 43 10.20 -10.89 1.62
CA GLU A 43 11.28 -11.20 2.55
C GLU A 43 11.06 -10.53 3.91
N ASN A 44 9.96 -9.79 4.07
CA ASN A 44 9.58 -9.16 5.33
C ASN A 44 10.64 -8.19 5.85
N LYS A 45 11.57 -7.76 4.99
CA LYS A 45 12.62 -6.82 5.38
C LYS A 45 12.07 -5.39 5.40
N THR A 46 12.97 -4.40 5.46
CA THR A 46 12.59 -3.00 5.60
C THR A 46 13.35 -2.09 4.63
N TYR A 47 12.94 -0.83 4.52
CA TYR A 47 13.52 0.10 3.57
C TYR A 47 15.00 0.36 3.81
N ALA A 48 15.44 0.27 5.06
CA ALA A 48 16.83 0.52 5.41
C ALA A 48 17.73 -0.61 4.90
N ASP A 49 17.15 -1.77 4.55
CA ASP A 49 17.94 -2.89 4.08
C ASP A 49 18.23 -2.70 2.59
N VAL A 50 17.32 -2.02 1.88
CA VAL A 50 17.49 -1.72 0.46
C VAL A 50 17.93 -0.28 0.25
N ASN A 51 18.18 0.45 1.34
CA ASN A 51 18.71 1.81 1.32
C ASN A 51 17.85 2.73 0.43
N ILE A 52 16.54 2.78 0.71
CA ILE A 52 15.62 3.66 -0.02
C ILE A 52 14.90 4.60 0.93
N ASP A 53 14.47 5.76 0.43
CA ASP A 53 13.66 6.69 1.20
C ASP A 53 12.32 6.06 1.57
N ARG A 54 11.96 6.09 2.86
CA ARG A 54 10.75 5.44 3.34
C ARG A 54 9.49 6.09 2.77
N SER A 55 9.57 7.37 2.41
CA SER A 55 8.43 8.07 1.83
C SER A 55 8.26 7.70 0.36
N ARG A 56 9.39 7.55 -0.35
CA ARG A 56 9.38 7.15 -1.74
C ARG A 56 8.97 5.68 -1.85
N GLY A 57 9.39 4.87 -0.89
CA GLY A 57 9.04 3.46 -0.88
C GLY A 57 7.55 3.30 -0.62
N ASP A 58 7.02 4.05 0.34
CA ASP A 58 5.60 3.99 0.65
C ASP A 58 4.72 4.33 -0.54
N TRP A 59 5.24 5.14 -1.48
CA TRP A 59 4.47 5.45 -2.67
C TRP A 59 4.41 4.23 -3.59
N HIS A 60 5.58 3.69 -3.97
CA HIS A 60 5.63 2.60 -4.94
C HIS A 60 5.04 1.31 -4.37
N VAL A 61 5.12 1.13 -3.06
CA VAL A 61 4.61 -0.09 -2.43
C VAL A 61 3.09 -0.05 -2.42
N ILE A 62 2.48 1.11 -2.14
CA ILE A 62 1.04 1.22 -2.07
C ILE A 62 0.40 1.11 -3.45
N LEU A 63 1.01 1.75 -4.46
CA LEU A 63 0.44 1.74 -5.80
C LEU A 63 0.49 0.33 -6.40
N TYR A 64 1.50 -0.47 -6.06
CA TYR A 64 1.60 -1.81 -6.60
C TYR A 64 0.55 -2.78 -6.05
N LEU A 65 0.28 -2.71 -4.74
CA LEU A 65 -0.71 -3.59 -4.13
C LEU A 65 -2.09 -3.31 -4.72
N MET A 66 -2.37 -2.06 -5.09
CA MET A 66 -3.65 -1.73 -5.71
C MET A 66 -3.76 -2.41 -7.07
N LYS A 67 -2.65 -2.47 -7.82
CA LYS A 67 -2.61 -3.16 -9.10
C LYS A 67 -2.60 -4.68 -8.92
N HIS A 68 -2.27 -5.14 -7.71
CA HIS A 68 -2.28 -6.57 -7.39
C HIS A 68 -3.71 -7.03 -7.15
N GLY A 69 -4.63 -6.09 -6.88
CA GLY A 69 -6.04 -6.37 -6.70
C GLY A 69 -6.48 -6.16 -5.25
N VAL A 70 -5.52 -5.91 -4.34
CA VAL A 70 -5.84 -5.67 -2.93
C VAL A 70 -5.83 -4.17 -2.67
N THR A 71 -6.87 -3.66 -2.01
CA THR A 71 -7.02 -2.22 -1.83
C THR A 71 -7.51 -1.80 -0.44
N ASP A 72 -7.84 -2.77 0.42
CA ASP A 72 -8.22 -2.48 1.80
C ASP A 72 -7.04 -1.85 2.56
N PRO A 73 -7.25 -0.67 3.18
CA PRO A 73 -6.19 0.05 3.86
C PRO A 73 -5.52 -0.78 4.96
N ASP A 74 -6.23 -1.76 5.53
CA ASP A 74 -5.67 -2.59 6.59
C ASP A 74 -4.77 -3.69 6.03
N LYS A 75 -5.04 -4.13 4.80
CA LYS A 75 -4.19 -5.12 4.15
C LYS A 75 -2.94 -4.45 3.60
N ILE A 76 -3.09 -3.26 3.03
CA ILE A 76 -1.96 -2.51 2.50
C ILE A 76 -1.02 -2.14 3.65
N LEU A 77 -1.59 -1.63 4.74
CA LEU A 77 -0.83 -1.17 5.90
C LEU A 77 -0.05 -2.34 6.51
N GLU A 78 -0.66 -3.52 6.55
CA GLU A 78 -0.06 -4.68 7.17
C GLU A 78 1.13 -5.18 6.34
N LEU A 79 1.20 -4.78 5.07
CA LEU A 79 2.26 -5.23 4.17
C LEU A 79 3.34 -4.17 3.96
N LEU A 80 3.14 -2.95 4.46
CA LEU A 80 4.19 -1.94 4.43
C LEU A 80 5.27 -2.33 5.46
N PRO A 81 6.54 -2.07 5.14
CA PRO A 81 7.68 -2.47 5.96
C PRO A 81 7.72 -1.68 7.27
N ARG A 82 8.62 -2.09 8.17
CA ARG A 82 8.71 -1.53 9.51
C ARG A 82 9.05 -0.04 9.49
N ASP A 83 10.00 0.35 8.63
CA ASP A 83 10.52 1.71 8.62
C ASP A 83 9.64 2.69 7.84
N SER A 84 8.41 2.29 7.53
CA SER A 84 7.49 3.11 6.76
C SER A 84 7.17 4.41 7.49
N LYS A 85 7.03 5.50 6.73
CA LYS A 85 6.67 6.80 7.28
C LYS A 85 5.20 6.80 7.69
N ALA A 86 4.42 5.90 7.08
CA ALA A 86 3.01 5.73 7.40
C ALA A 86 2.82 4.74 8.55
N LYS A 87 3.91 4.33 9.21
CA LYS A 87 3.83 3.37 10.32
C LYS A 87 4.74 3.79 11.48
N GLU A 88 5.76 4.60 11.21
CA GLU A 88 6.66 5.12 12.25
C GLU A 88 6.66 6.64 12.24
N ASN A 89 5.72 7.24 12.98
CA ASN A 89 5.59 8.68 13.13
C ASN A 89 4.72 8.96 14.36
N GLU A 90 4.43 10.22 14.64
CA GLU A 90 3.51 10.58 15.72
C GLU A 90 2.13 10.00 15.40
N LYS A 91 1.39 9.56 16.42
CA LYS A 91 0.15 8.81 16.21
C LYS A 91 -0.83 9.57 15.32
N TRP A 92 -0.98 10.87 15.54
CA TRP A 92 -1.90 11.69 14.76
C TRP A 92 -1.36 11.97 13.36
N ASN A 93 -0.03 12.03 13.22
CA ASN A 93 0.59 12.31 11.94
C ASN A 93 0.64 11.02 11.09
N THR A 94 0.65 9.86 11.76
CA THR A 94 0.68 8.58 11.07
C THR A 94 -0.63 8.31 10.33
N GLN A 95 -1.76 8.55 11.01
CA GLN A 95 -3.06 8.33 10.40
C GLN A 95 -3.33 9.38 9.32
N LYS A 96 -2.86 10.61 9.54
CA LYS A 96 -3.05 11.68 8.58
C LYS A 96 -2.30 11.40 7.30
N TYR A 97 -0.97 11.21 7.41
CA TYR A 97 -0.13 11.01 6.24
C TYR A 97 -0.44 9.71 5.49
N PHE A 98 -0.90 8.69 6.21
CA PHE A 98 -1.29 7.45 5.58
C PHE A 98 -2.43 7.61 4.59
N VAL A 99 -3.44 8.40 4.95
CA VAL A 99 -4.60 8.61 4.09
C VAL A 99 -4.24 9.55 2.95
N ILE A 100 -3.32 10.49 3.18
CA ILE A 100 -2.90 11.40 2.12
C ILE A 100 -2.16 10.63 1.03
N THR A 101 -1.32 9.67 1.44
CA THR A 101 -0.60 8.82 0.50
C THR A 101 -1.50 7.79 -0.13
N LEU A 102 -2.41 7.21 0.65
CA LEU A 102 -3.31 6.18 0.20
C LEU A 102 -4.34 6.74 -0.79
N SER A 103 -4.86 7.95 -0.52
CA SER A 103 -5.86 8.55 -1.36
C SER A 103 -5.28 8.93 -2.71
N LYS A 104 -4.07 9.50 -2.72
CA LYS A 104 -3.43 9.91 -3.96
C LYS A 104 -2.90 8.71 -4.73
N ALA A 105 -2.47 7.66 -4.01
CA ALA A 105 -2.00 6.45 -4.65
C ALA A 105 -3.14 5.78 -5.40
N TRP A 106 -4.31 5.69 -4.75
CA TRP A 106 -5.46 5.07 -5.37
C TRP A 106 -5.98 5.90 -6.53
N SER A 107 -5.79 7.23 -6.46
CA SER A 107 -6.19 8.12 -7.53
C SER A 107 -5.35 7.89 -8.78
N VAL A 108 -4.07 7.52 -8.62
CA VAL A 108 -3.18 7.37 -9.75
C VAL A 108 -3.43 6.01 -10.42
N VAL A 109 -3.65 4.96 -9.63
CA VAL A 109 -3.85 3.64 -10.22
C VAL A 109 -5.25 3.47 -10.80
N LYS A 110 -6.26 4.14 -10.22
CA LYS A 110 -7.63 3.98 -10.72
C LYS A 110 -7.78 4.70 -12.06
N LYS A 111 -7.09 5.83 -12.26
CA LYS A 111 -7.15 6.53 -13.54
C LYS A 111 -6.29 5.80 -14.56
N TYR A 112 -5.31 5.01 -14.10
CA TYR A 112 -4.46 4.22 -14.96
C TYR A 112 -5.12 2.93 -15.45
N LEU A 113 -6.02 2.36 -14.64
CA LEU A 113 -6.81 1.20 -15.05
C LEU A 113 -8.03 1.64 -15.86
N GLU A 114 -8.41 2.92 -15.77
CA GLU A 114 -9.53 3.45 -16.53
C GLU A 114 -9.12 3.68 -17.99
N ALA A 115 -7.82 3.73 -18.27
CA ALA A 115 -7.30 3.93 -19.61
C ALA A 115 -7.58 2.72 -20.49
N THR A 1 -15.05 17.94 2.74
CA THR A 1 -13.98 17.12 3.35
C THR A 1 -14.47 15.74 3.78
N VAL A 2 -15.58 15.68 4.53
CA VAL A 2 -16.09 14.42 5.04
C VAL A 2 -16.74 13.58 3.96
N VAL A 3 -17.23 14.20 2.88
CA VAL A 3 -17.91 13.47 1.82
C VAL A 3 -16.90 12.76 0.94
N GLU A 4 -15.71 13.36 0.78
CA GLU A 4 -14.66 12.79 -0.05
C GLU A 4 -13.96 11.65 0.68
N PHE A 5 -13.91 11.73 2.02
CA PHE A 5 -13.32 10.68 2.83
C PHE A 5 -14.16 9.41 2.92
N GLU A 6 -15.49 9.55 2.91
CA GLU A 6 -16.38 8.40 2.92
C GLU A 6 -16.41 7.72 1.56
N GLU A 7 -16.28 8.52 0.49
CA GLU A 7 -16.29 7.98 -0.85
C GLU A 7 -15.06 7.13 -1.11
N LEU A 8 -13.93 7.49 -0.49
CA LEU A 8 -12.70 6.73 -0.63
C LEU A 8 -12.82 5.41 0.11
N ARG A 9 -13.43 5.43 1.30
CA ARG A 9 -13.55 4.23 2.12
C ARG A 9 -14.41 3.17 1.44
N LYS A 10 -15.54 3.57 0.85
CA LYS A 10 -16.44 2.61 0.23
C LYS A 10 -15.93 2.18 -1.15
N GLU A 11 -15.09 2.99 -1.78
CA GLU A 11 -14.53 2.67 -3.08
C GLU A 11 -13.47 1.58 -2.95
N LEU A 12 -12.63 1.65 -1.91
CA LEU A 12 -11.57 0.67 -1.70
C LEU A 12 -12.16 -0.68 -1.36
N VAL A 13 -13.09 -0.75 -0.40
CA VAL A 13 -13.65 -2.04 0.01
C VAL A 13 -14.45 -2.69 -1.12
N LYS A 14 -14.91 -1.88 -2.09
CA LYS A 14 -15.62 -2.41 -3.26
C LYS A 14 -14.64 -2.96 -4.28
N ARG A 15 -13.39 -2.47 -4.26
CA ARG A 15 -12.37 -2.87 -5.22
C ARG A 15 -11.33 -3.81 -4.60
N ASP A 16 -11.46 -4.10 -3.30
CA ASP A 16 -10.48 -4.91 -2.59
C ASP A 16 -10.53 -6.37 -3.04
N SER A 17 -9.45 -7.11 -2.80
CA SER A 17 -9.37 -8.53 -3.15
C SER A 17 -10.21 -9.36 -2.20
N GLY A 18 -10.40 -8.88 -0.96
CA GLY A 18 -11.20 -9.55 0.05
C GLY A 18 -10.45 -10.73 0.69
N LYS A 19 -9.29 -11.10 0.14
CA LYS A 19 -8.48 -12.19 0.69
C LYS A 19 -7.61 -11.67 1.82
N PRO A 20 -7.32 -12.50 2.83
CA PRO A 20 -6.52 -12.12 3.98
C PRO A 20 -5.07 -11.89 3.56
N VAL A 21 -4.37 -11.02 4.29
CA VAL A 21 -2.99 -10.63 3.96
C VAL A 21 -2.04 -11.82 3.94
N GLU A 22 -2.39 -12.92 4.62
CA GLU A 22 -1.53 -14.10 4.65
C GLU A 22 -1.58 -14.81 3.30
N LYS A 23 -2.63 -14.58 2.52
CA LYS A 23 -2.77 -15.15 1.19
C LYS A 23 -2.17 -14.19 0.14
N ILE A 24 -2.22 -12.88 0.44
CA ILE A 24 -1.68 -11.87 -0.48
C ILE A 24 -0.19 -12.10 -0.68
N LYS A 25 0.53 -12.45 0.40
CA LYS A 25 1.97 -12.72 0.32
C LYS A 25 2.28 -13.80 -0.70
N GLU A 26 1.37 -14.76 -0.89
CA GLU A 26 1.59 -15.84 -1.82
C GLU A 26 1.50 -15.33 -3.25
N GLU A 27 0.45 -14.56 -3.55
CA GLU A 27 0.24 -14.06 -4.91
C GLU A 27 1.30 -13.01 -5.27
N ILE A 28 1.75 -12.23 -4.29
CA ILE A 28 2.74 -11.19 -4.55
C ILE A 28 4.07 -11.81 -4.95
N CYS A 29 4.40 -12.95 -4.34
CA CYS A 29 5.72 -13.55 -4.50
C CYS A 29 5.75 -14.64 -5.58
N THR A 30 4.58 -14.93 -6.18
CA THR A 30 4.49 -15.83 -7.34
C THR A 30 4.00 -15.12 -8.60
N LYS A 31 3.73 -13.82 -8.51
CA LYS A 31 3.44 -12.98 -9.67
C LYS A 31 4.74 -12.30 -10.11
N SER A 32 4.64 -11.19 -10.82
CA SER A 32 5.82 -10.47 -11.30
C SER A 32 5.87 -9.06 -10.71
N PRO A 33 6.27 -8.95 -9.43
CA PRO A 33 6.41 -7.69 -8.74
C PRO A 33 7.65 -6.94 -9.21
N PRO A 34 7.71 -5.63 -8.97
CA PRO A 34 8.90 -4.82 -9.19
C PRO A 34 9.97 -5.24 -8.19
N LYS A 35 11.22 -4.87 -8.45
CA LYS A 35 12.35 -5.29 -7.63
C LYS A 35 12.23 -4.79 -6.19
N LEU A 36 11.55 -3.66 -5.98
CA LEU A 36 11.39 -3.09 -4.65
C LEU A 36 10.41 -3.94 -3.84
N ILE A 37 9.34 -4.43 -4.47
CA ILE A 37 8.33 -5.22 -3.78
C ILE A 37 8.87 -6.60 -3.45
N LYS A 38 9.65 -7.19 -4.37
CA LYS A 38 10.18 -8.52 -4.17
C LYS A 38 11.08 -8.52 -2.93
N GLU A 39 11.88 -7.47 -2.77
CA GLU A 39 12.80 -7.37 -1.65
C GLU A 39 12.05 -7.13 -0.33
N ILE A 40 11.06 -6.24 -0.33
CA ILE A 40 10.43 -5.82 0.91
C ILE A 40 9.36 -6.80 1.39
N ILE A 41 8.45 -7.20 0.49
CA ILE A 41 7.27 -7.96 0.88
C ILE A 41 7.54 -9.47 0.92
N CYS A 42 8.51 -9.98 0.15
CA CYS A 42 8.76 -11.41 0.10
C CYS A 42 9.90 -11.83 1.04
N GLU A 43 10.47 -10.88 1.78
CA GLU A 43 11.53 -11.17 2.75
C GLU A 43 11.25 -10.52 4.10
N ASN A 44 10.14 -9.79 4.23
CA ASN A 44 9.72 -9.14 5.47
C ASN A 44 10.80 -8.20 6.04
N LYS A 45 11.74 -7.75 5.20
CA LYS A 45 12.79 -6.82 5.62
C LYS A 45 12.24 -5.40 5.65
N THR A 46 13.13 -4.41 5.76
CA THR A 46 12.73 -3.00 5.88
C THR A 46 13.48 -2.11 4.90
N TYR A 47 13.04 -0.86 4.74
CA TYR A 47 13.60 0.06 3.75
C TYR A 47 15.09 0.33 3.93
N ALA A 48 15.57 0.28 5.17
CA ALA A 48 16.96 0.52 5.48
C ALA A 48 17.85 -0.63 4.99
N ASP A 49 17.25 -1.79 4.72
CA ASP A 49 18.01 -2.95 4.27
C ASP A 49 18.26 -2.82 2.77
N VAL A 50 17.35 -2.14 2.06
CA VAL A 50 17.48 -1.91 0.64
C VAL A 50 17.95 -0.48 0.35
N ASN A 51 18.22 0.30 1.40
CA ASN A 51 18.74 1.65 1.32
C ASN A 51 17.87 2.53 0.40
N ILE A 52 16.57 2.61 0.69
CA ILE A 52 15.64 3.45 -0.06
C ILE A 52 14.96 4.44 0.88
N ASP A 53 14.53 5.59 0.34
CA ASP A 53 13.72 6.55 1.08
C ASP A 53 12.36 5.96 1.43
N ARG A 54 11.99 5.99 2.71
CA ARG A 54 10.75 5.38 3.17
C ARG A 54 9.53 6.06 2.56
N SER A 55 9.63 7.35 2.24
CA SER A 55 8.50 8.07 1.65
C SER A 55 8.34 7.69 0.18
N ARG A 56 9.47 7.53 -0.52
CA ARG A 56 9.47 7.11 -1.92
C ARG A 56 9.02 5.66 -2.02
N GLY A 57 9.46 4.83 -1.08
CA GLY A 57 9.09 3.43 -1.06
C GLY A 57 7.59 3.29 -0.79
N ASP A 58 7.08 4.02 0.20
CA ASP A 58 5.66 3.96 0.53
C ASP A 58 4.77 4.33 -0.64
N TRP A 59 5.27 5.16 -1.57
CA TRP A 59 4.49 5.50 -2.75
C TRP A 59 4.43 4.32 -3.71
N HIS A 60 5.59 3.81 -4.13
CA HIS A 60 5.63 2.77 -5.14
C HIS A 60 5.05 1.45 -4.61
N VAL A 61 5.14 1.22 -3.30
CA VAL A 61 4.66 -0.01 -2.70
C VAL A 61 3.14 0.01 -2.62
N ILE A 62 2.55 1.17 -2.30
CA ILE A 62 1.09 1.27 -2.17
C ILE A 62 0.42 1.18 -3.54
N LEU A 63 1.01 1.83 -4.56
CA LEU A 63 0.42 1.83 -5.88
C LEU A 63 0.47 0.42 -6.49
N TYR A 64 1.50 -0.37 -6.17
CA TYR A 64 1.61 -1.72 -6.72
C TYR A 64 0.58 -2.69 -6.16
N LEU A 65 0.26 -2.57 -4.87
CA LEU A 65 -0.69 -3.46 -4.24
C LEU A 65 -2.08 -3.24 -4.83
N MET A 66 -2.41 -1.99 -5.17
CA MET A 66 -3.68 -1.68 -5.80
C MET A 66 -3.78 -2.35 -7.16
N LYS A 67 -2.67 -2.38 -7.91
CA LYS A 67 -2.62 -3.05 -9.20
C LYS A 67 -2.61 -4.57 -9.04
N HIS A 68 -2.25 -5.07 -7.85
CA HIS A 68 -2.26 -6.49 -7.57
C HIS A 68 -3.69 -6.98 -7.31
N GLY A 69 -4.60 -6.05 -7.04
CA GLY A 69 -6.02 -6.35 -6.82
C GLY A 69 -6.44 -6.16 -5.37
N VAL A 70 -5.49 -5.89 -4.48
CA VAL A 70 -5.80 -5.65 -3.07
C VAL A 70 -5.77 -4.15 -2.79
N THR A 71 -6.79 -3.63 -2.10
CA THR A 71 -6.93 -2.19 -1.91
C THR A 71 -7.39 -1.77 -0.52
N ASP A 72 -7.79 -2.73 0.32
CA ASP A 72 -8.17 -2.42 1.69
C ASP A 72 -7.02 -1.77 2.45
N PRO A 73 -7.26 -0.59 3.06
CA PRO A 73 -6.21 0.17 3.73
C PRO A 73 -5.53 -0.63 4.84
N ASP A 74 -6.21 -1.62 5.43
CA ASP A 74 -5.62 -2.45 6.46
C ASP A 74 -4.68 -3.50 5.90
N LYS A 75 -4.96 -3.96 4.67
CA LYS A 75 -4.10 -4.93 4.00
C LYS A 75 -2.88 -4.22 3.42
N ILE A 76 -3.09 -3.04 2.84
CA ILE A 76 -2.01 -2.25 2.27
C ILE A 76 -1.04 -1.83 3.38
N LEU A 77 -1.60 -1.44 4.54
CA LEU A 77 -0.82 -0.97 5.67
C LEU A 77 0.01 -2.11 6.27
N GLU A 78 -0.60 -3.30 6.39
CA GLU A 78 0.03 -4.42 7.04
C GLU A 78 1.24 -4.94 6.25
N LEU A 79 1.29 -4.59 4.95
CA LEU A 79 2.35 -5.04 4.07
C LEU A 79 3.50 -4.03 4.01
N LEU A 80 3.37 -2.88 4.67
CA LEU A 80 4.45 -1.90 4.73
C LEU A 80 5.51 -2.35 5.74
N PRO A 81 6.79 -2.06 5.46
CA PRO A 81 7.91 -2.45 6.30
C PRO A 81 7.93 -1.66 7.61
N ARG A 82 8.85 -2.03 8.50
CA ARG A 82 8.98 -1.42 9.83
C ARG A 82 9.32 0.06 9.73
N ASP A 83 10.18 0.41 8.78
CA ASP A 83 10.67 1.78 8.64
C ASP A 83 9.75 2.66 7.79
N SER A 84 8.52 2.18 7.53
CA SER A 84 7.55 2.93 6.75
C SER A 84 7.15 4.21 7.49
N LYS A 85 7.01 5.32 6.77
CA LYS A 85 6.60 6.58 7.37
C LYS A 85 5.13 6.50 7.77
N ALA A 86 4.40 5.54 7.21
CA ALA A 86 3.02 5.27 7.58
C ALA A 86 2.95 4.34 8.79
N LYS A 87 4.07 4.11 9.48
CA LYS A 87 4.11 3.23 10.65
C LYS A 87 5.04 3.74 11.74
N GLU A 88 6.06 4.53 11.39
CA GLU A 88 7.01 5.04 12.37
C GLU A 88 6.46 6.27 13.10
N ASN A 89 5.48 6.96 12.51
CA ASN A 89 4.96 8.21 13.04
C ASN A 89 4.07 7.96 14.27
N GLU A 90 3.70 9.04 14.96
CA GLU A 90 2.75 8.97 16.07
C GLU A 90 1.40 8.48 15.56
N LYS A 91 0.64 7.79 16.41
CA LYS A 91 -0.58 7.11 15.99
C LYS A 91 -1.54 8.07 15.28
N TRP A 92 -1.69 9.29 15.78
CA TRP A 92 -2.63 10.24 15.20
C TRP A 92 -2.08 10.81 13.90
N ASN A 93 -0.77 11.06 13.85
CA ASN A 93 -0.14 11.62 12.65
C ASN A 93 -0.01 10.55 11.57
N THR A 94 -0.02 9.27 11.97
CA THR A 94 0.09 8.17 11.03
C THR A 94 -1.19 8.05 10.22
N GLN A 95 -2.35 8.17 10.88
CA GLN A 95 -3.63 8.06 10.20
C GLN A 95 -3.82 9.22 9.24
N LYS A 96 -3.34 10.41 9.60
CA LYS A 96 -3.45 11.58 8.73
C LYS A 96 -2.60 11.41 7.49
N TYR A 97 -1.30 11.12 7.66
CA TYR A 97 -0.39 10.99 6.53
C TYR A 97 -0.65 9.77 5.67
N PHE A 98 -1.11 8.68 6.29
CA PHE A 98 -1.42 7.46 5.55
C PHE A 98 -2.53 7.65 4.53
N VAL A 99 -3.58 8.38 4.91
CA VAL A 99 -4.71 8.60 4.02
C VAL A 99 -4.33 9.56 2.90
N ILE A 100 -3.40 10.49 3.15
CA ILE A 100 -2.95 11.41 2.13
C ILE A 100 -2.19 10.66 1.04
N THR A 101 -1.36 9.70 1.45
CA THR A 101 -0.62 8.87 0.51
C THR A 101 -1.52 7.85 -0.16
N LEU A 102 -2.48 7.31 0.59
CA LEU A 102 -3.39 6.28 0.10
C LEU A 102 -4.37 6.88 -0.92
N SER A 103 -4.88 8.08 -0.63
CA SER A 103 -5.88 8.71 -1.48
C SER A 103 -5.27 9.11 -2.83
N LYS A 104 -4.04 9.63 -2.80
CA LYS A 104 -3.37 10.04 -4.03
C LYS A 104 -2.84 8.84 -4.80
N ALA A 105 -2.44 7.79 -4.08
CA ALA A 105 -1.97 6.57 -4.73
C ALA A 105 -3.12 5.90 -5.45
N TRP A 106 -4.28 5.81 -4.80
CA TRP A 106 -5.44 5.19 -5.40
C TRP A 106 -5.95 6.01 -6.57
N SER A 107 -5.76 7.33 -6.51
CA SER A 107 -6.18 8.23 -7.57
C SER A 107 -5.35 7.98 -8.84
N VAL A 108 -4.08 7.61 -8.68
CA VAL A 108 -3.18 7.43 -9.82
C VAL A 108 -3.46 6.08 -10.48
N VAL A 109 -3.66 5.03 -9.67
CA VAL A 109 -3.87 3.71 -10.24
C VAL A 109 -5.29 3.54 -10.79
N LYS A 110 -6.29 4.19 -10.20
CA LYS A 110 -7.66 4.02 -10.65
C LYS A 110 -7.87 4.72 -11.99
N LYS A 111 -7.18 5.85 -12.22
CA LYS A 111 -7.30 6.55 -13.49
C LYS A 111 -6.46 5.83 -14.56
N TYR A 112 -5.47 5.04 -14.12
CA TYR A 112 -4.64 4.26 -15.02
C TYR A 112 -5.24 2.91 -15.42
N LEU A 113 -6.00 2.28 -14.52
CA LEU A 113 -6.64 1.00 -14.78
C LEU A 113 -7.97 1.18 -15.51
N GLU A 114 -8.60 2.35 -15.35
CA GLU A 114 -9.86 2.66 -15.99
C GLU A 114 -9.66 3.44 -17.30
N ALA A 115 -8.40 3.58 -17.71
CA ALA A 115 -8.05 4.29 -18.94
C ALA A 115 -8.60 3.57 -20.16
N THR A 1 -13.77 18.05 2.44
CA THR A 1 -12.71 17.12 2.86
C THR A 1 -13.24 15.78 3.35
N VAL A 2 -14.23 15.80 4.23
CA VAL A 2 -14.78 14.58 4.82
C VAL A 2 -15.70 13.83 3.86
N VAL A 3 -16.31 14.54 2.91
CA VAL A 3 -17.25 13.93 1.98
C VAL A 3 -16.47 13.13 0.94
N GLU A 4 -15.30 13.65 0.54
CA GLU A 4 -14.44 13.00 -0.44
C GLU A 4 -13.74 11.80 0.21
N PHE A 5 -13.49 11.89 1.52
CA PHE A 5 -12.84 10.82 2.25
C PHE A 5 -13.71 9.59 2.46
N GLU A 6 -15.02 9.78 2.64
CA GLU A 6 -15.94 8.66 2.80
C GLU A 6 -16.24 7.99 1.47
N GLU A 7 -16.16 8.76 0.38
CA GLU A 7 -16.37 8.21 -0.95
C GLU A 7 -15.17 7.33 -1.33
N LEU A 8 -14.00 7.62 -0.75
CA LEU A 8 -12.81 6.83 -0.99
C LEU A 8 -12.90 5.50 -0.23
N ARG A 9 -13.45 5.55 1.00
CA ARG A 9 -13.54 4.36 1.82
C ARG A 9 -14.42 3.30 1.17
N LYS A 10 -15.54 3.71 0.58
CA LYS A 10 -16.46 2.76 -0.05
C LYS A 10 -15.90 2.28 -1.40
N GLU A 11 -15.06 3.09 -2.03
CA GLU A 11 -14.49 2.73 -3.32
C GLU A 11 -13.42 1.66 -3.17
N LEU A 12 -12.59 1.77 -2.12
CA LEU A 12 -11.53 0.80 -1.91
C LEU A 12 -12.11 -0.55 -1.54
N VAL A 13 -13.03 -0.60 -0.57
CA VAL A 13 -13.58 -1.89 -0.14
C VAL A 13 -14.36 -2.56 -1.25
N LYS A 14 -14.84 -1.79 -2.24
CA LYS A 14 -15.53 -2.35 -3.39
C LYS A 14 -14.53 -2.95 -4.39
N ARG A 15 -13.29 -2.44 -4.39
CA ARG A 15 -12.25 -2.88 -5.30
C ARG A 15 -11.24 -3.81 -4.63
N ASP A 16 -11.41 -4.07 -3.34
CA ASP A 16 -10.47 -4.87 -2.58
C ASP A 16 -10.52 -6.34 -3.01
N SER A 17 -9.45 -7.09 -2.75
CA SER A 17 -9.36 -8.50 -3.11
C SER A 17 -10.23 -9.35 -2.18
N GLY A 18 -10.43 -8.89 -0.94
CA GLY A 18 -11.25 -9.58 0.04
C GLY A 18 -10.52 -10.80 0.66
N LYS A 19 -9.40 -11.21 0.06
CA LYS A 19 -8.61 -12.32 0.58
C LYS A 19 -7.74 -11.84 1.73
N PRO A 20 -7.46 -12.70 2.71
CA PRO A 20 -6.66 -12.37 3.88
C PRO A 20 -5.21 -12.10 3.48
N VAL A 21 -4.54 -11.24 4.23
CA VAL A 21 -3.16 -10.83 3.93
C VAL A 21 -2.20 -12.01 3.84
N GLU A 22 -2.51 -13.13 4.51
CA GLU A 22 -1.62 -14.28 4.50
C GLU A 22 -1.61 -14.93 3.11
N LYS A 23 -2.67 -14.70 2.33
CA LYS A 23 -2.77 -15.22 0.98
C LYS A 23 -2.19 -14.22 -0.02
N ILE A 24 -2.28 -12.93 0.29
CA ILE A 24 -1.84 -11.87 -0.60
C ILE A 24 -0.34 -11.97 -0.85
N LYS A 25 0.45 -12.20 0.22
CA LYS A 25 1.90 -12.20 0.11
C LYS A 25 2.40 -13.33 -0.80
N GLU A 26 1.59 -14.37 -0.99
CA GLU A 26 1.97 -15.48 -1.85
C GLU A 26 1.76 -15.08 -3.31
N GLU A 27 0.64 -14.42 -3.60
CA GLU A 27 0.36 -13.97 -4.95
C GLU A 27 1.30 -12.84 -5.34
N ILE A 28 1.69 -12.02 -4.36
CA ILE A 28 2.58 -10.89 -4.59
C ILE A 28 3.96 -11.38 -4.99
N CYS A 29 4.41 -12.49 -4.38
CA CYS A 29 5.77 -12.98 -4.59
C CYS A 29 5.86 -13.80 -5.87
N THR A 30 4.72 -14.22 -6.43
CA THR A 30 4.70 -15.05 -7.62
C THR A 30 4.17 -14.32 -8.87
N LYS A 31 3.82 -13.04 -8.72
CA LYS A 31 3.28 -12.23 -9.82
C LYS A 31 4.29 -11.20 -10.31
N SER A 32 5.54 -11.26 -9.82
CA SER A 32 6.55 -10.30 -10.21
C SER A 32 7.94 -10.93 -10.17
N PRO A 33 8.87 -10.42 -11.02
CA PRO A 33 10.26 -10.81 -11.03
C PRO A 33 10.95 -10.28 -9.78
N PRO A 34 12.19 -10.71 -9.51
CA PRO A 34 12.97 -10.22 -8.39
C PRO A 34 13.15 -8.71 -8.51
N LYS A 35 12.62 -7.97 -7.54
CA LYS A 35 12.62 -6.51 -7.56
C LYS A 35 12.48 -6.00 -6.13
N LEU A 36 12.80 -4.71 -5.91
CA LEU A 36 12.78 -4.12 -4.59
C LEU A 36 11.43 -4.33 -3.89
N ILE A 37 10.33 -4.25 -4.65
CA ILE A 37 8.98 -4.39 -4.07
C ILE A 37 8.73 -5.83 -3.62
N LYS A 38 9.29 -6.80 -4.35
CA LYS A 38 9.09 -8.21 -4.06
C LYS A 38 9.79 -8.56 -2.75
N GLU A 39 11.01 -8.05 -2.55
CA GLU A 39 11.80 -8.40 -1.39
C GLU A 39 11.19 -7.81 -0.12
N ILE A 40 10.60 -6.62 -0.20
CA ILE A 40 10.07 -5.96 0.98
C ILE A 40 8.88 -6.74 1.53
N ILE A 41 8.03 -7.26 0.65
CA ILE A 41 6.83 -7.97 1.07
C ILE A 41 7.07 -9.47 1.24
N CYS A 42 7.98 -10.05 0.44
CA CYS A 42 8.15 -11.51 0.44
C CYS A 42 9.34 -11.95 1.28
N GLU A 43 10.17 -11.01 1.76
CA GLU A 43 11.33 -11.34 2.58
C GLU A 43 11.29 -10.55 3.90
N ASN A 44 10.20 -9.81 4.12
CA ASN A 44 9.93 -9.11 5.37
C ASN A 44 11.06 -8.15 5.77
N LYS A 45 11.87 -7.70 4.80
CA LYS A 45 12.95 -6.75 5.09
C LYS A 45 12.40 -5.34 5.15
N THR A 46 13.27 -4.36 5.38
CA THR A 46 12.86 -2.98 5.57
C THR A 46 13.52 -2.03 4.55
N TYR A 47 13.05 -0.79 4.48
CA TYR A 47 13.52 0.16 3.50
C TYR A 47 15.02 0.44 3.56
N ALA A 48 15.59 0.33 4.77
CA ALA A 48 17.02 0.56 4.98
C ALA A 48 17.86 -0.58 4.42
N ASP A 49 17.24 -1.75 4.17
CA ASP A 49 17.97 -2.89 3.65
C ASP A 49 18.08 -2.75 2.13
N VAL A 50 17.09 -2.07 1.51
CA VAL A 50 17.05 -1.87 0.07
C VAL A 50 17.49 -0.45 -0.30
N ASN A 51 17.96 0.32 0.68
CA ASN A 51 18.53 1.65 0.46
C ASN A 51 17.56 2.58 -0.27
N ILE A 52 16.32 2.66 0.21
CA ILE A 52 15.31 3.55 -0.37
C ILE A 52 14.76 4.48 0.72
N ASP A 53 14.25 5.65 0.31
CA ASP A 53 13.63 6.58 1.23
C ASP A 53 12.29 6.05 1.73
N ARG A 54 11.95 6.36 2.98
CA ARG A 54 10.76 5.80 3.62
C ARG A 54 9.49 6.25 2.92
N SER A 55 9.42 7.52 2.53
CA SER A 55 8.23 8.08 1.90
C SER A 55 8.14 7.67 0.43
N ARG A 56 9.30 7.50 -0.23
CA ARG A 56 9.34 7.08 -1.62
C ARG A 56 8.93 5.61 -1.71
N GLY A 57 9.35 4.80 -0.75
CA GLY A 57 8.98 3.39 -0.71
C GLY A 57 7.49 3.25 -0.45
N ASP A 58 6.96 4.03 0.50
CA ASP A 58 5.54 3.99 0.81
C ASP A 58 4.66 4.34 -0.38
N TRP A 59 5.19 5.12 -1.32
CA TRP A 59 4.44 5.44 -2.52
C TRP A 59 4.37 4.21 -3.44
N HIS A 60 5.53 3.67 -3.81
CA HIS A 60 5.59 2.57 -4.77
C HIS A 60 4.98 1.29 -4.20
N VAL A 61 5.05 1.10 -2.88
CA VAL A 61 4.51 -0.10 -2.24
C VAL A 61 2.99 -0.02 -2.22
N ILE A 62 2.42 1.16 -1.95
CA ILE A 62 0.97 1.29 -1.85
C ILE A 62 0.32 1.22 -3.24
N LEU A 63 0.96 1.81 -4.26
CA LEU A 63 0.40 1.79 -5.60
C LEU A 63 0.44 0.37 -6.16
N TYR A 64 1.50 -0.37 -5.88
CA TYR A 64 1.66 -1.71 -6.43
C TYR A 64 0.63 -2.71 -5.91
N LEU A 65 0.30 -2.61 -4.61
CA LEU A 65 -0.68 -3.48 -4.00
C LEU A 65 -2.06 -3.22 -4.59
N MET A 66 -2.40 -1.95 -4.82
CA MET A 66 -3.71 -1.61 -5.35
C MET A 66 -3.82 -2.00 -6.83
N LYS A 67 -2.69 -2.11 -7.54
CA LYS A 67 -2.66 -2.64 -8.89
C LYS A 67 -2.67 -4.17 -8.89
N HIS A 68 -2.32 -4.79 -7.75
CA HIS A 68 -2.38 -6.24 -7.61
C HIS A 68 -3.81 -6.70 -7.34
N GLY A 69 -4.68 -5.77 -6.95
CA GLY A 69 -6.09 -6.06 -6.73
C GLY A 69 -6.48 -5.99 -5.25
N VAL A 70 -5.50 -5.81 -4.35
CA VAL A 70 -5.78 -5.64 -2.93
C VAL A 70 -5.73 -4.15 -2.58
N THR A 71 -6.77 -3.63 -1.92
CA THR A 71 -6.89 -2.20 -1.70
C THR A 71 -7.37 -1.79 -0.30
N ASP A 72 -7.76 -2.77 0.52
CA ASP A 72 -8.12 -2.50 1.90
C ASP A 72 -6.95 -1.89 2.67
N PRO A 73 -7.13 -0.72 3.29
CA PRO A 73 -6.05 0.01 3.96
C PRO A 73 -5.41 -0.81 5.07
N ASP A 74 -6.12 -1.80 5.63
CA ASP A 74 -5.58 -2.65 6.68
C ASP A 74 -4.69 -3.75 6.10
N LYS A 75 -4.96 -4.17 4.86
CA LYS A 75 -4.13 -5.15 4.19
C LYS A 75 -2.87 -4.46 3.66
N ILE A 76 -3.04 -3.25 3.12
CA ILE A 76 -1.91 -2.48 2.60
C ILE A 76 -0.96 -2.14 3.73
N LEU A 77 -1.51 -1.65 4.85
CA LEU A 77 -0.74 -1.23 6.00
C LEU A 77 0.03 -2.41 6.60
N GLU A 78 -0.58 -3.60 6.58
CA GLU A 78 0.02 -4.78 7.19
C GLU A 78 1.23 -5.25 6.37
N LEU A 79 1.32 -4.80 5.11
CA LEU A 79 2.42 -5.21 4.24
C LEU A 79 3.51 -4.14 4.15
N LEU A 80 3.31 -2.97 4.77
CA LEU A 80 4.35 -1.95 4.82
C LEU A 80 5.46 -2.41 5.77
N PRO A 81 6.73 -2.12 5.43
CA PRO A 81 7.89 -2.53 6.19
C PRO A 81 8.00 -1.75 7.51
N ARG A 82 8.98 -2.15 8.33
CA ARG A 82 9.17 -1.57 9.65
C ARG A 82 9.50 -0.08 9.57
N ASP A 83 10.36 0.30 8.63
CA ASP A 83 10.86 1.67 8.55
C ASP A 83 9.91 2.63 7.82
N SER A 84 8.69 2.18 7.52
CA SER A 84 7.74 3.01 6.78
C SER A 84 7.30 4.21 7.61
N LYS A 85 7.09 5.34 6.93
CA LYS A 85 6.67 6.58 7.58
C LYS A 85 5.22 6.47 8.03
N ALA A 86 4.48 5.55 7.43
CA ALA A 86 3.07 5.32 7.76
C ALA A 86 2.93 4.34 8.95
N LYS A 87 4.03 4.05 9.66
CA LYS A 87 3.99 3.17 10.83
C LYS A 87 4.85 3.69 11.98
N GLU A 88 5.98 4.34 11.68
CA GLU A 88 6.87 4.88 12.70
C GLU A 88 6.60 6.36 12.96
N ASN A 89 5.39 6.69 13.44
CA ASN A 89 5.02 8.04 13.82
C ASN A 89 3.92 8.02 14.89
N GLU A 90 3.59 9.21 15.42
CA GLU A 90 2.54 9.35 16.43
C GLU A 90 1.18 9.00 15.81
N LYS A 91 0.24 8.50 16.61
CA LYS A 91 -1.00 7.91 16.12
C LYS A 91 -1.70 8.79 15.10
N TRP A 92 -2.01 10.04 15.45
CA TRP A 92 -2.79 10.90 14.57
C TRP A 92 -1.95 11.42 13.42
N ASN A 93 -0.64 11.60 13.64
CA ASN A 93 0.26 12.06 12.59
C ASN A 93 0.39 10.97 11.53
N THR A 94 0.32 9.71 11.95
CA THR A 94 0.43 8.58 11.03
C THR A 94 -0.85 8.34 10.23
N GLN A 95 -2.00 8.41 10.90
CA GLN A 95 -3.27 8.12 10.25
C GLN A 95 -3.65 9.21 9.25
N LYS A 96 -3.29 10.47 9.55
CA LYS A 96 -3.57 11.56 8.63
C LYS A 96 -2.68 11.47 7.40
N TYR A 97 -1.39 11.24 7.59
CA TYR A 97 -0.46 11.13 6.47
C TYR A 97 -0.67 9.89 5.62
N PHE A 98 -1.09 8.79 6.25
CA PHE A 98 -1.39 7.57 5.54
C PHE A 98 -2.50 7.72 4.52
N VAL A 99 -3.56 8.44 4.90
CA VAL A 99 -4.70 8.63 4.01
C VAL A 99 -4.34 9.58 2.87
N ILE A 100 -3.44 10.55 3.12
CA ILE A 100 -3.01 11.46 2.08
C ILE A 100 -2.22 10.69 1.01
N THR A 101 -1.39 9.74 1.45
CA THR A 101 -0.63 8.91 0.53
C THR A 101 -1.50 7.87 -0.16
N LEU A 102 -2.46 7.30 0.58
CA LEU A 102 -3.34 6.26 0.07
C LEU A 102 -4.35 6.86 -0.93
N SER A 103 -4.87 8.05 -0.64
CA SER A 103 -5.86 8.67 -1.49
C SER A 103 -5.26 9.07 -2.83
N LYS A 104 -4.03 9.61 -2.83
CA LYS A 104 -3.35 10.00 -4.05
C LYS A 104 -2.84 8.78 -4.79
N ALA A 105 -2.44 7.74 -4.05
CA ALA A 105 -1.98 6.51 -4.66
C ALA A 105 -3.13 5.85 -5.41
N TRP A 106 -4.32 5.85 -4.81
CA TRP A 106 -5.47 5.24 -5.45
C TRP A 106 -5.90 6.04 -6.67
N SER A 107 -5.69 7.36 -6.64
CA SER A 107 -6.04 8.22 -7.76
C SER A 107 -5.19 7.88 -8.98
N VAL A 108 -3.94 7.48 -8.77
CA VAL A 108 -3.01 7.22 -9.86
C VAL A 108 -3.28 5.84 -10.46
N VAL A 109 -3.55 4.85 -9.60
CA VAL A 109 -3.77 3.49 -10.10
C VAL A 109 -5.16 3.34 -10.70
N LYS A 110 -6.16 4.04 -10.17
CA LYS A 110 -7.53 3.88 -10.66
C LYS A 110 -7.68 4.53 -12.03
N LYS A 111 -6.94 5.62 -12.30
CA LYS A 111 -7.02 6.25 -13.62
C LYS A 111 -6.18 5.45 -14.62
N TYR A 112 -5.23 4.65 -14.13
CA TYR A 112 -4.40 3.81 -14.98
C TYR A 112 -5.03 2.46 -15.33
N LEU A 113 -5.83 1.89 -14.40
CA LEU A 113 -6.51 0.62 -14.63
C LEU A 113 -7.78 0.84 -15.45
N GLU A 114 -8.39 2.03 -15.36
CA GLU A 114 -9.59 2.36 -16.10
C GLU A 114 -9.26 3.01 -17.44
N ALA A 115 -7.97 3.06 -17.79
CA ALA A 115 -7.52 3.65 -19.05
C ALA A 115 -8.00 2.80 -20.24
N THR A 1 -15.89 18.08 2.02
CA THR A 1 -14.72 17.29 2.45
C THR A 1 -15.07 15.91 2.96
N VAL A 2 -15.95 15.83 3.95
CA VAL A 2 -16.33 14.56 4.57
C VAL A 2 -16.89 13.61 3.51
N VAL A 3 -17.66 14.14 2.55
CA VAL A 3 -18.25 13.33 1.50
C VAL A 3 -17.20 12.69 0.60
N GLU A 4 -16.02 13.30 0.49
CA GLU A 4 -14.95 12.75 -0.34
C GLU A 4 -14.23 11.63 0.40
N PHE A 5 -14.21 11.69 1.74
CA PHE A 5 -13.56 10.68 2.55
C PHE A 5 -14.35 9.38 2.68
N GLU A 6 -15.68 9.46 2.68
CA GLU A 6 -16.51 8.26 2.71
C GLU A 6 -16.65 7.67 1.31
N GLU A 7 -16.48 8.50 0.28
CA GLU A 7 -16.52 8.03 -1.11
C GLU A 7 -15.29 7.20 -1.42
N LEU A 8 -14.15 7.54 -0.79
CA LEU A 8 -12.91 6.79 -0.97
C LEU A 8 -13.01 5.46 -0.25
N ARG A 9 -13.53 5.47 0.98
CA ARG A 9 -13.59 4.27 1.80
C ARG A 9 -14.52 3.22 1.19
N LYS A 10 -15.63 3.64 0.58
CA LYS A 10 -16.56 2.70 -0.04
C LYS A 10 -16.00 2.20 -1.37
N GLU A 11 -15.14 2.99 -2.02
CA GLU A 11 -14.55 2.60 -3.30
C GLU A 11 -13.48 1.53 -3.10
N LEU A 12 -12.68 1.66 -2.04
CA LEU A 12 -11.63 0.69 -1.76
C LEU A 12 -12.24 -0.67 -1.43
N VAL A 13 -13.21 -0.73 -0.52
CA VAL A 13 -13.79 -2.00 -0.13
C VAL A 13 -14.53 -2.66 -1.30
N LYS A 14 -14.93 -1.85 -2.29
CA LYS A 14 -15.61 -2.35 -3.48
C LYS A 14 -14.60 -2.93 -4.48
N ARG A 15 -13.34 -2.50 -4.39
CA ARG A 15 -12.29 -2.92 -5.30
C ARG A 15 -11.26 -3.83 -4.63
N ASP A 16 -11.44 -4.10 -3.33
CA ASP A 16 -10.48 -4.90 -2.56
C ASP A 16 -10.53 -6.37 -2.97
N SER A 17 -9.45 -7.10 -2.69
CA SER A 17 -9.36 -8.52 -3.02
C SER A 17 -10.17 -9.37 -2.05
N GLY A 18 -10.37 -8.87 -0.83
CA GLY A 18 -11.13 -9.55 0.21
C GLY A 18 -10.36 -10.71 0.84
N LYS A 19 -9.19 -11.06 0.28
CA LYS A 19 -8.37 -12.14 0.79
C LYS A 19 -7.47 -11.63 1.92
N PRO A 20 -7.17 -12.47 2.93
CA PRO A 20 -6.39 -12.09 4.08
C PRO A 20 -4.94 -11.84 3.68
N VAL A 21 -4.27 -10.94 4.38
CA VAL A 21 -2.90 -10.52 4.08
C VAL A 21 -1.91 -11.70 4.08
N GLU A 22 -2.22 -12.77 4.81
CA GLU A 22 -1.33 -13.93 4.86
C GLU A 22 -1.37 -14.69 3.55
N LYS A 23 -2.44 -14.51 2.77
CA LYS A 23 -2.57 -15.13 1.45
C LYS A 23 -2.00 -14.19 0.39
N ILE A 24 -2.09 -12.88 0.63
CA ILE A 24 -1.59 -11.89 -0.33
C ILE A 24 -0.09 -12.10 -0.53
N LYS A 25 0.66 -12.38 0.54
CA LYS A 25 2.10 -12.57 0.45
C LYS A 25 2.47 -13.65 -0.55
N GLU A 26 1.60 -14.67 -0.72
CA GLU A 26 1.88 -15.77 -1.63
C GLU A 26 1.67 -15.32 -3.07
N GLU A 27 0.60 -14.55 -3.30
CA GLU A 27 0.29 -14.05 -4.62
C GLU A 27 1.30 -12.99 -5.04
N ILE A 28 1.83 -12.22 -4.08
CA ILE A 28 2.79 -11.18 -4.38
C ILE A 28 4.10 -11.80 -4.85
N CYS A 29 4.48 -12.93 -4.26
CA CYS A 29 5.75 -13.57 -4.58
C CYS A 29 5.70 -14.30 -5.92
N THR A 30 4.49 -14.69 -6.38
CA THR A 30 4.36 -15.48 -7.60
C THR A 30 3.82 -14.70 -8.80
N LYS A 31 3.51 -13.41 -8.60
CA LYS A 31 2.98 -12.57 -9.66
C LYS A 31 4.08 -11.80 -10.40
N SER A 32 5.32 -12.29 -10.31
CA SER A 32 6.46 -11.66 -10.95
C SER A 32 6.54 -10.17 -10.60
N PRO A 33 6.66 -9.86 -9.30
CA PRO A 33 6.68 -8.50 -8.79
C PRO A 33 7.94 -7.75 -9.23
N PRO A 34 7.91 -6.41 -9.18
CA PRO A 34 9.07 -5.58 -9.44
C PRO A 34 10.13 -5.82 -8.36
N LYS A 35 11.36 -5.39 -8.62
CA LYS A 35 12.49 -5.67 -7.75
C LYS A 35 12.27 -5.10 -6.35
N LEU A 36 11.60 -3.95 -6.24
CA LEU A 36 11.37 -3.31 -4.94
C LEU A 36 10.38 -4.12 -4.11
N ILE A 37 9.34 -4.67 -4.76
CA ILE A 37 8.31 -5.43 -4.06
C ILE A 37 8.85 -6.81 -3.69
N LYS A 38 9.58 -7.44 -4.61
CA LYS A 38 10.14 -8.76 -4.38
C LYS A 38 11.08 -8.69 -3.17
N GLU A 39 11.90 -7.65 -3.13
CA GLU A 39 12.94 -7.52 -2.14
C GLU A 39 12.38 -7.15 -0.77
N ILE A 40 11.22 -6.47 -0.71
CA ILE A 40 10.69 -5.98 0.55
C ILE A 40 9.53 -6.83 1.08
N ILE A 41 8.54 -7.14 0.23
CA ILE A 41 7.33 -7.81 0.70
C ILE A 41 7.50 -9.33 0.67
N CYS A 42 8.35 -9.87 -0.20
CA CYS A 42 8.54 -11.30 -0.28
C CYS A 42 9.71 -11.74 0.60
N GLU A 43 10.27 -10.81 1.37
CA GLU A 43 11.39 -11.10 2.28
C GLU A 43 11.15 -10.53 3.67
N ASN A 44 10.02 -9.84 3.87
CA ASN A 44 9.61 -9.30 5.16
C ASN A 44 10.66 -8.37 5.81
N LYS A 45 11.61 -7.86 5.02
CA LYS A 45 12.64 -6.95 5.52
C LYS A 45 12.12 -5.51 5.54
N THR A 46 13.05 -4.54 5.58
CA THR A 46 12.70 -3.13 5.74
C THR A 46 13.47 -2.21 4.79
N TYR A 47 13.05 -0.95 4.68
CA TYR A 47 13.61 -0.02 3.72
C TYR A 47 15.10 0.27 3.92
N ALA A 48 15.57 0.21 5.18
CA ALA A 48 16.95 0.50 5.49
C ALA A 48 17.87 -0.63 5.02
N ASP A 49 17.30 -1.81 4.75
CA ASP A 49 18.11 -2.93 4.29
C ASP A 49 18.41 -2.74 2.80
N VAL A 50 17.49 -2.06 2.10
CA VAL A 50 17.65 -1.77 0.67
C VAL A 50 18.06 -0.33 0.42
N ASN A 51 18.27 0.44 1.50
CA ASN A 51 18.75 1.81 1.44
C ASN A 51 17.86 2.68 0.55
N ILE A 52 16.54 2.61 0.73
CA ILE A 52 15.60 3.44 -0.02
C ILE A 52 14.94 4.45 0.93
N ASP A 53 14.52 5.60 0.40
CA ASP A 53 13.80 6.58 1.18
C ASP A 53 12.45 6.04 1.64
N ARG A 54 12.11 6.27 2.90
CA ARG A 54 10.95 5.65 3.54
C ARG A 54 9.64 6.14 2.93
N SER A 55 9.59 7.40 2.49
CA SER A 55 8.39 7.97 1.90
C SER A 55 8.27 7.59 0.43
N ARG A 56 9.41 7.42 -0.26
CA ARG A 56 9.43 7.05 -1.66
C ARG A 56 9.03 5.60 -1.82
N GLY A 57 9.50 4.75 -0.90
CA GLY A 57 9.14 3.35 -0.91
C GLY A 57 7.66 3.18 -0.69
N ASP A 58 7.09 3.93 0.27
CA ASP A 58 5.67 3.84 0.57
C ASP A 58 4.79 4.18 -0.64
N TRP A 59 5.25 5.09 -1.50
CA TRP A 59 4.48 5.45 -2.68
C TRP A 59 4.43 4.27 -3.65
N HIS A 60 5.60 3.77 -4.06
CA HIS A 60 5.66 2.72 -5.07
C HIS A 60 5.08 1.41 -4.55
N VAL A 61 5.14 1.17 -3.23
CA VAL A 61 4.63 -0.05 -2.64
C VAL A 61 3.11 0.01 -2.57
N ILE A 62 2.54 1.16 -2.21
CA ILE A 62 1.10 1.27 -2.08
C ILE A 62 0.43 1.18 -3.45
N LEU A 63 1.02 1.80 -4.48
CA LEU A 63 0.43 1.80 -5.80
C LEU A 63 0.46 0.40 -6.40
N TYR A 64 1.49 -0.38 -6.09
CA TYR A 64 1.60 -1.74 -6.64
C TYR A 64 0.57 -2.70 -6.09
N LEU A 65 0.25 -2.56 -4.80
CA LEU A 65 -0.72 -3.45 -4.15
C LEU A 65 -2.10 -3.23 -4.74
N MET A 66 -2.42 -1.99 -5.09
CA MET A 66 -3.70 -1.68 -5.73
C MET A 66 -3.79 -2.35 -7.10
N LYS A 67 -2.67 -2.42 -7.82
CA LYS A 67 -2.61 -3.10 -9.12
C LYS A 67 -2.62 -4.61 -8.95
N HIS A 68 -2.27 -5.10 -7.75
CA HIS A 68 -2.29 -6.52 -7.45
C HIS A 68 -3.73 -6.99 -7.22
N GLY A 69 -4.62 -6.05 -6.94
CA GLY A 69 -6.04 -6.34 -6.74
C GLY A 69 -6.47 -6.17 -5.28
N VAL A 70 -5.53 -5.89 -4.38
CA VAL A 70 -5.84 -5.65 -2.98
C VAL A 70 -5.80 -4.15 -2.69
N THR A 71 -6.83 -3.63 -2.03
CA THR A 71 -6.98 -2.19 -1.84
C THR A 71 -7.47 -1.76 -0.47
N ASP A 72 -7.87 -2.71 0.38
CA ASP A 72 -8.26 -2.40 1.76
C ASP A 72 -7.10 -1.74 2.52
N PRO A 73 -7.32 -0.56 3.12
CA PRO A 73 -6.28 0.21 3.77
C PRO A 73 -5.58 -0.59 4.88
N ASP A 74 -6.26 -1.58 5.47
CA ASP A 74 -5.67 -2.40 6.51
C ASP A 74 -4.75 -3.46 5.94
N LYS A 75 -5.02 -3.92 4.72
CA LYS A 75 -4.17 -4.88 4.04
C LYS A 75 -2.96 -4.18 3.45
N ILE A 76 -3.18 -2.99 2.86
CA ILE A 76 -2.08 -2.21 2.28
C ILE A 76 -1.11 -1.79 3.38
N LEU A 77 -1.64 -1.41 4.54
CA LEU A 77 -0.86 -0.95 5.67
C LEU A 77 -0.03 -2.09 6.25
N GLU A 78 -0.64 -3.27 6.39
CA GLU A 78 -0.02 -4.40 7.06
C GLU A 78 1.16 -4.94 6.24
N LEU A 79 1.19 -4.60 4.94
CA LEU A 79 2.24 -5.08 4.04
C LEU A 79 3.40 -4.09 3.96
N LEU A 80 3.30 -2.93 4.62
CA LEU A 80 4.39 -1.97 4.65
C LEU A 80 5.47 -2.44 5.65
N PRO A 81 6.74 -2.14 5.35
CA PRO A 81 7.87 -2.53 6.18
C PRO A 81 7.89 -1.76 7.48
N ARG A 82 8.81 -2.14 8.38
CA ARG A 82 8.90 -1.53 9.71
C ARG A 82 9.33 -0.07 9.61
N ASP A 83 10.14 0.27 8.61
CA ASP A 83 10.63 1.63 8.42
C ASP A 83 9.65 2.51 7.65
N SER A 84 8.42 2.03 7.43
CA SER A 84 7.42 2.79 6.69
C SER A 84 7.06 4.07 7.44
N LYS A 85 6.89 5.17 6.71
CA LYS A 85 6.52 6.44 7.30
C LYS A 85 5.09 6.37 7.83
N ALA A 86 4.32 5.38 7.36
CA ALA A 86 2.97 5.13 7.79
C ALA A 86 2.92 4.16 8.97
N LYS A 87 4.07 3.88 9.60
CA LYS A 87 4.13 2.94 10.73
C LYS A 87 5.12 3.36 11.80
N GLU A 88 6.14 4.15 11.44
CA GLU A 88 7.19 4.53 12.38
C GLU A 88 6.80 5.75 13.24
N ASN A 89 5.78 6.49 12.82
CA ASN A 89 5.41 7.75 13.47
C ASN A 89 4.29 7.54 14.50
N GLU A 90 3.94 8.61 15.22
CA GLU A 90 2.85 8.60 16.17
C GLU A 90 1.54 8.31 15.44
N LYS A 91 0.61 7.60 16.10
CA LYS A 91 -0.59 7.09 15.45
C LYS A 91 -1.48 8.22 14.93
N TRP A 92 -1.38 9.42 15.51
CA TRP A 92 -2.18 10.55 15.06
C TRP A 92 -1.64 11.12 13.75
N ASN A 93 -0.32 11.24 13.66
CA ASN A 93 0.32 11.77 12.46
C ASN A 93 0.36 10.67 11.38
N THR A 94 0.36 9.41 11.81
CA THR A 94 0.44 8.28 10.91
C THR A 94 -0.87 8.13 10.15
N GLN A 95 -2.00 8.21 10.85
CA GLN A 95 -3.29 8.02 10.20
C GLN A 95 -3.60 9.18 9.27
N LYS A 96 -3.10 10.38 9.61
CA LYS A 96 -3.30 11.55 8.75
C LYS A 96 -2.49 11.37 7.48
N TYR A 97 -1.18 11.16 7.59
CA TYR A 97 -0.32 11.04 6.43
C TYR A 97 -0.62 9.80 5.58
N PHE A 98 -1.04 8.71 6.23
CA PHE A 98 -1.38 7.50 5.52
C PHE A 98 -2.51 7.68 4.52
N VAL A 99 -3.54 8.44 4.91
CA VAL A 99 -4.69 8.66 4.05
C VAL A 99 -4.32 9.64 2.93
N ILE A 100 -3.40 10.57 3.18
CA ILE A 100 -2.97 11.51 2.16
C ILE A 100 -2.24 10.75 1.04
N THR A 101 -1.39 9.79 1.41
CA THR A 101 -0.68 8.97 0.43
C THR A 101 -1.59 7.93 -0.20
N LEU A 102 -2.52 7.38 0.58
CA LEU A 102 -3.42 6.34 0.11
C LEU A 102 -4.42 6.92 -0.90
N SER A 103 -4.94 8.11 -0.62
CA SER A 103 -5.95 8.71 -1.50
C SER A 103 -5.33 9.14 -2.82
N LYS A 104 -4.09 9.63 -2.80
CA LYS A 104 -3.40 10.03 -4.02
C LYS A 104 -2.87 8.83 -4.77
N ALA A 105 -2.46 7.78 -4.05
CA ALA A 105 -1.98 6.56 -4.69
C ALA A 105 -3.12 5.89 -5.43
N TRP A 106 -4.29 5.80 -4.78
CA TRP A 106 -5.44 5.17 -5.39
C TRP A 106 -5.95 6.00 -6.56
N SER A 107 -5.76 7.32 -6.49
CA SER A 107 -6.17 8.21 -7.56
C SER A 107 -5.35 7.97 -8.83
N VAL A 108 -4.07 7.59 -8.67
CA VAL A 108 -3.18 7.41 -9.80
C VAL A 108 -3.46 6.06 -10.46
N VAL A 109 -3.68 5.02 -9.65
CA VAL A 109 -3.90 3.69 -10.20
C VAL A 109 -5.32 3.52 -10.75
N LYS A 110 -6.31 4.19 -10.15
CA LYS A 110 -7.69 4.01 -10.59
C LYS A 110 -7.90 4.72 -11.93
N LYS A 111 -7.20 5.83 -12.18
CA LYS A 111 -7.32 6.50 -13.47
C LYS A 111 -6.50 5.77 -14.53
N TYR A 112 -5.52 4.97 -14.09
CA TYR A 112 -4.71 4.17 -15.00
C TYR A 112 -5.32 2.82 -15.38
N LEU A 113 -6.09 2.22 -14.47
CA LEU A 113 -6.77 0.95 -14.74
C LEU A 113 -8.06 1.18 -15.53
N GLU A 114 -8.68 2.35 -15.35
CA GLU A 114 -9.91 2.69 -16.05
C GLU A 114 -9.62 3.42 -17.37
N ALA A 115 -8.34 3.50 -17.75
CA ALA A 115 -7.93 4.17 -18.98
C ALA A 115 -8.44 3.41 -20.20
N THR A 1 -14.37 18.07 2.55
CA THR A 1 -13.25 17.13 2.78
C THR A 1 -13.73 15.73 3.12
N VAL A 2 -14.60 15.60 4.12
CA VAL A 2 -15.08 14.29 4.59
C VAL A 2 -15.86 13.56 3.50
N VAL A 3 -16.45 14.31 2.57
CA VAL A 3 -17.23 13.72 1.49
C VAL A 3 -16.30 13.00 0.51
N GLU A 4 -15.07 13.48 0.37
CA GLU A 4 -14.09 12.84 -0.50
C GLU A 4 -13.51 11.61 0.18
N PHE A 5 -13.48 11.62 1.52
CA PHE A 5 -12.96 10.50 2.30
C PHE A 5 -13.92 9.33 2.42
N GLU A 6 -15.22 9.61 2.56
CA GLU A 6 -16.22 8.56 2.69
C GLU A 6 -16.47 7.92 1.32
N GLU A 7 -16.30 8.69 0.24
CA GLU A 7 -16.43 8.16 -1.11
C GLU A 7 -15.25 7.25 -1.43
N LEU A 8 -14.07 7.57 -0.89
CA LEU A 8 -12.88 6.75 -1.07
C LEU A 8 -13.02 5.48 -0.24
N ARG A 9 -13.59 5.60 0.96
CA ARG A 9 -13.73 4.47 1.86
C ARG A 9 -14.58 3.37 1.24
N LYS A 10 -15.70 3.75 0.61
CA LYS A 10 -16.60 2.76 0.02
C LYS A 10 -16.03 2.22 -1.30
N GLU A 11 -15.16 2.98 -1.96
CA GLU A 11 -14.56 2.55 -3.21
C GLU A 11 -13.51 1.47 -2.96
N LEU A 12 -12.70 1.63 -1.91
CA LEU A 12 -11.65 0.67 -1.61
C LEU A 12 -12.25 -0.68 -1.21
N VAL A 13 -13.22 -0.67 -0.30
CA VAL A 13 -13.81 -1.93 0.18
C VAL A 13 -14.55 -2.66 -0.95
N LYS A 14 -14.97 -1.92 -1.98
CA LYS A 14 -15.67 -2.49 -3.12
C LYS A 14 -14.69 -3.06 -4.14
N ARG A 15 -13.44 -2.56 -4.12
CA ARG A 15 -12.42 -2.95 -5.08
C ARG A 15 -11.40 -3.90 -4.46
N ASP A 16 -11.50 -4.15 -3.15
CA ASP A 16 -10.52 -4.96 -2.44
C ASP A 16 -10.60 -6.43 -2.85
N SER A 17 -9.51 -7.17 -2.64
CA SER A 17 -9.43 -8.58 -2.98
C SER A 17 -10.28 -9.41 -2.01
N GLY A 18 -10.44 -8.93 -0.78
CA GLY A 18 -11.25 -9.60 0.24
C GLY A 18 -10.53 -10.77 0.89
N LYS A 19 -9.39 -11.19 0.31
CA LYS A 19 -8.59 -12.28 0.87
C LYS A 19 -7.73 -11.75 2.01
N PRO A 20 -7.44 -12.58 3.02
CA PRO A 20 -6.66 -12.19 4.18
C PRO A 20 -5.21 -11.94 3.76
N VAL A 21 -4.52 -11.05 4.48
CA VAL A 21 -3.15 -10.66 4.15
C VAL A 21 -2.20 -11.84 4.08
N GLU A 22 -2.50 -12.93 4.79
CA GLU A 22 -1.63 -14.10 4.80
C GLU A 22 -1.65 -14.78 3.42
N LYS A 23 -2.73 -14.58 2.66
CA LYS A 23 -2.86 -15.14 1.32
C LYS A 23 -2.33 -14.15 0.28
N ILE A 24 -2.45 -12.85 0.55
CA ILE A 24 -2.04 -11.81 -0.38
C ILE A 24 -0.55 -11.92 -0.68
N LYS A 25 0.26 -12.13 0.36
CA LYS A 25 1.71 -12.17 0.20
C LYS A 25 2.15 -13.31 -0.71
N GLU A 26 1.34 -14.37 -0.81
CA GLU A 26 1.70 -15.50 -1.65
C GLU A 26 1.52 -15.12 -3.12
N GLU A 27 0.37 -14.51 -3.44
CA GLU A 27 0.08 -14.12 -4.81
C GLU A 27 1.02 -13.01 -5.25
N ILE A 28 1.47 -12.18 -4.31
CA ILE A 28 2.40 -11.09 -4.61
C ILE A 28 3.75 -11.65 -5.04
N CYS A 29 4.18 -12.75 -4.40
CA CYS A 29 5.51 -13.30 -4.62
C CYS A 29 5.57 -14.22 -5.84
N THR A 30 4.42 -14.54 -6.45
CA THR A 30 4.39 -15.32 -7.69
C THR A 30 3.85 -14.55 -8.89
N LYS A 31 3.47 -13.28 -8.70
CA LYS A 31 2.99 -12.42 -9.77
C LYS A 31 3.98 -11.32 -10.11
N SER A 32 5.23 -11.43 -9.65
CA SER A 32 6.24 -10.44 -9.94
C SER A 32 7.63 -11.06 -10.05
N PRO A 33 8.48 -10.51 -10.93
CA PRO A 33 9.88 -10.90 -11.08
C PRO A 33 10.68 -10.36 -9.90
N PRO A 34 11.95 -10.78 -9.74
CA PRO A 34 12.83 -10.25 -8.73
C PRO A 34 12.99 -8.74 -8.93
N LYS A 35 12.53 -7.96 -7.95
CA LYS A 35 12.49 -6.50 -8.04
C LYS A 35 12.42 -5.92 -6.63
N LEU A 36 12.69 -4.61 -6.50
CA LEU A 36 12.69 -3.94 -5.20
C LEU A 36 11.41 -4.24 -4.42
N ILE A 37 10.25 -4.09 -5.06
CA ILE A 37 8.96 -4.24 -4.39
C ILE A 37 8.78 -5.67 -3.89
N LYS A 38 9.25 -6.64 -4.66
CA LYS A 38 9.09 -8.04 -4.31
C LYS A 38 9.93 -8.38 -3.08
N GLU A 39 11.13 -7.81 -2.97
CA GLU A 39 12.00 -8.11 -1.85
C GLU A 39 11.42 -7.59 -0.54
N ILE A 40 10.73 -6.45 -0.56
CA ILE A 40 10.21 -5.87 0.67
C ILE A 40 9.14 -6.76 1.28
N ILE A 41 8.24 -7.29 0.44
CA ILE A 41 7.11 -8.07 0.93
C ILE A 41 7.43 -9.57 1.01
N CYS A 42 8.36 -10.06 0.19
CA CYS A 42 8.64 -11.50 0.13
C CYS A 42 9.84 -11.90 0.99
N GLU A 43 10.53 -10.92 1.61
CA GLU A 43 11.65 -11.20 2.49
C GLU A 43 11.47 -10.50 3.84
N ASN A 44 10.35 -9.80 4.02
CA ASN A 44 10.02 -9.11 5.26
C ASN A 44 11.11 -8.13 5.70
N LYS A 45 11.94 -7.67 4.76
CA LYS A 45 13.01 -6.71 5.06
C LYS A 45 12.42 -5.31 5.22
N THR A 46 13.30 -4.32 5.38
CA THR A 46 12.87 -2.94 5.60
C THR A 46 13.57 -1.98 4.64
N TYR A 47 13.09 -0.73 4.58
CA TYR A 47 13.61 0.25 3.63
C TYR A 47 15.10 0.54 3.80
N ALA A 48 15.60 0.41 5.03
CA ALA A 48 17.01 0.67 5.32
C ALA A 48 17.89 -0.46 4.78
N ASP A 49 17.30 -1.61 4.47
CA ASP A 49 18.08 -2.74 3.95
C ASP A 49 18.35 -2.48 2.47
N VAL A 50 17.47 -1.72 1.82
CA VAL A 50 17.61 -1.35 0.42
C VAL A 50 18.01 0.13 0.28
N ASN A 51 18.21 0.81 1.41
CA ASN A 51 18.68 2.19 1.47
C ASN A 51 17.81 3.12 0.62
N ILE A 52 16.49 2.98 0.71
CA ILE A 52 15.55 3.82 -0.03
C ILE A 52 14.86 4.80 0.92
N ASP A 53 14.37 5.91 0.36
CA ASP A 53 13.58 6.88 1.13
C ASP A 53 12.26 6.27 1.57
N ARG A 54 11.92 6.42 2.86
CA ARG A 54 10.74 5.81 3.43
C ARG A 54 9.46 6.35 2.77
N SER A 55 9.50 7.59 2.28
CA SER A 55 8.33 8.20 1.65
C SER A 55 8.21 7.74 0.20
N ARG A 56 9.35 7.58 -0.49
CA ARG A 56 9.37 7.13 -1.87
C ARG A 56 8.98 5.65 -1.94
N GLY A 57 9.41 4.87 -0.94
CA GLY A 57 9.07 3.46 -0.88
C GLY A 57 7.58 3.30 -0.65
N ASP A 58 7.02 4.07 0.30
CA ASP A 58 5.60 4.01 0.60
C ASP A 58 4.73 4.30 -0.61
N TRP A 59 5.24 5.10 -1.56
CA TRP A 59 4.48 5.40 -2.77
C TRP A 59 4.43 4.17 -3.67
N HIS A 60 5.59 3.64 -4.05
CA HIS A 60 5.66 2.55 -5.01
C HIS A 60 5.07 1.26 -4.43
N VAL A 61 5.14 1.09 -3.11
CA VAL A 61 4.63 -0.11 -2.46
C VAL A 61 3.10 -0.06 -2.43
N ILE A 62 2.51 1.10 -2.16
CA ILE A 62 1.05 1.21 -2.07
C ILE A 62 0.41 1.11 -3.45
N LEU A 63 1.02 1.73 -4.47
CA LEU A 63 0.44 1.71 -5.80
C LEU A 63 0.49 0.30 -6.40
N TYR A 64 1.52 -0.48 -6.07
CA TYR A 64 1.64 -1.83 -6.61
C TYR A 64 0.63 -2.82 -6.06
N LEU A 65 0.31 -2.72 -4.76
CA LEU A 65 -0.69 -3.59 -4.15
C LEU A 65 -2.06 -3.34 -4.76
N MET A 66 -2.36 -2.10 -5.10
CA MET A 66 -3.63 -1.76 -5.72
C MET A 66 -3.76 -2.42 -7.09
N LYS A 67 -2.64 -2.48 -7.84
CA LYS A 67 -2.62 -3.14 -9.14
C LYS A 67 -2.68 -4.66 -8.99
N HIS A 68 -2.35 -5.18 -7.80
CA HIS A 68 -2.43 -6.61 -7.53
C HIS A 68 -3.89 -7.02 -7.23
N GLY A 69 -4.75 -6.04 -6.94
CA GLY A 69 -6.17 -6.27 -6.69
C GLY A 69 -6.55 -6.11 -5.22
N VAL A 70 -5.56 -5.89 -4.34
CA VAL A 70 -5.83 -5.64 -2.94
C VAL A 70 -5.81 -4.15 -2.68
N THR A 71 -6.85 -3.63 -2.01
CA THR A 71 -6.99 -2.19 -1.83
C THR A 71 -7.46 -1.76 -0.44
N ASP A 72 -7.82 -2.71 0.42
CA ASP A 72 -8.21 -2.41 1.78
C ASP A 72 -7.04 -1.77 2.54
N PRO A 73 -7.24 -0.59 3.15
CA PRO A 73 -6.18 0.16 3.80
C PRO A 73 -5.51 -0.63 4.91
N ASP A 74 -6.20 -1.61 5.51
CA ASP A 74 -5.63 -2.42 6.56
C ASP A 74 -4.66 -3.45 5.97
N LYS A 75 -4.99 -3.99 4.79
CA LYS A 75 -4.14 -4.96 4.12
C LYS A 75 -2.92 -4.26 3.55
N ILE A 76 -3.11 -3.07 2.97
CA ILE A 76 -2.01 -2.30 2.41
C ILE A 76 -1.05 -1.89 3.52
N LEU A 77 -1.60 -1.48 4.67
CA LEU A 77 -0.83 -1.01 5.81
C LEU A 77 -0.03 -2.15 6.43
N GLU A 78 -0.66 -3.32 6.56
CA GLU A 78 -0.06 -4.46 7.24
C GLU A 78 1.16 -4.98 6.48
N LEU A 79 1.23 -4.67 5.18
CA LEU A 79 2.30 -5.16 4.33
C LEU A 79 3.43 -4.15 4.17
N LEU A 80 3.32 -2.96 4.77
CA LEU A 80 4.39 -1.99 4.74
C LEU A 80 5.52 -2.44 5.68
N PRO A 81 6.78 -2.13 5.34
CA PRO A 81 7.95 -2.52 6.10
C PRO A 81 8.01 -1.75 7.43
N ARG A 82 8.95 -2.16 8.30
CA ARG A 82 9.09 -1.60 9.64
C ARG A 82 9.42 -0.11 9.58
N ASP A 83 10.28 0.28 8.64
CA ASP A 83 10.75 1.66 8.56
C ASP A 83 9.81 2.56 7.75
N SER A 84 8.60 2.07 7.48
CA SER A 84 7.60 2.85 6.74
C SER A 84 7.16 4.05 7.58
N LYS A 85 7.05 5.21 6.94
CA LYS A 85 6.60 6.43 7.61
C LYS A 85 5.15 6.27 8.07
N ALA A 86 4.43 5.31 7.46
CA ALA A 86 3.07 5.01 7.83
C ALA A 86 3.01 4.00 8.99
N LYS A 87 4.14 3.74 9.67
CA LYS A 87 4.18 2.79 10.77
C LYS A 87 5.10 3.24 11.91
N GLU A 88 6.16 4.00 11.61
CA GLU A 88 7.13 4.41 12.63
C GLU A 88 6.81 5.80 13.18
N ASN A 89 5.89 6.52 12.53
CA ASN A 89 5.53 7.88 12.94
C ASN A 89 4.59 7.83 14.16
N GLU A 90 4.27 8.99 14.73
CA GLU A 90 3.34 9.09 15.85
C GLU A 90 1.98 8.55 15.45
N LYS A 91 1.26 7.92 16.38
CA LYS A 91 0.03 7.20 16.08
C LYS A 91 -1.00 8.07 15.36
N TRP A 92 -1.19 9.31 15.83
CA TRP A 92 -2.19 10.19 15.26
C TRP A 92 -1.71 10.77 13.93
N ASN A 93 -0.40 11.00 13.81
CA ASN A 93 0.18 11.55 12.59
C ASN A 93 0.29 10.46 11.54
N THR A 94 0.33 9.19 11.96
CA THR A 94 0.44 8.05 11.06
C THR A 94 -0.87 7.90 10.31
N GLN A 95 -2.01 8.01 11.00
CA GLN A 95 -3.31 7.84 10.36
C GLN A 95 -3.56 8.98 9.37
N LYS A 96 -3.13 10.21 9.73
CA LYS A 96 -3.29 11.35 8.84
C LYS A 96 -2.44 11.17 7.60
N TYR A 97 -1.14 10.94 7.78
CA TYR A 97 -0.22 10.80 6.65
C TYR A 97 -0.53 9.60 5.75
N PHE A 98 -0.96 8.49 6.36
CA PHE A 98 -1.30 7.30 5.61
C PHE A 98 -2.41 7.52 4.59
N VAL A 99 -3.45 8.26 4.98
CA VAL A 99 -4.59 8.51 4.09
C VAL A 99 -4.19 9.49 2.99
N ILE A 100 -3.27 10.40 3.27
CA ILE A 100 -2.83 11.37 2.28
C ILE A 100 -2.14 10.64 1.11
N THR A 101 -1.25 9.70 1.44
CA THR A 101 -0.57 8.90 0.43
C THR A 101 -1.49 7.89 -0.21
N LEU A 102 -2.41 7.32 0.56
CA LEU A 102 -3.33 6.30 0.07
C LEU A 102 -4.32 6.91 -0.91
N SER A 103 -4.82 8.11 -0.62
CA SER A 103 -5.83 8.74 -1.45
C SER A 103 -5.27 9.13 -2.81
N LYS A 104 -4.03 9.61 -2.86
CA LYS A 104 -3.41 9.96 -4.13
C LYS A 104 -2.91 8.73 -4.85
N ALA A 105 -2.47 7.71 -4.11
CA ALA A 105 -2.01 6.47 -4.70
C ALA A 105 -3.15 5.79 -5.45
N TRP A 106 -4.32 5.70 -4.82
CA TRP A 106 -5.46 5.05 -5.44
C TRP A 106 -5.96 5.86 -6.63
N SER A 107 -5.80 7.18 -6.56
CA SER A 107 -6.20 8.06 -7.65
C SER A 107 -5.34 7.80 -8.90
N VAL A 108 -4.07 7.45 -8.71
CA VAL A 108 -3.15 7.28 -9.83
C VAL A 108 -3.38 5.92 -10.48
N VAL A 109 -3.60 4.87 -9.67
CA VAL A 109 -3.78 3.54 -10.23
C VAL A 109 -5.17 3.35 -10.82
N LYS A 110 -6.19 4.02 -10.29
CA LYS A 110 -7.54 3.85 -10.80
C LYS A 110 -7.68 4.55 -12.15
N LYS A 111 -7.00 5.69 -12.35
CA LYS A 111 -7.06 6.37 -13.63
C LYS A 111 -6.18 5.65 -14.65
N TYR A 112 -5.22 4.87 -14.14
CA TYR A 112 -4.35 4.05 -14.97
C TYR A 112 -5.03 2.78 -15.50
N LEU A 113 -5.98 2.23 -14.72
CA LEU A 113 -6.74 1.05 -15.13
C LEU A 113 -7.93 1.45 -15.99
N GLU A 114 -8.38 2.72 -15.88
CA GLU A 114 -9.48 3.24 -16.69
C GLU A 114 -8.99 3.74 -18.05
N ALA A 115 -7.67 3.66 -18.29
CA ALA A 115 -7.08 4.09 -19.54
C ALA A 115 -7.50 3.19 -20.69
N THR A 1 -15.02 18.28 2.28
CA THR A 1 -13.82 17.44 2.31
C THR A 1 -14.04 16.03 2.85
N VAL A 2 -14.63 15.92 4.04
CA VAL A 2 -14.85 14.63 4.68
C VAL A 2 -15.76 13.73 3.86
N VAL A 3 -16.60 14.32 3.01
CA VAL A 3 -17.49 13.56 2.15
C VAL A 3 -16.70 12.82 1.06
N GLU A 4 -15.53 13.35 0.68
CA GLU A 4 -14.69 12.72 -0.33
C GLU A 4 -13.89 11.60 0.30
N PHE A 5 -13.60 11.71 1.61
CA PHE A 5 -12.84 10.67 2.31
C PHE A 5 -13.66 9.42 2.63
N GLU A 6 -14.97 9.56 2.86
CA GLU A 6 -15.82 8.39 3.06
C GLU A 6 -16.20 7.78 1.72
N GLU A 7 -16.15 8.59 0.65
CA GLU A 7 -16.39 8.09 -0.71
C GLU A 7 -15.21 7.22 -1.15
N LEU A 8 -14.02 7.50 -0.60
CA LEU A 8 -12.83 6.71 -0.86
C LEU A 8 -12.92 5.37 -0.16
N ARG A 9 -13.37 5.37 1.10
CA ARG A 9 -13.44 4.16 1.90
C ARG A 9 -14.36 3.13 1.28
N LYS A 10 -15.49 3.57 0.70
CA LYS A 10 -16.42 2.63 0.09
C LYS A 10 -15.89 2.16 -1.26
N GLU A 11 -15.07 2.98 -1.92
CA GLU A 11 -14.51 2.61 -3.22
C GLU A 11 -13.43 1.55 -3.05
N LEU A 12 -12.62 1.65 -2.00
CA LEU A 12 -11.56 0.68 -1.76
C LEU A 12 -12.16 -0.70 -1.45
N VAL A 13 -13.10 -0.77 -0.51
CA VAL A 13 -13.67 -2.08 -0.13
C VAL A 13 -14.44 -2.71 -1.29
N LYS A 14 -14.89 -1.90 -2.26
CA LYS A 14 -15.57 -2.40 -3.44
C LYS A 14 -14.57 -2.98 -4.45
N ARG A 15 -13.32 -2.51 -4.41
CA ARG A 15 -12.27 -2.94 -5.33
C ARG A 15 -11.26 -3.87 -4.66
N ASP A 16 -11.40 -4.11 -3.36
CA ASP A 16 -10.44 -4.92 -2.61
C ASP A 16 -10.51 -6.39 -3.02
N SER A 17 -9.44 -7.15 -2.76
CA SER A 17 -9.37 -8.56 -3.09
C SER A 17 -10.21 -9.39 -2.10
N GLY A 18 -10.40 -8.87 -0.88
CA GLY A 18 -11.18 -9.51 0.15
C GLY A 18 -10.48 -10.71 0.78
N LYS A 19 -9.38 -11.18 0.17
CA LYS A 19 -8.60 -12.29 0.70
C LYS A 19 -7.75 -11.81 1.87
N PRO A 20 -7.47 -12.67 2.86
CA PRO A 20 -6.67 -12.32 4.02
C PRO A 20 -5.23 -12.08 3.61
N VAL A 21 -4.55 -11.20 4.34
CA VAL A 21 -3.17 -10.80 4.02
C VAL A 21 -2.22 -11.99 3.94
N GLU A 22 -2.53 -13.10 4.63
CA GLU A 22 -1.67 -14.26 4.62
C GLU A 22 -1.69 -14.95 3.25
N LYS A 23 -2.75 -14.72 2.47
CA LYS A 23 -2.88 -15.25 1.12
C LYS A 23 -2.30 -14.26 0.11
N ILE A 24 -2.40 -12.96 0.41
CA ILE A 24 -1.94 -11.92 -0.51
C ILE A 24 -0.44 -12.05 -0.77
N LYS A 25 0.35 -12.29 0.28
CA LYS A 25 1.80 -12.35 0.15
C LYS A 25 2.25 -13.52 -0.72
N GLU A 26 1.40 -14.55 -0.85
CA GLU A 26 1.75 -15.70 -1.68
C GLU A 26 1.58 -15.32 -3.15
N GLU A 27 0.52 -14.57 -3.45
CA GLU A 27 0.28 -14.10 -4.81
C GLU A 27 1.32 -13.04 -5.18
N ILE A 28 1.70 -12.19 -4.22
CA ILE A 28 2.66 -11.13 -4.48
C ILE A 28 4.00 -11.73 -4.89
N CYS A 29 4.39 -12.85 -4.28
CA CYS A 29 5.68 -13.47 -4.56
C CYS A 29 5.67 -14.18 -5.92
N THR A 30 4.50 -14.59 -6.41
CA THR A 30 4.40 -15.33 -7.67
C THR A 30 3.82 -14.51 -8.84
N LYS A 31 3.45 -13.26 -8.58
CA LYS A 31 2.86 -12.39 -9.59
C LYS A 31 3.92 -11.70 -10.45
N SER A 32 5.17 -12.16 -10.36
CA SER A 32 6.29 -11.52 -11.06
C SER A 32 6.31 -10.02 -10.76
N PRO A 33 6.45 -9.67 -9.48
CA PRO A 33 6.34 -8.30 -8.99
C PRO A 33 7.57 -7.47 -9.40
N PRO A 34 7.49 -6.15 -9.25
CA PRO A 34 8.61 -5.24 -9.41
C PRO A 34 9.77 -5.67 -8.52
N LYS A 35 10.99 -5.25 -8.87
CA LYS A 35 12.20 -5.72 -8.20
C LYS A 35 12.19 -5.34 -6.71
N LEU A 36 11.74 -4.13 -6.37
CA LEU A 36 11.75 -3.67 -4.99
C LEU A 36 10.60 -4.27 -4.18
N ILE A 37 9.59 -4.83 -4.85
CA ILE A 37 8.46 -5.42 -4.16
C ILE A 37 8.82 -6.82 -3.65
N LYS A 38 9.47 -7.63 -4.49
CA LYS A 38 9.91 -8.94 -4.04
C LYS A 38 10.95 -8.76 -2.93
N GLU A 39 11.77 -7.71 -3.07
CA GLU A 39 12.85 -7.45 -2.14
C GLU A 39 12.32 -7.04 -0.76
N ILE A 40 11.13 -6.41 -0.70
CA ILE A 40 10.62 -5.91 0.57
C ILE A 40 9.46 -6.75 1.11
N ILE A 41 8.47 -7.07 0.27
CA ILE A 41 7.27 -7.76 0.74
C ILE A 41 7.43 -9.27 0.73
N CYS A 42 8.30 -9.80 -0.13
CA CYS A 42 8.49 -11.24 -0.21
C CYS A 42 9.71 -11.68 0.62
N GLU A 43 10.32 -10.74 1.36
CA GLU A 43 11.48 -11.03 2.20
C GLU A 43 11.31 -10.46 3.61
N ASN A 44 10.18 -9.80 3.88
CA ASN A 44 9.81 -9.30 5.21
C ASN A 44 10.85 -8.34 5.81
N LYS A 45 11.74 -7.78 4.99
CA LYS A 45 12.75 -6.82 5.47
C LYS A 45 12.17 -5.40 5.50
N THR A 46 13.04 -4.41 5.60
CA THR A 46 12.64 -3.01 5.73
C THR A 46 13.40 -2.08 4.78
N TYR A 47 12.97 -0.83 4.67
CA TYR A 47 13.54 0.10 3.70
C TYR A 47 15.01 0.42 3.92
N ALA A 48 15.46 0.40 5.18
CA ALA A 48 16.85 0.71 5.51
C ALA A 48 17.77 -0.43 5.09
N ASP A 49 17.22 -1.63 4.85
CA ASP A 49 18.04 -2.76 4.44
C ASP A 49 18.38 -2.59 2.96
N VAL A 50 17.52 -1.87 2.23
CA VAL A 50 17.72 -1.59 0.82
C VAL A 50 18.11 -0.13 0.57
N ASN A 51 18.32 0.62 1.67
CA ASN A 51 18.81 2.01 1.63
C ASN A 51 17.93 2.92 0.78
N ILE A 52 16.61 2.67 0.75
CA ILE A 52 15.68 3.49 -0.02
C ILE A 52 14.99 4.49 0.90
N ASP A 53 14.55 5.63 0.36
CA ASP A 53 13.80 6.60 1.13
C ASP A 53 12.44 6.05 1.54
N ARG A 54 12.09 6.22 2.81
CA ARG A 54 10.90 5.59 3.38
C ARG A 54 9.62 6.16 2.80
N SER A 55 9.62 7.43 2.38
CA SER A 55 8.44 8.05 1.81
C SER A 55 8.27 7.64 0.34
N ARG A 56 9.38 7.46 -0.36
CA ARG A 56 9.38 7.03 -1.75
C ARG A 56 8.98 5.58 -1.84
N GLY A 57 9.44 4.77 -0.87
CA GLY A 57 9.09 3.36 -0.84
C GLY A 57 7.60 3.19 -0.58
N ASP A 58 7.03 3.99 0.33
CA ASP A 58 5.61 3.94 0.62
C ASP A 58 4.76 4.19 -0.61
N TRP A 59 5.23 5.07 -1.50
CA TRP A 59 4.47 5.38 -2.70
C TRP A 59 4.43 4.19 -3.63
N HIS A 60 5.59 3.66 -4.03
CA HIS A 60 5.65 2.58 -5.01
C HIS A 60 5.04 1.30 -4.46
N VAL A 61 5.10 1.10 -3.15
CA VAL A 61 4.58 -0.12 -2.53
C VAL A 61 3.05 -0.05 -2.47
N ILE A 62 2.48 1.11 -2.16
CA ILE A 62 1.03 1.23 -2.05
C ILE A 62 0.38 1.12 -3.42
N LEU A 63 0.99 1.76 -4.45
CA LEU A 63 0.40 1.75 -5.78
C LEU A 63 0.43 0.35 -6.39
N TYR A 64 1.46 -0.45 -6.09
CA TYR A 64 1.54 -1.78 -6.66
C TYR A 64 0.51 -2.77 -6.10
N LEU A 65 0.21 -2.65 -4.80
CA LEU A 65 -0.76 -3.53 -4.18
C LEU A 65 -2.14 -3.28 -4.79
N MET A 66 -2.44 -2.02 -5.13
CA MET A 66 -3.71 -1.69 -5.75
C MET A 66 -3.83 -2.35 -7.13
N LYS A 67 -2.72 -2.41 -7.87
CA LYS A 67 -2.69 -3.08 -9.17
C LYS A 67 -2.69 -4.60 -9.02
N HIS A 68 -2.32 -5.10 -7.84
CA HIS A 68 -2.35 -6.53 -7.55
C HIS A 68 -3.77 -6.99 -7.26
N GLY A 69 -4.66 -6.04 -6.97
CA GLY A 69 -6.08 -6.32 -6.75
C GLY A 69 -6.47 -6.13 -5.28
N VAL A 70 -5.51 -5.89 -4.40
CA VAL A 70 -5.80 -5.65 -2.99
C VAL A 70 -5.77 -4.16 -2.70
N THR A 71 -6.78 -3.63 -2.00
CA THR A 71 -6.90 -2.19 -1.78
C THR A 71 -7.37 -1.79 -0.40
N ASP A 72 -7.76 -2.76 0.44
CA ASP A 72 -8.16 -2.46 1.81
C ASP A 72 -7.00 -1.84 2.60
N PRO A 73 -7.21 -0.68 3.23
CA PRO A 73 -6.16 0.04 3.93
C PRO A 73 -5.52 -0.79 5.03
N ASP A 74 -6.24 -1.78 5.59
CA ASP A 74 -5.69 -2.63 6.62
C ASP A 74 -4.78 -3.71 6.06
N LYS A 75 -5.03 -4.14 4.82
CA LYS A 75 -4.18 -5.11 4.15
C LYS A 75 -2.92 -4.42 3.62
N ILE A 76 -3.08 -3.22 3.08
CA ILE A 76 -1.95 -2.46 2.57
C ILE A 76 -1.02 -2.10 3.73
N LEU A 77 -1.60 -1.61 4.83
CA LEU A 77 -0.85 -1.18 6.00
C LEU A 77 -0.06 -2.35 6.58
N GLU A 78 -0.67 -3.55 6.58
CA GLU A 78 -0.06 -4.72 7.19
C GLU A 78 1.13 -5.21 6.36
N LEU A 79 1.20 -4.79 5.09
CA LEU A 79 2.26 -5.25 4.19
C LEU A 79 3.35 -4.19 3.97
N LEU A 80 3.15 -2.97 4.47
CA LEU A 80 4.21 -1.97 4.44
C LEU A 80 5.27 -2.32 5.49
N PRO A 81 6.55 -2.07 5.20
CA PRO A 81 7.67 -2.44 6.04
C PRO A 81 7.71 -1.62 7.32
N ARG A 82 8.60 -2.00 8.25
CA ARG A 82 8.67 -1.39 9.57
C ARG A 82 9.10 0.08 9.51
N ASP A 83 9.99 0.42 8.58
CA ASP A 83 10.52 1.77 8.49
C ASP A 83 9.60 2.74 7.73
N SER A 84 8.38 2.31 7.43
CA SER A 84 7.44 3.12 6.68
C SER A 84 7.11 4.42 7.43
N LYS A 85 6.97 5.52 6.68
CA LYS A 85 6.62 6.81 7.25
C LYS A 85 5.14 6.80 7.64
N ALA A 86 4.38 5.87 7.07
CA ALA A 86 2.96 5.70 7.35
C ALA A 86 2.75 4.69 8.49
N LYS A 87 3.83 4.28 9.17
CA LYS A 87 3.73 3.31 10.26
C LYS A 87 4.60 3.71 11.47
N GLU A 88 5.63 4.51 11.24
CA GLU A 88 6.48 5.00 12.34
C GLU A 88 6.57 6.53 12.30
N ASN A 89 5.68 7.19 13.05
CA ASN A 89 5.66 8.64 13.19
C ASN A 89 4.78 8.98 14.40
N GLU A 90 4.51 10.27 14.64
CA GLU A 90 3.58 10.66 15.69
C GLU A 90 2.20 10.08 15.38
N LYS A 91 1.43 9.74 16.42
CA LYS A 91 0.18 9.02 16.23
C LYS A 91 -0.77 9.77 15.30
N TRP A 92 -0.88 11.09 15.47
CA TRP A 92 -1.77 11.90 14.66
C TRP A 92 -1.22 12.08 13.25
N ASN A 93 0.11 12.06 13.11
CA ASN A 93 0.76 12.26 11.82
C ASN A 93 0.75 10.96 11.02
N THR A 94 0.77 9.81 11.71
CA THR A 94 0.78 8.51 11.06
C THR A 94 -0.55 8.23 10.36
N GLN A 95 -1.67 8.54 11.03
CA GLN A 95 -2.99 8.32 10.46
C GLN A 95 -3.26 9.34 9.36
N LYS A 96 -2.79 10.58 9.56
CA LYS A 96 -3.02 11.64 8.60
C LYS A 96 -2.25 11.37 7.32
N TYR A 97 -0.93 11.18 7.42
CA TYR A 97 -0.10 10.98 6.25
C TYR A 97 -0.41 9.69 5.51
N PHE A 98 -0.90 8.68 6.22
CA PHE A 98 -1.30 7.43 5.60
C PHE A 98 -2.44 7.61 4.61
N VAL A 99 -3.43 8.41 4.99
CA VAL A 99 -4.59 8.65 4.13
C VAL A 99 -4.22 9.59 2.99
N ILE A 100 -3.29 10.53 3.22
CA ILE A 100 -2.87 11.44 2.17
C ILE A 100 -2.13 10.67 1.08
N THR A 101 -1.30 9.69 1.47
CA THR A 101 -0.59 8.85 0.52
C THR A 101 -1.52 7.82 -0.11
N LEU A 102 -2.43 7.25 0.67
CA LEU A 102 -3.34 6.23 0.21
C LEU A 102 -4.35 6.82 -0.77
N SER A 103 -4.85 8.03 -0.50
CA SER A 103 -5.85 8.66 -1.36
C SER A 103 -5.26 9.03 -2.71
N LYS A 104 -4.04 9.58 -2.71
CA LYS A 104 -3.39 9.98 -3.95
C LYS A 104 -2.86 8.77 -4.71
N ALA A 105 -2.44 7.73 -4.00
CA ALA A 105 -1.98 6.51 -4.65
C ALA A 105 -3.14 5.86 -5.39
N TRP A 106 -4.30 5.78 -4.75
CA TRP A 106 -5.46 5.15 -5.36
C TRP A 106 -5.96 5.98 -6.54
N SER A 107 -5.76 7.30 -6.48
CA SER A 107 -6.16 8.19 -7.56
C SER A 107 -5.33 7.95 -8.81
N VAL A 108 -4.06 7.55 -8.64
CA VAL A 108 -3.16 7.36 -9.77
C VAL A 108 -3.42 6.02 -10.42
N VAL A 109 -3.66 4.97 -9.61
CA VAL A 109 -3.87 3.65 -10.17
C VAL A 109 -5.29 3.50 -10.74
N LYS A 110 -6.29 4.16 -10.16
CA LYS A 110 -7.65 4.01 -10.63
C LYS A 110 -7.84 4.71 -11.96
N LYS A 111 -7.12 5.81 -12.21
CA LYS A 111 -7.21 6.49 -13.50
C LYS A 111 -6.35 5.76 -14.53
N TYR A 112 -5.38 4.96 -14.05
CA TYR A 112 -4.54 4.16 -14.92
C TYR A 112 -5.15 2.81 -15.33
N LEU A 113 -5.93 2.20 -14.44
CA LEU A 113 -6.55 0.91 -14.71
C LEU A 113 -7.84 1.10 -15.51
N GLU A 114 -8.48 2.27 -15.39
CA GLU A 114 -9.72 2.56 -16.12
C GLU A 114 -9.42 3.25 -17.45
N ALA A 115 -8.13 3.39 -17.80
CA ALA A 115 -7.71 4.02 -19.03
C ALA A 115 -8.17 3.21 -20.25
N THR A 1 -12.68 17.28 4.02
CA THR A 1 -11.81 16.18 4.48
C THR A 1 -12.54 14.86 4.70
N VAL A 2 -13.59 14.88 5.53
CA VAL A 2 -14.32 13.67 5.89
C VAL A 2 -15.21 13.18 4.76
N VAL A 3 -15.61 14.07 3.84
CA VAL A 3 -16.49 13.70 2.74
C VAL A 3 -15.71 12.96 1.67
N GLU A 4 -14.45 13.35 1.47
CA GLU A 4 -13.57 12.71 0.51
C GLU A 4 -13.05 11.40 1.08
N PHE A 5 -12.97 11.31 2.41
CA PHE A 5 -12.49 10.12 3.08
C PHE A 5 -13.53 9.00 3.16
N GLU A 6 -14.81 9.35 3.35
CA GLU A 6 -15.86 8.35 3.46
C GLU A 6 -16.22 7.80 2.08
N GLU A 7 -16.07 8.62 1.04
CA GLU A 7 -16.26 8.16 -0.33
C GLU A 7 -15.09 7.28 -0.78
N LEU A 8 -13.90 7.53 -0.21
CA LEU A 8 -12.74 6.71 -0.50
C LEU A 8 -12.86 5.37 0.24
N ARG A 9 -13.35 5.41 1.48
CA ARG A 9 -13.46 4.22 2.30
C ARG A 9 -14.36 3.18 1.63
N LYS A 10 -15.48 3.63 1.05
CA LYS A 10 -16.42 2.71 0.42
C LYS A 10 -15.90 2.25 -0.94
N GLU A 11 -15.05 3.05 -1.60
CA GLU A 11 -14.49 2.66 -2.88
C GLU A 11 -13.45 1.57 -2.71
N LEU A 12 -12.61 1.67 -1.67
CA LEU A 12 -11.55 0.69 -1.47
C LEU A 12 -12.14 -0.67 -1.10
N VAL A 13 -13.10 -0.71 -0.17
CA VAL A 13 -13.67 -1.99 0.24
C VAL A 13 -14.47 -2.64 -0.89
N LYS A 14 -14.92 -1.84 -1.86
CA LYS A 14 -15.65 -2.33 -3.01
C LYS A 14 -14.69 -2.85 -4.09
N ARG A 15 -13.44 -2.39 -4.05
CA ARG A 15 -12.44 -2.74 -5.06
C ARG A 15 -11.42 -3.74 -4.50
N ASP A 16 -11.50 -4.05 -3.21
CA ASP A 16 -10.54 -4.92 -2.55
C ASP A 16 -10.69 -6.36 -3.06
N SER A 17 -9.62 -7.16 -2.95
CA SER A 17 -9.64 -8.54 -3.41
C SER A 17 -10.41 -9.42 -2.43
N GLY A 18 -10.58 -8.95 -1.19
CA GLY A 18 -11.29 -9.69 -0.15
C GLY A 18 -10.48 -10.86 0.40
N LYS A 19 -9.29 -11.10 -0.18
CA LYS A 19 -8.42 -12.19 0.25
C LYS A 19 -7.59 -11.75 1.45
N PRO A 20 -7.33 -12.66 2.41
CA PRO A 20 -6.60 -12.36 3.63
C PRO A 20 -5.13 -12.08 3.31
N VAL A 21 -4.51 -11.20 4.11
CA VAL A 21 -3.13 -10.79 3.86
C VAL A 21 -2.16 -11.97 3.84
N GLU A 22 -2.48 -13.07 4.51
CA GLU A 22 -1.60 -14.23 4.54
C GLU A 22 -1.53 -14.88 3.16
N LYS A 23 -2.56 -14.67 2.33
CA LYS A 23 -2.61 -15.20 0.97
C LYS A 23 -2.02 -14.20 -0.01
N ILE A 24 -2.16 -12.90 0.29
CA ILE A 24 -1.70 -11.84 -0.60
C ILE A 24 -0.19 -11.94 -0.82
N LYS A 25 0.58 -12.17 0.24
CA LYS A 25 2.03 -12.18 0.17
C LYS A 25 2.53 -13.28 -0.75
N GLU A 26 1.73 -14.34 -0.94
CA GLU A 26 2.13 -15.45 -1.79
C GLU A 26 1.96 -15.04 -3.25
N GLU A 27 0.81 -14.46 -3.59
CA GLU A 27 0.53 -14.04 -4.95
C GLU A 27 1.44 -12.88 -5.35
N ILE A 28 1.80 -12.05 -4.37
CA ILE A 28 2.67 -10.90 -4.61
C ILE A 28 4.07 -11.38 -4.98
N CYS A 29 4.52 -12.47 -4.37
CA CYS A 29 5.89 -12.91 -4.51
C CYS A 29 6.07 -13.75 -5.78
N THR A 30 4.98 -14.21 -6.39
CA THR A 30 5.07 -14.98 -7.64
C THR A 30 4.53 -14.25 -8.87
N LYS A 31 4.01 -13.03 -8.68
CA LYS A 31 3.50 -12.22 -9.78
C LYS A 31 4.51 -11.13 -10.18
N SER A 32 5.72 -11.18 -9.63
CA SER A 32 6.76 -10.24 -9.97
C SER A 32 8.14 -10.89 -9.85
N PRO A 33 9.04 -10.62 -10.82
CA PRO A 33 10.42 -11.07 -10.77
C PRO A 33 11.14 -10.51 -9.54
N PRO A 34 12.38 -10.96 -9.29
CA PRO A 34 13.21 -10.43 -8.22
C PRO A 34 13.38 -8.93 -8.36
N LYS A 35 12.70 -8.17 -7.48
CA LYS A 35 12.72 -6.71 -7.50
C LYS A 35 12.59 -6.18 -6.08
N LEU A 36 12.84 -4.88 -5.88
CA LEU A 36 12.82 -4.28 -4.56
C LEU A 36 11.46 -4.42 -3.90
N ILE A 37 10.38 -4.45 -4.70
CA ILE A 37 9.03 -4.60 -4.16
C ILE A 37 8.84 -6.01 -3.60
N LYS A 38 9.43 -7.01 -4.25
CA LYS A 38 9.37 -8.38 -3.77
C LYS A 38 10.25 -8.56 -2.55
N GLU A 39 11.39 -7.86 -2.53
CA GLU A 39 12.32 -7.93 -1.42
C GLU A 39 11.69 -7.44 -0.13
N ILE A 40 10.80 -6.45 -0.19
CA ILE A 40 10.20 -5.88 1.01
C ILE A 40 9.09 -6.78 1.56
N ILE A 41 8.19 -7.23 0.69
CA ILE A 41 6.97 -7.92 1.13
C ILE A 41 7.19 -9.43 1.28
N CYS A 42 8.14 -10.01 0.54
CA CYS A 42 8.34 -11.45 0.56
C CYS A 42 9.52 -11.85 1.45
N GLU A 43 10.16 -10.87 2.12
CA GLU A 43 11.28 -11.16 3.02
C GLU A 43 11.08 -10.47 4.38
N ASN A 44 9.97 -9.75 4.55
CA ASN A 44 9.61 -9.09 5.80
C ASN A 44 10.67 -8.08 6.27
N LYS A 45 11.54 -7.61 5.37
CA LYS A 45 12.57 -6.64 5.72
C LYS A 45 12.01 -5.21 5.64
N THR A 46 12.88 -4.21 5.82
CA THR A 46 12.48 -2.82 5.84
C THR A 46 13.23 -1.98 4.80
N TYR A 47 12.80 -0.74 4.58
CA TYR A 47 13.37 0.11 3.54
C TYR A 47 14.85 0.38 3.71
N ALA A 48 15.33 0.40 4.96
CA ALA A 48 16.74 0.64 5.24
C ALA A 48 17.60 -0.55 4.83
N ASP A 49 17.00 -1.73 4.64
CA ASP A 49 17.75 -2.91 4.27
C ASP A 49 17.99 -2.92 2.76
N VAL A 50 17.02 -2.36 2.01
CA VAL A 50 17.12 -2.26 0.54
C VAL A 50 17.65 -0.89 0.12
N ASN A 51 18.03 -0.06 1.10
CA ASN A 51 18.65 1.24 0.87
C ASN A 51 17.80 2.12 -0.06
N ILE A 52 16.52 2.30 0.29
CA ILE A 52 15.62 3.16 -0.47
C ILE A 52 15.03 4.22 0.45
N ASP A 53 14.65 5.36 -0.11
CA ASP A 53 13.99 6.41 0.66
C ASP A 53 12.63 5.90 1.16
N ARG A 54 12.36 6.12 2.45
CA ARG A 54 11.18 5.56 3.09
C ARG A 54 9.88 6.14 2.51
N SER A 55 9.94 7.36 1.98
CA SER A 55 8.77 7.99 1.39
C SER A 55 8.57 7.52 -0.05
N ARG A 56 9.67 7.28 -0.77
CA ARG A 56 9.62 6.83 -2.16
C ARG A 56 9.16 5.38 -2.20
N GLY A 57 9.65 4.57 -1.27
CA GLY A 57 9.28 3.17 -1.21
C GLY A 57 7.82 3.01 -0.87
N ASP A 58 7.33 3.82 0.08
CA ASP A 58 5.95 3.76 0.53
C ASP A 58 5.01 4.05 -0.65
N TRP A 59 5.43 4.95 -1.55
CA TRP A 59 4.60 5.29 -2.69
C TRP A 59 4.48 4.11 -3.65
N HIS A 60 5.61 3.56 -4.10
CA HIS A 60 5.59 2.50 -5.09
C HIS A 60 4.99 1.22 -4.52
N VAL A 61 5.10 1.00 -3.20
CA VAL A 61 4.55 -0.21 -2.58
C VAL A 61 3.04 -0.10 -2.52
N ILE A 62 2.50 1.08 -2.19
CA ILE A 62 1.06 1.24 -2.09
C ILE A 62 0.41 1.12 -3.46
N LEU A 63 0.99 1.75 -4.49
CA LEU A 63 0.39 1.75 -5.82
C LEU A 63 0.44 0.34 -6.42
N TYR A 64 1.47 -0.44 -6.09
CA TYR A 64 1.62 -1.78 -6.66
C TYR A 64 0.62 -2.79 -6.12
N LEU A 65 0.28 -2.68 -4.83
CA LEU A 65 -0.72 -3.57 -4.23
C LEU A 65 -2.09 -3.30 -4.86
N MET A 66 -2.39 -2.04 -5.18
CA MET A 66 -3.66 -1.70 -5.79
C MET A 66 -3.79 -2.34 -7.16
N LYS A 67 -2.68 -2.41 -7.91
CA LYS A 67 -2.66 -3.06 -9.22
C LYS A 67 -2.70 -4.58 -9.09
N HIS A 68 -2.37 -5.12 -7.90
CA HIS A 68 -2.44 -6.54 -7.63
C HIS A 68 -3.89 -6.96 -7.36
N GLY A 69 -4.75 -5.98 -7.05
CA GLY A 69 -6.17 -6.22 -6.84
C GLY A 69 -6.56 -6.02 -5.37
N VAL A 70 -5.58 -5.85 -4.48
CA VAL A 70 -5.84 -5.62 -3.07
C VAL A 70 -5.79 -4.12 -2.79
N THR A 71 -6.80 -3.59 -2.10
CA THR A 71 -6.92 -2.14 -1.89
C THR A 71 -7.37 -1.74 -0.49
N ASP A 72 -7.75 -2.71 0.35
CA ASP A 72 -8.13 -2.43 1.73
C ASP A 72 -6.96 -1.84 2.50
N PRO A 73 -7.13 -0.66 3.13
CA PRO A 73 -6.06 0.03 3.83
C PRO A 73 -5.44 -0.83 4.94
N ASP A 74 -6.20 -1.79 5.49
CA ASP A 74 -5.68 -2.65 6.55
C ASP A 74 -4.75 -3.72 6.00
N LYS A 75 -4.94 -4.11 4.73
CA LYS A 75 -4.08 -5.08 4.08
C LYS A 75 -2.82 -4.40 3.57
N ILE A 76 -2.95 -3.19 3.03
CA ILE A 76 -1.81 -2.43 2.54
C ILE A 76 -0.92 -2.02 3.71
N LEU A 77 -1.53 -1.66 4.83
CA LEU A 77 -0.82 -1.24 6.03
C LEU A 77 -0.06 -2.42 6.63
N GLU A 78 -0.67 -3.60 6.63
CA GLU A 78 -0.10 -4.78 7.25
C GLU A 78 1.10 -5.29 6.45
N LEU A 79 1.21 -4.88 5.18
CA LEU A 79 2.28 -5.34 4.30
C LEU A 79 3.36 -4.27 4.10
N LEU A 80 3.13 -3.05 4.60
CA LEU A 80 4.14 -2.01 4.55
C LEU A 80 5.21 -2.29 5.62
N PRO A 81 6.48 -2.00 5.31
CA PRO A 81 7.60 -2.29 6.18
C PRO A 81 7.61 -1.38 7.41
N ARG A 82 8.51 -1.67 8.35
CA ARG A 82 8.59 -0.96 9.62
C ARG A 82 8.93 0.51 9.44
N ASP A 83 9.84 0.81 8.52
CA ASP A 83 10.37 2.16 8.36
C ASP A 83 9.49 3.09 7.53
N SER A 84 8.27 2.63 7.17
CA SER A 84 7.38 3.44 6.35
C SER A 84 6.97 4.70 7.09
N LYS A 85 6.88 5.82 6.36
CA LYS A 85 6.49 7.10 6.93
C LYS A 85 5.02 7.06 7.36
N ALA A 86 4.27 6.10 6.81
CA ALA A 86 2.86 5.94 7.10
C ALA A 86 2.64 5.00 8.28
N LYS A 87 3.71 4.55 8.93
CA LYS A 87 3.64 3.64 10.08
C LYS A 87 4.49 4.13 11.25
N GLU A 88 5.52 4.93 10.96
CA GLU A 88 6.36 5.52 12.00
C GLU A 88 6.59 7.00 11.74
N ASN A 89 5.98 7.86 12.56
CA ASN A 89 6.17 9.30 12.49
C ASN A 89 5.67 9.93 13.79
N GLU A 90 4.41 9.66 14.14
CA GLU A 90 3.78 10.11 15.37
C GLU A 90 2.78 9.02 15.81
N LYS A 91 1.50 9.38 15.96
CA LYS A 91 0.46 8.40 16.23
C LYS A 91 -0.83 8.78 15.50
N TRP A 92 -1.48 9.86 15.93
CA TRP A 92 -2.72 10.29 15.31
C TRP A 92 -2.44 10.92 13.94
N ASN A 93 -1.29 11.60 13.82
CA ASN A 93 -0.90 12.23 12.57
C ASN A 93 -0.46 11.15 11.58
N THR A 94 0.04 10.02 12.09
CA THR A 94 0.43 8.91 11.22
C THR A 94 -0.75 8.29 10.49
N GLN A 95 -1.90 8.19 11.17
CA GLN A 95 -3.10 7.64 10.56
C GLN A 95 -3.64 8.59 9.49
N LYS A 96 -3.54 9.91 9.72
CA LYS A 96 -4.00 10.90 8.76
C LYS A 96 -3.03 10.97 7.59
N TYR A 97 -1.72 10.94 7.86
CA TYR A 97 -0.70 11.07 6.84
C TYR A 97 -0.68 9.79 5.99
N PHE A 98 -1.14 8.67 6.56
CA PHE A 98 -1.34 7.44 5.82
C PHE A 98 -2.42 7.58 4.75
N VAL A 99 -3.53 8.22 5.11
CA VAL A 99 -4.65 8.39 4.20
C VAL A 99 -4.27 9.35 3.07
N ILE A 100 -3.36 10.29 3.34
CA ILE A 100 -2.93 11.26 2.34
C ILE A 100 -2.15 10.55 1.23
N THR A 101 -1.26 9.62 1.61
CA THR A 101 -0.52 8.83 0.63
C THR A 101 -1.42 7.80 -0.05
N LEU A 102 -2.35 7.22 0.72
CA LEU A 102 -3.24 6.19 0.22
C LEU A 102 -4.24 6.79 -0.78
N SER A 103 -4.77 7.97 -0.48
CA SER A 103 -5.78 8.59 -1.33
C SER A 103 -5.18 9.01 -2.67
N LYS A 104 -3.96 9.53 -2.65
CA LYS A 104 -3.29 9.95 -3.88
C LYS A 104 -2.79 8.75 -4.66
N ALA A 105 -2.38 7.70 -3.94
CA ALA A 105 -1.92 6.48 -4.60
C ALA A 105 -3.09 5.83 -5.34
N TRP A 106 -4.24 5.74 -4.69
CA TRP A 106 -5.41 5.14 -5.31
C TRP A 106 -5.90 6.00 -6.46
N SER A 107 -5.70 7.31 -6.38
CA SER A 107 -6.09 8.21 -7.44
C SER A 107 -5.26 7.98 -8.71
N VAL A 108 -3.99 7.60 -8.54
CA VAL A 108 -3.09 7.44 -9.68
C VAL A 108 -3.35 6.10 -10.35
N VAL A 109 -3.58 5.05 -9.58
CA VAL A 109 -3.78 3.72 -10.16
C VAL A 109 -5.18 3.56 -10.73
N LYS A 110 -6.19 4.24 -10.17
CA LYS A 110 -7.55 4.08 -10.65
C LYS A 110 -7.74 4.80 -11.99
N LYS A 111 -7.04 5.92 -12.20
CA LYS A 111 -7.13 6.63 -13.47
C LYS A 111 -6.26 5.95 -14.52
N TYR A 112 -5.24 5.21 -14.06
CA TYR A 112 -4.38 4.44 -14.94
C TYR A 112 -4.97 3.10 -15.38
N LEU A 113 -5.72 2.45 -14.48
CA LEU A 113 -6.30 1.14 -14.76
C LEU A 113 -7.61 1.28 -15.52
N GLU A 114 -8.23 2.46 -15.47
CA GLU A 114 -9.46 2.74 -16.20
C GLU A 114 -9.18 2.90 -17.70
N ALA A 115 -7.92 3.18 -18.05
CA ALA A 115 -7.53 3.40 -19.44
C ALA A 115 -7.66 2.11 -20.25
N THR A 1 -14.93 18.20 2.09
CA THR A 1 -13.73 17.33 2.09
C THR A 1 -14.01 15.94 2.66
N VAL A 2 -14.60 15.88 3.86
CA VAL A 2 -14.86 14.61 4.53
C VAL A 2 -15.79 13.72 3.73
N VAL A 3 -16.66 14.33 2.90
CA VAL A 3 -17.59 13.57 2.09
C VAL A 3 -16.85 12.82 0.98
N GLU A 4 -15.72 13.36 0.53
CA GLU A 4 -14.92 12.73 -0.51
C GLU A 4 -14.11 11.57 0.07
N PHE A 5 -13.80 11.65 1.37
CA PHE A 5 -13.10 10.56 2.05
C PHE A 5 -13.97 9.35 2.34
N GLU A 6 -15.27 9.55 2.48
CA GLU A 6 -16.22 8.45 2.63
C GLU A 6 -16.49 7.81 1.28
N GLU A 7 -16.40 8.61 0.20
CA GLU A 7 -16.57 8.11 -1.15
C GLU A 7 -15.35 7.26 -1.53
N LEU A 8 -14.20 7.58 -0.95
CA LEU A 8 -12.98 6.80 -1.15
C LEU A 8 -13.06 5.52 -0.34
N ARG A 9 -13.59 5.59 0.89
CA ARG A 9 -13.66 4.44 1.76
C ARG A 9 -14.54 3.35 1.17
N LYS A 10 -15.66 3.73 0.55
CA LYS A 10 -16.57 2.74 -0.04
C LYS A 10 -15.99 2.20 -1.34
N GLU A 11 -15.14 2.98 -2.02
CA GLU A 11 -14.54 2.55 -3.27
C GLU A 11 -13.47 1.49 -3.01
N LEU A 12 -12.67 1.66 -1.96
CA LEU A 12 -11.59 0.72 -1.67
C LEU A 12 -12.15 -0.63 -1.24
N VAL A 13 -13.18 -0.65 -0.38
CA VAL A 13 -13.72 -1.92 0.10
C VAL A 13 -14.46 -2.66 -1.01
N LYS A 14 -14.92 -1.93 -2.05
CA LYS A 14 -15.58 -2.54 -3.19
C LYS A 14 -14.55 -3.11 -4.17
N ARG A 15 -13.34 -2.53 -4.18
CA ARG A 15 -12.28 -2.92 -5.11
C ARG A 15 -11.33 -3.94 -4.48
N ASP A 16 -11.44 -4.16 -3.18
CA ASP A 16 -10.50 -5.01 -2.47
C ASP A 16 -10.63 -6.48 -2.91
N SER A 17 -9.57 -7.26 -2.74
CA SER A 17 -9.55 -8.66 -3.13
C SER A 17 -10.33 -9.51 -2.13
N GLY A 18 -10.50 -9.00 -0.91
CA GLY A 18 -11.22 -9.70 0.14
C GLY A 18 -10.39 -10.83 0.76
N LYS A 19 -9.20 -11.10 0.21
CA LYS A 19 -8.34 -12.15 0.70
C LYS A 19 -7.51 -11.64 1.89
N PRO A 20 -7.19 -12.51 2.85
CA PRO A 20 -6.40 -12.15 4.01
C PRO A 20 -4.97 -11.81 3.60
N VAL A 21 -4.32 -10.91 4.33
CA VAL A 21 -2.98 -10.45 4.00
C VAL A 21 -1.96 -11.59 3.93
N GLU A 22 -2.20 -12.68 4.66
CA GLU A 22 -1.25 -13.80 4.68
C GLU A 22 -1.29 -14.56 3.36
N LYS A 23 -2.37 -14.41 2.60
CA LYS A 23 -2.49 -15.04 1.28
C LYS A 23 -1.91 -14.12 0.21
N ILE A 24 -1.91 -12.81 0.48
CA ILE A 24 -1.37 -11.84 -0.46
C ILE A 24 0.12 -12.06 -0.62
N LYS A 25 0.83 -12.40 0.47
CA LYS A 25 2.27 -12.58 0.42
C LYS A 25 2.65 -13.63 -0.64
N GLU A 26 1.80 -14.65 -0.82
CA GLU A 26 2.09 -15.73 -1.75
C GLU A 26 1.90 -15.25 -3.18
N GLU A 27 0.79 -14.55 -3.44
CA GLU A 27 0.49 -14.07 -4.77
C GLU A 27 1.49 -12.99 -5.18
N ILE A 28 2.00 -12.22 -4.22
CA ILE A 28 2.97 -11.18 -4.52
C ILE A 28 4.28 -11.81 -4.99
N CYS A 29 4.67 -12.95 -4.40
CA CYS A 29 5.94 -13.58 -4.69
C CYS A 29 5.93 -14.30 -6.04
N THR A 30 4.75 -14.64 -6.57
CA THR A 30 4.64 -15.41 -7.81
C THR A 30 4.02 -14.64 -8.98
N LYS A 31 3.76 -13.33 -8.80
CA LYS A 31 3.18 -12.50 -9.86
C LYS A 31 4.22 -11.60 -10.52
N SER A 32 5.49 -12.03 -10.50
CA SER A 32 6.59 -11.27 -11.09
C SER A 32 6.58 -9.83 -10.59
N PRO A 33 6.75 -9.63 -9.29
CA PRO A 33 6.67 -8.33 -8.64
C PRO A 33 7.84 -7.44 -9.05
N PRO A 34 7.69 -6.12 -8.91
CA PRO A 34 8.77 -5.15 -9.06
C PRO A 34 9.95 -5.48 -8.15
N LYS A 35 11.13 -4.93 -8.48
CA LYS A 35 12.35 -5.22 -7.73
C LYS A 35 12.21 -4.80 -6.27
N LEU A 36 11.52 -3.68 -6.02
CA LEU A 36 11.35 -3.17 -4.67
C LEU A 36 10.38 -4.05 -3.89
N ILE A 37 9.36 -4.59 -4.58
CA ILE A 37 8.34 -5.40 -3.92
C ILE A 37 8.89 -6.78 -3.59
N LYS A 38 9.68 -7.36 -4.50
CA LYS A 38 10.25 -8.68 -4.28
C LYS A 38 11.13 -8.64 -3.03
N GLU A 39 11.90 -7.56 -2.88
CA GLU A 39 12.79 -7.41 -1.75
C GLU A 39 12.00 -7.18 -0.45
N ILE A 40 11.03 -6.26 -0.46
CA ILE A 40 10.39 -5.83 0.78
C ILE A 40 9.30 -6.79 1.24
N ILE A 41 8.40 -7.19 0.35
CA ILE A 41 7.22 -7.97 0.76
C ILE A 41 7.47 -9.47 0.68
N CYS A 42 8.42 -9.94 -0.14
CA CYS A 42 8.63 -11.37 -0.27
C CYS A 42 9.78 -11.84 0.64
N GLU A 43 10.41 -10.93 1.39
CA GLU A 43 11.48 -11.28 2.31
C GLU A 43 11.27 -10.65 3.69
N ASN A 44 10.15 -9.93 3.88
CA ASN A 44 9.77 -9.35 5.17
C ASN A 44 10.83 -8.41 5.76
N LYS A 45 11.73 -7.88 4.93
CA LYS A 45 12.76 -6.95 5.39
C LYS A 45 12.19 -5.53 5.45
N THR A 46 13.06 -4.52 5.55
CA THR A 46 12.66 -3.13 5.71
C THR A 46 13.38 -2.19 4.74
N TYR A 47 12.94 -0.93 4.65
CA TYR A 47 13.47 0.02 3.67
C TYR A 47 14.97 0.30 3.82
N ALA A 48 15.46 0.24 5.06
CA ALA A 48 16.88 0.49 5.33
C ALA A 48 17.75 -0.64 4.81
N ASP A 49 17.16 -1.82 4.54
CA ASP A 49 17.92 -2.95 4.07
C ASP A 49 18.13 -2.81 2.56
N VAL A 50 17.20 -2.11 1.89
CA VAL A 50 17.27 -1.89 0.45
C VAL A 50 17.71 -0.46 0.12
N ASN A 51 18.10 0.31 1.14
CA ASN A 51 18.64 1.65 0.98
C ASN A 51 17.71 2.57 0.19
N ILE A 52 16.42 2.58 0.54
CA ILE A 52 15.44 3.46 -0.10
C ILE A 52 14.82 4.39 0.93
N ASP A 53 14.34 5.56 0.47
CA ASP A 53 13.65 6.50 1.35
C ASP A 53 12.29 5.97 1.77
N ARG A 54 11.89 6.24 3.02
CA ARG A 54 10.70 5.67 3.60
C ARG A 54 9.44 6.14 2.88
N SER A 55 9.37 7.43 2.55
CA SER A 55 8.18 8.00 1.92
C SER A 55 8.11 7.61 0.45
N ARG A 56 9.26 7.46 -0.20
CA ARG A 56 9.32 7.06 -1.60
C ARG A 56 8.96 5.59 -1.73
N GLY A 57 9.37 4.77 -0.77
CA GLY A 57 9.05 3.36 -0.77
C GLY A 57 7.56 3.18 -0.53
N ASP A 58 6.98 3.97 0.39
CA ASP A 58 5.56 3.90 0.67
C ASP A 58 4.71 4.17 -0.56
N TRP A 59 5.19 5.05 -1.46
CA TRP A 59 4.44 5.37 -2.65
C TRP A 59 4.40 4.18 -3.59
N HIS A 60 5.56 3.66 -3.98
CA HIS A 60 5.64 2.59 -4.96
C HIS A 60 5.02 1.29 -4.42
N VAL A 61 5.08 1.09 -3.10
CA VAL A 61 4.57 -0.14 -2.51
C VAL A 61 3.04 -0.08 -2.47
N ILE A 62 2.47 1.09 -2.17
CA ILE A 62 1.02 1.20 -2.07
C ILE A 62 0.38 1.11 -3.45
N LEU A 63 1.00 1.72 -4.48
CA LEU A 63 0.41 1.73 -5.80
C LEU A 63 0.44 0.33 -6.42
N TYR A 64 1.46 -0.48 -6.13
CA TYR A 64 1.54 -1.81 -6.71
C TYR A 64 0.54 -2.80 -6.12
N LEU A 65 0.25 -2.67 -4.81
CA LEU A 65 -0.71 -3.55 -4.16
C LEU A 65 -2.11 -3.29 -4.72
N MET A 66 -2.40 -2.04 -5.09
CA MET A 66 -3.68 -1.71 -5.68
C MET A 66 -3.84 -2.39 -7.05
N LYS A 67 -2.74 -2.46 -7.82
CA LYS A 67 -2.74 -3.14 -9.10
C LYS A 67 -2.72 -4.66 -8.93
N HIS A 68 -2.36 -5.14 -7.74
CA HIS A 68 -2.37 -6.56 -7.42
C HIS A 68 -3.80 -7.02 -7.14
N GLY A 69 -4.70 -6.07 -6.84
CA GLY A 69 -6.11 -6.35 -6.62
C GLY A 69 -6.51 -6.16 -5.15
N VAL A 70 -5.53 -5.91 -4.28
CA VAL A 70 -5.81 -5.69 -2.86
C VAL A 70 -5.78 -4.18 -2.61
N THR A 71 -6.86 -3.64 -2.03
CA THR A 71 -7.00 -2.19 -1.86
C THR A 71 -7.53 -1.75 -0.51
N ASP A 72 -7.88 -2.70 0.38
CA ASP A 72 -8.30 -2.38 1.73
C ASP A 72 -7.16 -1.69 2.49
N PRO A 73 -7.40 -0.51 3.10
CA PRO A 73 -6.38 0.27 3.77
C PRO A 73 -5.70 -0.52 4.89
N ASP A 74 -6.36 -1.52 5.47
CA ASP A 74 -5.77 -2.32 6.53
C ASP A 74 -4.79 -3.33 5.93
N LYS A 75 -5.12 -3.88 4.76
CA LYS A 75 -4.25 -4.84 4.09
C LYS A 75 -3.05 -4.12 3.49
N ILE A 76 -3.27 -2.92 2.93
CA ILE A 76 -2.19 -2.12 2.37
C ILE A 76 -1.22 -1.73 3.48
N LEU A 77 -1.76 -1.35 4.64
CA LEU A 77 -0.98 -0.89 5.78
C LEU A 77 -0.17 -2.03 6.40
N GLU A 78 -0.79 -3.22 6.52
CA GLU A 78 -0.19 -4.34 7.20
C GLU A 78 1.01 -4.88 6.42
N LEU A 79 1.08 -4.57 5.12
CA LEU A 79 2.14 -5.07 4.26
C LEU A 79 3.28 -4.05 4.10
N LEU A 80 3.17 -2.89 4.73
CA LEU A 80 4.26 -1.93 4.74
C LEU A 80 5.35 -2.40 5.70
N PRO A 81 6.63 -2.15 5.36
CA PRO A 81 7.77 -2.56 6.16
C PRO A 81 7.83 -1.78 7.47
N ARG A 82 8.75 -2.19 8.35
CA ARG A 82 8.88 -1.61 9.68
C ARG A 82 9.31 -0.14 9.61
N ASP A 83 10.09 0.23 8.60
CA ASP A 83 10.58 1.60 8.45
C ASP A 83 9.62 2.53 7.72
N SER A 84 8.40 2.06 7.43
CA SER A 84 7.43 2.85 6.71
C SER A 84 7.09 4.12 7.47
N LYS A 85 6.99 5.25 6.75
CA LYS A 85 6.64 6.52 7.37
C LYS A 85 5.17 6.51 7.81
N ALA A 86 4.39 5.61 7.21
CA ALA A 86 3.00 5.39 7.58
C ALA A 86 2.88 4.48 8.79
N LYS A 87 4.00 4.19 9.46
CA LYS A 87 4.03 3.34 10.65
C LYS A 87 4.98 3.89 11.72
N GLU A 88 6.04 4.58 11.30
CA GLU A 88 7.00 5.18 12.23
C GLU A 88 6.79 6.69 12.32
N ASN A 89 5.73 7.10 13.02
CA ASN A 89 5.41 8.50 13.23
C ASN A 89 4.48 8.61 14.45
N GLU A 90 4.16 9.84 14.87
CA GLU A 90 3.24 10.05 15.98
C GLU A 90 1.87 9.52 15.60
N LYS A 91 1.06 9.12 16.59
CA LYS A 91 -0.21 8.45 16.34
C LYS A 91 -1.11 9.28 15.42
N TRP A 92 -1.21 10.59 15.68
CA TRP A 92 -2.10 11.46 14.92
C TRP A 92 -1.52 11.73 13.54
N ASN A 93 -0.19 11.74 13.43
CA ASN A 93 0.47 12.01 12.16
C ASN A 93 0.50 10.76 11.30
N THR A 94 0.45 9.57 11.92
CA THR A 94 0.46 8.31 11.20
C THR A 94 -0.83 8.12 10.43
N GLN A 95 -1.97 8.42 11.08
CA GLN A 95 -3.26 8.29 10.43
C GLN A 95 -3.44 9.36 9.36
N LYS A 96 -2.94 10.57 9.62
CA LYS A 96 -3.08 11.67 8.68
C LYS A 96 -2.27 11.40 7.43
N TYR A 97 -0.97 11.16 7.58
CA TYR A 97 -0.09 10.94 6.43
C TYR A 97 -0.44 9.70 5.63
N PHE A 98 -0.93 8.65 6.29
CA PHE A 98 -1.34 7.45 5.61
C PHE A 98 -2.46 7.67 4.60
N VAL A 99 -3.44 8.48 4.99
CA VAL A 99 -4.59 8.75 4.13
C VAL A 99 -4.18 9.68 2.99
N ILE A 100 -3.21 10.57 3.21
CA ILE A 100 -2.74 11.46 2.17
C ILE A 100 -2.05 10.65 1.07
N THR A 101 -1.25 9.67 1.48
CA THR A 101 -0.56 8.80 0.53
C THR A 101 -1.50 7.80 -0.12
N LEU A 102 -2.46 7.29 0.65
CA LEU A 102 -3.42 6.30 0.18
C LEU A 102 -4.38 6.93 -0.82
N SER A 103 -4.86 8.14 -0.55
CA SER A 103 -5.84 8.79 -1.40
C SER A 103 -5.23 9.15 -2.75
N LYS A 104 -3.99 9.63 -2.76
CA LYS A 104 -3.32 10.00 -3.99
C LYS A 104 -2.83 8.77 -4.74
N ALA A 105 -2.45 7.72 -4.02
CA ALA A 105 -1.99 6.51 -4.65
C ALA A 105 -3.14 5.85 -5.41
N TRP A 106 -4.32 5.77 -4.78
CA TRP A 106 -5.47 5.16 -5.40
C TRP A 106 -5.95 6.00 -6.58
N SER A 107 -5.74 7.32 -6.50
CA SER A 107 -6.13 8.22 -7.58
C SER A 107 -5.30 7.94 -8.84
N VAL A 108 -4.03 7.57 -8.67
CA VAL A 108 -3.13 7.37 -9.81
C VAL A 108 -3.41 6.02 -10.46
N VAL A 109 -3.65 4.98 -9.65
CA VAL A 109 -3.87 3.65 -10.20
C VAL A 109 -5.28 3.50 -10.77
N LYS A 110 -6.27 4.19 -10.20
CA LYS A 110 -7.64 4.05 -10.67
C LYS A 110 -7.82 4.77 -12.01
N LYS A 111 -7.09 5.87 -12.24
CA LYS A 111 -7.15 6.56 -13.52
C LYS A 111 -6.30 5.82 -14.55
N TYR A 112 -5.36 4.99 -14.08
CA TYR A 112 -4.52 4.18 -14.95
C TYR A 112 -5.15 2.85 -15.37
N LEU A 113 -5.95 2.25 -14.48
CA LEU A 113 -6.60 0.98 -14.76
C LEU A 113 -7.89 1.18 -15.57
N GLU A 114 -8.50 2.36 -15.44
CA GLU A 114 -9.73 2.68 -16.17
C GLU A 114 -9.41 3.34 -17.51
N ALA A 115 -8.13 3.45 -17.85
CA ALA A 115 -7.70 4.06 -19.10
C ALA A 115 -8.13 3.21 -20.30
N THR A 1 -14.75 18.38 1.63
CA THR A 1 -13.50 17.59 1.76
C THR A 1 -13.70 16.23 2.40
N VAL A 2 -14.27 16.21 3.62
CA VAL A 2 -14.45 14.96 4.36
C VAL A 2 -15.36 13.99 3.61
N VAL A 3 -16.28 14.52 2.81
CA VAL A 3 -17.20 13.67 2.04
C VAL A 3 -16.47 12.95 0.91
N GLU A 4 -15.34 13.49 0.45
CA GLU A 4 -14.54 12.86 -0.59
C GLU A 4 -13.76 11.70 0.00
N PHE A 5 -13.39 11.82 1.29
CA PHE A 5 -12.68 10.75 1.98
C PHE A 5 -13.56 9.57 2.38
N GLU A 6 -14.86 9.81 2.56
CA GLU A 6 -15.81 8.73 2.85
C GLU A 6 -16.17 8.00 1.56
N GLU A 7 -16.12 8.70 0.43
CA GLU A 7 -16.34 8.10 -0.87
C GLU A 7 -15.15 7.20 -1.25
N LEU A 8 -13.97 7.53 -0.73
CA LEU A 8 -12.78 6.72 -0.94
C LEU A 8 -12.89 5.42 -0.16
N ARG A 9 -13.35 5.50 1.09
CA ARG A 9 -13.43 4.33 1.95
C ARG A 9 -14.39 3.28 1.38
N LYS A 10 -15.51 3.71 0.78
CA LYS A 10 -16.46 2.76 0.23
C LYS A 10 -15.97 2.22 -1.12
N GLU A 11 -15.11 2.98 -1.81
CA GLU A 11 -14.56 2.53 -3.09
C GLU A 11 -13.51 1.45 -2.87
N LEU A 12 -12.66 1.61 -1.84
CA LEU A 12 -11.61 0.64 -1.58
C LEU A 12 -12.20 -0.71 -1.18
N VAL A 13 -13.15 -0.72 -0.24
CA VAL A 13 -13.72 -1.99 0.24
C VAL A 13 -14.49 -2.69 -0.87
N LYS A 14 -14.96 -1.93 -1.88
CA LYS A 14 -15.68 -2.50 -3.02
C LYS A 14 -14.71 -3.05 -4.07
N ARG A 15 -13.46 -2.57 -4.05
CA ARG A 15 -12.45 -2.95 -5.02
C ARG A 15 -11.41 -3.91 -4.43
N ASP A 16 -11.51 -4.18 -3.12
CA ASP A 16 -10.53 -5.00 -2.42
C ASP A 16 -10.62 -6.46 -2.90
N SER A 17 -9.54 -7.21 -2.72
CA SER A 17 -9.49 -8.61 -3.13
C SER A 17 -10.29 -9.48 -2.16
N GLY A 18 -10.47 -8.99 -0.91
CA GLY A 18 -11.22 -9.69 0.11
C GLY A 18 -10.44 -10.88 0.72
N LYS A 19 -9.24 -11.15 0.19
CA LYS A 19 -8.42 -12.25 0.69
C LYS A 19 -7.57 -11.77 1.87
N PRO A 20 -7.31 -12.64 2.85
CA PRO A 20 -6.52 -12.30 4.03
C PRO A 20 -5.08 -12.04 3.64
N VAL A 21 -4.40 -11.16 4.40
CA VAL A 21 -3.03 -10.75 4.10
C VAL A 21 -2.07 -11.93 4.02
N GLU A 22 -2.38 -13.04 4.69
CA GLU A 22 -1.50 -14.19 4.69
C GLU A 22 -1.52 -14.89 3.33
N LYS A 23 -2.59 -14.67 2.55
CA LYS A 23 -2.69 -15.22 1.20
C LYS A 23 -2.13 -14.23 0.18
N ILE A 24 -2.22 -12.93 0.48
CA ILE A 24 -1.76 -11.90 -0.44
C ILE A 24 -0.27 -12.05 -0.71
N LYS A 25 0.52 -12.24 0.35
CA LYS A 25 1.97 -12.29 0.23
C LYS A 25 2.43 -13.47 -0.62
N GLU A 26 1.58 -14.50 -0.75
CA GLU A 26 1.93 -15.65 -1.58
C GLU A 26 1.82 -15.26 -3.05
N GLU A 27 0.73 -14.57 -3.41
CA GLU A 27 0.56 -14.13 -4.78
C GLU A 27 1.56 -13.05 -5.14
N ILE A 28 1.99 -12.26 -4.17
CA ILE A 28 2.98 -11.21 -4.41
C ILE A 28 4.30 -11.85 -4.83
N CYS A 29 4.65 -12.99 -4.22
CA CYS A 29 5.91 -13.66 -4.50
C CYS A 29 5.91 -14.37 -5.85
N THR A 30 4.73 -14.70 -6.39
CA THR A 30 4.63 -15.44 -7.65
C THR A 30 4.08 -14.62 -8.82
N LYS A 31 3.81 -13.34 -8.60
CA LYS A 31 3.32 -12.46 -9.66
C LYS A 31 4.45 -11.70 -10.35
N SER A 32 5.68 -12.21 -10.27
CA SER A 32 6.85 -11.59 -10.87
C SER A 32 6.95 -10.11 -10.47
N PRO A 33 7.06 -9.83 -9.17
CA PRO A 33 7.07 -8.49 -8.63
C PRO A 33 8.32 -7.74 -9.04
N PRO A 34 8.28 -6.40 -9.00
CA PRO A 34 9.43 -5.55 -9.22
C PRO A 34 10.44 -5.73 -8.09
N LYS A 35 11.67 -5.25 -8.28
CA LYS A 35 12.76 -5.46 -7.33
C LYS A 35 12.39 -4.91 -5.94
N LEU A 36 11.69 -3.78 -5.87
CA LEU A 36 11.35 -3.17 -4.60
C LEU A 36 10.34 -4.02 -3.83
N ILE A 37 9.38 -4.62 -4.54
CA ILE A 37 8.34 -5.42 -3.90
C ILE A 37 8.89 -6.79 -3.53
N LYS A 38 9.72 -7.39 -4.39
CA LYS A 38 10.28 -8.70 -4.13
C LYS A 38 11.09 -8.66 -2.84
N GLU A 39 11.90 -7.61 -2.68
CA GLU A 39 12.78 -7.49 -1.54
C GLU A 39 11.98 -7.19 -0.27
N ILE A 40 11.01 -6.27 -0.34
CA ILE A 40 10.35 -5.78 0.88
C ILE A 40 9.22 -6.71 1.32
N ILE A 41 8.32 -7.09 0.40
CA ILE A 41 7.12 -7.80 0.79
C ILE A 41 7.31 -9.32 0.79
N CYS A 42 8.22 -9.85 -0.03
CA CYS A 42 8.38 -11.29 -0.12
C CYS A 42 9.45 -11.79 0.87
N GLU A 43 10.11 -10.87 1.57
CA GLU A 43 11.12 -11.23 2.57
C GLU A 43 10.91 -10.45 3.88
N ASN A 44 9.82 -9.68 3.96
CA ASN A 44 9.39 -8.95 5.16
C ASN A 44 10.49 -8.15 5.84
N LYS A 45 11.50 -7.72 5.07
CA LYS A 45 12.56 -6.85 5.58
C LYS A 45 12.07 -5.40 5.65
N THR A 46 13.00 -4.44 5.74
CA THR A 46 12.67 -3.03 5.90
C THR A 46 13.40 -2.13 4.90
N TYR A 47 12.96 -0.88 4.73
CA TYR A 47 13.54 -0.02 3.70
C TYR A 47 15.03 0.23 3.86
N ALA A 48 15.51 0.24 5.10
CA ALA A 48 16.91 0.46 5.40
C ALA A 48 17.76 -0.72 4.93
N ASP A 49 17.14 -1.87 4.68
CA ASP A 49 17.87 -3.06 4.25
C ASP A 49 18.10 -2.95 2.73
N VAL A 50 17.22 -2.21 2.04
CA VAL A 50 17.31 -2.02 0.60
C VAL A 50 17.78 -0.60 0.23
N ASN A 51 18.12 0.21 1.25
CA ASN A 51 18.67 1.54 1.06
C ASN A 51 17.76 2.44 0.22
N ILE A 52 16.46 2.47 0.55
CA ILE A 52 15.50 3.33 -0.15
C ILE A 52 14.87 4.32 0.83
N ASP A 53 14.38 5.45 0.33
CA ASP A 53 13.71 6.44 1.15
C ASP A 53 12.34 5.96 1.61
N ARG A 54 11.99 6.27 2.86
CA ARG A 54 10.77 5.76 3.48
C ARG A 54 9.52 6.26 2.78
N SER A 55 9.53 7.50 2.29
CA SER A 55 8.35 8.08 1.65
C SER A 55 8.25 7.64 0.20
N ARG A 56 9.39 7.45 -0.46
CA ARG A 56 9.43 7.03 -1.85
C ARG A 56 9.00 5.58 -1.95
N GLY A 57 9.43 4.75 -1.00
CA GLY A 57 9.05 3.34 -0.98
C GLY A 57 7.56 3.21 -0.74
N ASP A 58 7.02 3.99 0.21
CA ASP A 58 5.60 3.94 0.53
C ASP A 58 4.74 4.28 -0.67
N TRP A 59 5.24 5.11 -1.60
CA TRP A 59 4.47 5.44 -2.78
C TRP A 59 4.39 4.23 -3.72
N HIS A 60 5.55 3.71 -4.12
CA HIS A 60 5.60 2.62 -5.10
C HIS A 60 5.00 1.33 -4.54
N VAL A 61 5.06 1.14 -3.22
CA VAL A 61 4.57 -0.08 -2.60
C VAL A 61 3.04 -0.03 -2.54
N ILE A 62 2.45 1.13 -2.23
CA ILE A 62 1.00 1.24 -2.12
C ILE A 62 0.35 1.15 -3.50
N LEU A 63 0.96 1.77 -4.52
CA LEU A 63 0.37 1.74 -5.86
C LEU A 63 0.43 0.33 -6.44
N TYR A 64 1.47 -0.44 -6.10
CA TYR A 64 1.61 -1.78 -6.65
C TYR A 64 0.59 -2.77 -6.11
N LEU A 65 0.24 -2.63 -4.83
CA LEU A 65 -0.72 -3.52 -4.19
C LEU A 65 -2.11 -3.30 -4.76
N MET A 66 -2.44 -2.05 -5.12
CA MET A 66 -3.70 -1.75 -5.76
C MET A 66 -3.79 -2.43 -7.11
N LYS A 67 -2.67 -2.50 -7.85
CA LYS A 67 -2.61 -3.20 -9.12
C LYS A 67 -2.60 -4.71 -8.94
N HIS A 68 -2.28 -5.19 -7.73
CA HIS A 68 -2.31 -6.61 -7.41
C HIS A 68 -3.75 -7.08 -7.18
N GLY A 69 -4.65 -6.14 -6.92
CA GLY A 69 -6.07 -6.41 -6.72
C GLY A 69 -6.49 -6.19 -5.28
N VAL A 70 -5.54 -5.94 -4.37
CA VAL A 70 -5.84 -5.70 -2.97
C VAL A 70 -5.81 -4.19 -2.70
N THR A 71 -6.83 -3.67 -2.00
CA THR A 71 -6.97 -2.24 -1.81
C THR A 71 -7.42 -1.82 -0.41
N ASP A 72 -7.79 -2.79 0.44
CA ASP A 72 -8.15 -2.50 1.82
C ASP A 72 -6.97 -1.86 2.57
N PRO A 73 -7.18 -0.69 3.20
CA PRO A 73 -6.12 0.06 3.84
C PRO A 73 -5.43 -0.76 4.94
N ASP A 74 -6.13 -1.74 5.54
CA ASP A 74 -5.55 -2.56 6.59
C ASP A 74 -4.63 -3.65 6.02
N LYS A 75 -4.90 -4.10 4.79
CA LYS A 75 -4.05 -5.08 4.13
C LYS A 75 -2.81 -4.39 3.58
N ILE A 76 -2.99 -3.21 2.97
CA ILE A 76 -1.89 -2.45 2.42
C ILE A 76 -0.94 -2.05 3.54
N LEU A 77 -1.50 -1.56 4.65
CA LEU A 77 -0.74 -1.09 5.79
C LEU A 77 0.06 -2.24 6.42
N GLU A 78 -0.53 -3.43 6.45
CA GLU A 78 0.09 -4.59 7.09
C GLU A 78 1.33 -5.05 6.32
N LEU A 79 1.44 -4.65 5.04
CA LEU A 79 2.56 -5.04 4.20
C LEU A 79 3.65 -3.98 4.14
N LEU A 80 3.43 -2.80 4.72
CA LEU A 80 4.46 -1.77 4.79
C LEU A 80 5.51 -2.17 5.83
N PRO A 81 6.79 -1.87 5.56
CA PRO A 81 7.92 -2.23 6.40
C PRO A 81 7.94 -1.43 7.71
N ARG A 82 8.87 -1.79 8.60
CA ARG A 82 8.94 -1.23 9.94
C ARG A 82 9.32 0.25 9.94
N ASP A 83 10.16 0.68 9.00
CA ASP A 83 10.65 2.06 8.97
C ASP A 83 9.83 2.94 8.02
N SER A 84 8.70 2.44 7.53
CA SER A 84 7.83 3.23 6.66
C SER A 84 7.29 4.43 7.43
N LYS A 85 7.18 5.58 6.76
CA LYS A 85 6.71 6.81 7.39
C LYS A 85 5.25 6.65 7.82
N ALA A 86 4.53 5.72 7.21
CA ALA A 86 3.13 5.46 7.52
C ALA A 86 2.99 4.49 8.71
N LYS A 87 4.09 4.20 9.43
CA LYS A 87 4.04 3.29 10.56
C LYS A 87 4.96 3.71 11.71
N GLU A 88 6.06 4.41 11.42
CA GLU A 88 7.02 4.80 12.45
C GLU A 88 6.71 6.19 13.02
N ASN A 89 5.79 6.93 12.39
CA ASN A 89 5.45 8.28 12.81
C ASN A 89 4.54 8.23 14.05
N GLU A 90 4.26 9.41 14.63
CA GLU A 90 3.36 9.51 15.77
C GLU A 90 1.96 9.05 15.37
N LYS A 91 1.21 8.49 16.34
CA LYS A 91 -0.05 7.78 16.06
C LYS A 91 -1.06 8.63 15.28
N TRP A 92 -1.31 9.86 15.71
CA TRP A 92 -2.34 10.69 15.10
C TRP A 92 -1.90 11.15 13.70
N ASN A 93 -0.61 11.47 13.55
CA ASN A 93 -0.09 11.91 12.27
C ASN A 93 0.16 10.73 11.33
N THR A 94 0.22 9.52 11.85
CA THR A 94 0.39 8.32 11.04
C THR A 94 -0.89 8.09 10.26
N GLN A 95 -2.05 8.20 10.92
CA GLN A 95 -3.32 7.99 10.28
C GLN A 95 -3.59 9.09 9.25
N LYS A 96 -3.16 10.32 9.56
CA LYS A 96 -3.34 11.45 8.65
C LYS A 96 -2.51 11.25 7.40
N TYR A 97 -1.20 11.08 7.54
CA TYR A 97 -0.31 10.93 6.40
C TYR A 97 -0.58 9.68 5.56
N PHE A 98 -1.02 8.61 6.21
CA PHE A 98 -1.35 7.38 5.51
C PHE A 98 -2.47 7.55 4.51
N VAL A 99 -3.51 8.30 4.89
CA VAL A 99 -4.66 8.50 4.03
C VAL A 99 -4.32 9.48 2.91
N ILE A 100 -3.41 10.42 3.15
CA ILE A 100 -2.99 11.36 2.12
C ILE A 100 -2.25 10.59 1.02
N THR A 101 -1.40 9.65 1.40
CA THR A 101 -0.67 8.83 0.44
C THR A 101 -1.55 7.78 -0.21
N LEU A 102 -2.48 7.22 0.56
CA LEU A 102 -3.38 6.19 0.09
C LEU A 102 -4.38 6.76 -0.91
N SER A 103 -4.91 7.96 -0.62
CA SER A 103 -5.91 8.58 -1.47
C SER A 103 -5.33 8.97 -2.82
N LYS A 104 -4.10 9.50 -2.82
CA LYS A 104 -3.45 9.92 -4.05
C LYS A 104 -2.91 8.71 -4.81
N ALA A 105 -2.51 7.66 -4.08
CA ALA A 105 -2.04 6.45 -4.72
C ALA A 105 -3.19 5.78 -5.48
N TRP A 106 -4.35 5.68 -4.84
CA TRP A 106 -5.51 5.05 -5.46
C TRP A 106 -6.01 5.89 -6.63
N SER A 107 -5.82 7.21 -6.55
CA SER A 107 -6.22 8.11 -7.61
C SER A 107 -5.38 7.89 -8.88
N VAL A 108 -4.11 7.50 -8.70
CA VAL A 108 -3.19 7.35 -9.82
C VAL A 108 -3.44 5.99 -10.49
N VAL A 109 -3.66 4.94 -9.70
CA VAL A 109 -3.84 3.62 -10.28
C VAL A 109 -5.23 3.46 -10.88
N LYS A 110 -6.25 4.11 -10.30
CA LYS A 110 -7.61 3.95 -10.82
C LYS A 110 -7.75 4.70 -12.14
N LYS A 111 -7.10 5.86 -12.29
CA LYS A 111 -7.19 6.60 -13.54
C LYS A 111 -6.34 5.92 -14.62
N TYR A 112 -5.37 5.12 -14.19
CA TYR A 112 -4.55 4.32 -15.09
C TYR A 112 -5.25 3.07 -15.63
N LEU A 113 -6.20 2.53 -14.86
CA LEU A 113 -7.01 1.38 -15.29
C LEU A 113 -8.23 1.88 -16.07
N GLU A 114 -8.64 3.14 -15.85
CA GLU A 114 -9.76 3.73 -16.58
C GLU A 114 -9.31 4.27 -17.94
N ALA A 115 -8.01 4.16 -18.24
CA ALA A 115 -7.45 4.63 -19.49
C ALA A 115 -7.95 3.79 -20.67
N THR A 1 -13.52 17.67 3.19
CA THR A 1 -12.48 16.73 3.62
C THR A 1 -13.03 15.36 4.02
N VAL A 2 -14.02 15.36 4.92
CA VAL A 2 -14.57 14.11 5.46
C VAL A 2 -15.48 13.40 4.47
N VAL A 3 -16.13 14.15 3.56
CA VAL A 3 -17.07 13.54 2.63
C VAL A 3 -16.33 12.85 1.49
N GLU A 4 -15.15 13.37 1.14
CA GLU A 4 -14.30 12.76 0.12
C GLU A 4 -13.62 11.51 0.69
N PHE A 5 -13.36 11.51 1.99
CA PHE A 5 -12.75 10.38 2.67
C PHE A 5 -13.67 9.17 2.80
N GLU A 6 -14.97 9.41 3.02
CA GLU A 6 -15.95 8.34 3.12
C GLU A 6 -16.22 7.72 1.76
N GLU A 7 -16.18 8.54 0.70
CA GLU A 7 -16.37 8.05 -0.65
C GLU A 7 -15.18 7.18 -1.07
N LEU A 8 -14.01 7.44 -0.48
CA LEU A 8 -12.83 6.65 -0.75
C LEU A 8 -12.93 5.31 -0.01
N ARG A 9 -13.34 5.34 1.25
CA ARG A 9 -13.41 4.13 2.07
C ARG A 9 -14.39 3.12 1.50
N LYS A 10 -15.50 3.58 0.91
CA LYS A 10 -16.47 2.66 0.33
C LYS A 10 -15.96 2.13 -1.01
N GLU A 11 -15.11 2.90 -1.69
CA GLU A 11 -14.56 2.47 -2.97
C GLU A 11 -13.50 1.40 -2.75
N LEU A 12 -12.67 1.54 -1.72
CA LEU A 12 -11.60 0.58 -1.46
C LEU A 12 -12.17 -0.78 -1.08
N VAL A 13 -13.16 -0.82 -0.20
CA VAL A 13 -13.74 -2.09 0.22
C VAL A 13 -14.51 -2.75 -0.91
N LYS A 14 -14.96 -1.96 -1.88
CA LYS A 14 -15.69 -2.48 -3.04
C LYS A 14 -14.73 -3.00 -4.10
N ARG A 15 -13.47 -2.54 -4.07
CA ARG A 15 -12.46 -2.89 -5.06
C ARG A 15 -11.44 -3.87 -4.49
N ASP A 16 -11.53 -4.18 -3.20
CA ASP A 16 -10.57 -5.05 -2.54
C ASP A 16 -10.70 -6.49 -3.04
N SER A 17 -9.63 -7.28 -2.89
CA SER A 17 -9.62 -8.67 -3.32
C SER A 17 -10.42 -9.53 -2.35
N GLY A 18 -10.58 -9.07 -1.11
CA GLY A 18 -11.34 -9.78 -0.08
C GLY A 18 -10.56 -10.94 0.53
N LYS A 19 -9.38 -11.24 0.00
CA LYS A 19 -8.54 -12.34 0.51
C LYS A 19 -7.70 -11.83 1.68
N PRO A 20 -7.44 -12.70 2.67
CA PRO A 20 -6.66 -12.34 3.85
C PRO A 20 -5.20 -12.10 3.47
N VAL A 21 -4.53 -11.22 4.22
CA VAL A 21 -3.15 -10.82 3.91
C VAL A 21 -2.20 -12.01 3.86
N GLU A 22 -2.52 -13.10 4.56
CA GLU A 22 -1.65 -14.26 4.58
C GLU A 22 -1.66 -14.96 3.21
N LYS A 23 -2.72 -14.76 2.43
CA LYS A 23 -2.83 -15.31 1.09
C LYS A 23 -2.27 -14.33 0.06
N ILE A 24 -2.38 -13.02 0.34
CA ILE A 24 -1.93 -11.99 -0.59
C ILE A 24 -0.43 -12.12 -0.85
N LYS A 25 0.36 -12.32 0.20
CA LYS A 25 1.81 -12.36 0.08
C LYS A 25 2.26 -13.55 -0.77
N GLU A 26 1.42 -14.59 -0.88
CA GLU A 26 1.79 -15.75 -1.68
C GLU A 26 1.65 -15.39 -3.16
N GLU A 27 0.54 -14.75 -3.52
CA GLU A 27 0.29 -14.37 -4.89
C GLU A 27 1.24 -13.25 -5.32
N ILE A 28 1.57 -12.35 -4.40
CA ILE A 28 2.45 -11.23 -4.70
C ILE A 28 3.83 -11.74 -5.11
N CYS A 29 4.32 -12.78 -4.41
CA CYS A 29 5.67 -13.24 -4.58
C CYS A 29 5.80 -14.27 -5.71
N THR A 30 4.66 -14.75 -6.24
CA THR A 30 4.68 -15.73 -7.32
C THR A 30 4.07 -15.25 -8.64
N LYS A 31 3.57 -14.00 -8.69
CA LYS A 31 2.92 -13.50 -9.90
C LYS A 31 3.90 -12.83 -10.86
N SER A 32 5.12 -12.57 -10.39
CA SER A 32 6.16 -11.96 -11.22
C SER A 32 7.53 -12.19 -10.59
N PRO A 33 8.60 -12.11 -11.38
CA PRO A 33 9.98 -12.30 -10.92
C PRO A 33 10.33 -11.31 -9.80
N PRO A 34 11.42 -11.59 -9.07
CA PRO A 34 11.84 -10.78 -7.94
C PRO A 34 12.25 -9.37 -8.37
N LYS A 35 11.85 -8.38 -7.56
CA LYS A 35 12.13 -6.97 -7.78
C LYS A 35 12.19 -6.28 -6.42
N LEU A 36 12.45 -4.97 -6.40
CA LEU A 36 12.53 -4.21 -5.15
C LEU A 36 11.25 -4.39 -4.33
N ILE A 37 10.10 -4.46 -5.01
CA ILE A 37 8.82 -4.61 -4.33
C ILE A 37 8.72 -5.98 -3.66
N LYS A 38 9.39 -6.99 -4.21
CA LYS A 38 9.39 -8.33 -3.64
C LYS A 38 10.41 -8.42 -2.52
N GLU A 39 11.50 -7.65 -2.60
CA GLU A 39 12.51 -7.66 -1.56
C GLU A 39 11.89 -7.22 -0.23
N ILE A 40 10.93 -6.30 -0.28
CA ILE A 40 10.31 -5.78 0.94
C ILE A 40 9.21 -6.72 1.46
N ILE A 41 8.32 -7.18 0.57
CA ILE A 41 7.14 -7.91 0.99
C ILE A 41 7.41 -9.41 1.17
N CYS A 42 8.35 -9.97 0.41
CA CYS A 42 8.59 -11.40 0.42
C CYS A 42 9.68 -11.78 1.42
N GLU A 43 10.26 -10.79 2.13
CA GLU A 43 11.29 -11.04 3.13
C GLU A 43 10.99 -10.30 4.43
N ASN A 44 9.92 -9.49 4.46
CA ASN A 44 9.50 -8.75 5.64
C ASN A 44 10.64 -7.89 6.22
N LYS A 45 11.58 -7.47 5.35
CA LYS A 45 12.66 -6.56 5.74
C LYS A 45 12.13 -5.13 5.81
N THR A 46 13.03 -4.15 5.76
CA THR A 46 12.68 -2.75 5.90
C THR A 46 13.38 -1.85 4.88
N TYR A 47 12.89 -0.62 4.67
CA TYR A 47 13.46 0.27 3.66
C TYR A 47 14.93 0.58 3.88
N ALA A 48 15.36 0.62 5.14
CA ALA A 48 16.75 0.88 5.47
C ALA A 48 17.65 -0.30 5.08
N ASP A 49 17.07 -1.47 4.86
CA ASP A 49 17.86 -2.65 4.48
C ASP A 49 18.20 -2.54 3.00
N VAL A 50 17.39 -1.78 2.25
CA VAL A 50 17.63 -1.51 0.84
C VAL A 50 18.05 -0.05 0.60
N ASN A 51 18.23 0.70 1.70
CA ASN A 51 18.73 2.07 1.68
C ASN A 51 17.91 2.99 0.79
N ILE A 52 16.59 2.77 0.71
CA ILE A 52 15.71 3.60 -0.10
C ILE A 52 15.03 4.67 0.76
N ASP A 53 14.61 5.77 0.15
CA ASP A 53 13.81 6.77 0.83
C ASP A 53 12.48 6.18 1.29
N ARG A 54 12.20 6.27 2.59
CA ARG A 54 11.06 5.61 3.20
C ARG A 54 9.74 6.12 2.64
N SER A 55 9.70 7.38 2.20
CA SER A 55 8.48 7.96 1.63
C SER A 55 8.35 7.58 0.16
N ARG A 56 9.48 7.45 -0.55
CA ARG A 56 9.48 7.07 -1.97
C ARG A 56 9.10 5.60 -2.12
N GLY A 57 9.61 4.76 -1.22
CA GLY A 57 9.30 3.34 -1.25
C GLY A 57 7.83 3.12 -0.94
N ASP A 58 7.30 3.87 0.02
CA ASP A 58 5.92 3.73 0.45
C ASP A 58 4.99 4.02 -0.72
N TRP A 59 5.38 4.96 -1.60
CA TRP A 59 4.56 5.30 -2.73
C TRP A 59 4.45 4.13 -3.71
N HIS A 60 5.59 3.63 -4.20
CA HIS A 60 5.60 2.59 -5.20
C HIS A 60 5.03 1.28 -4.65
N VAL A 61 5.15 1.06 -3.33
CA VAL A 61 4.65 -0.16 -2.71
C VAL A 61 3.13 -0.10 -2.64
N ILE A 62 2.57 1.05 -2.29
CA ILE A 62 1.12 1.17 -2.16
C ILE A 62 0.43 1.07 -3.52
N LEU A 63 1.00 1.70 -4.56
CA LEU A 63 0.38 1.68 -5.88
C LEU A 63 0.43 0.29 -6.48
N TYR A 64 1.46 -0.51 -6.14
CA TYR A 64 1.58 -1.85 -6.68
C TYR A 64 0.56 -2.84 -6.13
N LEU A 65 0.24 -2.71 -4.84
CA LEU A 65 -0.72 -3.59 -4.20
C LEU A 65 -2.11 -3.36 -4.79
N MET A 66 -2.44 -2.10 -5.08
CA MET A 66 -3.71 -1.77 -5.68
C MET A 66 -3.85 -2.41 -7.06
N LYS A 67 -2.75 -2.47 -7.81
CA LYS A 67 -2.74 -3.09 -9.13
C LYS A 67 -2.74 -4.62 -9.04
N HIS A 68 -2.40 -5.17 -7.88
CA HIS A 68 -2.47 -6.61 -7.65
C HIS A 68 -3.92 -7.04 -7.40
N GLY A 69 -4.78 -6.07 -7.07
CA GLY A 69 -6.20 -6.32 -6.86
C GLY A 69 -6.59 -6.17 -5.39
N VAL A 70 -5.61 -5.99 -4.50
CA VAL A 70 -5.90 -5.79 -3.08
C VAL A 70 -5.88 -4.29 -2.80
N THR A 71 -6.92 -3.76 -2.15
CA THR A 71 -7.06 -2.32 -1.97
C THR A 71 -7.56 -1.91 -0.58
N ASP A 72 -7.90 -2.87 0.28
CA ASP A 72 -8.27 -2.57 1.66
C ASP A 72 -7.10 -1.92 2.41
N PRO A 73 -7.31 -0.75 3.02
CA PRO A 73 -6.26 0.00 3.68
C PRO A 73 -5.57 -0.81 4.78
N ASP A 74 -6.27 -1.79 5.37
CA ASP A 74 -5.68 -2.62 6.41
C ASP A 74 -4.75 -3.68 5.83
N LYS A 75 -4.99 -4.11 4.59
CA LYS A 75 -4.13 -5.07 3.92
C LYS A 75 -2.93 -4.35 3.34
N ILE A 76 -3.14 -3.16 2.77
CA ILE A 76 -2.06 -2.37 2.21
C ILE A 76 -1.10 -1.97 3.32
N LEU A 77 -1.63 -1.59 4.47
CA LEU A 77 -0.85 -1.16 5.62
C LEU A 77 -0.03 -2.30 6.20
N GLU A 78 -0.63 -3.49 6.27
CA GLU A 78 0.00 -4.63 6.92
C GLU A 78 1.22 -5.11 6.15
N LEU A 79 1.31 -4.76 4.86
CA LEU A 79 2.43 -5.19 4.02
C LEU A 79 3.55 -4.15 3.98
N LEU A 80 3.36 -2.98 4.59
CA LEU A 80 4.40 -1.96 4.63
C LEU A 80 5.51 -2.38 5.61
N PRO A 81 6.76 -1.99 5.31
CA PRO A 81 7.93 -2.33 6.12
C PRO A 81 7.90 -1.67 7.49
N ARG A 82 8.92 -1.98 8.30
CA ARG A 82 8.95 -1.61 9.71
C ARG A 82 9.30 -0.14 9.91
N ASP A 83 9.93 0.50 8.92
CA ASP A 83 10.35 1.90 9.04
C ASP A 83 9.55 2.81 8.13
N SER A 84 8.42 2.33 7.60
CA SER A 84 7.60 3.11 6.68
C SER A 84 7.10 4.36 7.37
N LYS A 85 7.05 5.47 6.63
CA LYS A 85 6.59 6.74 7.17
C LYS A 85 5.09 6.68 7.49
N ALA A 86 4.39 5.71 6.90
CA ALA A 86 2.97 5.50 7.15
C ALA A 86 2.76 4.59 8.37
N LYS A 87 3.85 4.20 9.05
CA LYS A 87 3.78 3.35 10.24
C LYS A 87 4.58 3.94 11.39
N GLU A 88 5.59 4.75 11.09
CA GLU A 88 6.40 5.41 12.10
C GLU A 88 6.60 6.89 11.75
N ASN A 89 6.11 7.78 12.60
CA ASN A 89 6.29 9.21 12.44
C ASN A 89 6.00 9.90 13.78
N GLU A 90 4.83 9.60 14.34
CA GLU A 90 4.45 10.07 15.67
C GLU A 90 3.29 9.20 16.18
N LYS A 91 2.05 9.60 15.90
CA LYS A 91 0.87 8.79 16.17
C LYS A 91 -0.31 9.32 15.37
N TRP A 92 -0.74 10.54 15.67
CA TRP A 92 -1.85 11.18 14.98
C TRP A 92 -1.39 11.66 13.62
N ASN A 93 -0.12 12.07 13.51
CA ASN A 93 0.44 12.51 12.24
C ASN A 93 0.71 11.29 11.33
N THR A 94 0.83 10.11 11.91
CA THR A 94 1.02 8.89 11.15
C THR A 94 -0.22 8.46 10.39
N GLN A 95 -1.37 8.45 11.06
CA GLN A 95 -2.62 8.02 10.42
C GLN A 95 -3.08 9.07 9.41
N LYS A 96 -2.74 10.34 9.64
CA LYS A 96 -3.10 11.40 8.71
C LYS A 96 -2.25 11.31 7.44
N TYR A 97 -0.94 11.12 7.59
CA TYR A 97 -0.07 10.97 6.43
C TYR A 97 -0.35 9.70 5.63
N PHE A 98 -0.79 8.65 6.32
CA PHE A 98 -1.18 7.41 5.67
C PHE A 98 -2.32 7.60 4.68
N VAL A 99 -3.31 8.40 5.06
CA VAL A 99 -4.47 8.64 4.21
C VAL A 99 -4.08 9.55 3.05
N ILE A 100 -3.16 10.49 3.27
CA ILE A 100 -2.74 11.39 2.20
C ILE A 100 -2.04 10.60 1.10
N THR A 101 -1.19 9.65 1.48
CA THR A 101 -0.51 8.79 0.52
C THR A 101 -1.45 7.76 -0.10
N LEU A 102 -2.39 7.24 0.71
CA LEU A 102 -3.34 6.24 0.26
C LEU A 102 -4.33 6.84 -0.74
N SER A 103 -4.80 8.06 -0.47
CA SER A 103 -5.81 8.69 -1.32
C SER A 103 -5.23 9.03 -2.68
N LYS A 104 -3.98 9.51 -2.71
CA LYS A 104 -3.34 9.91 -3.95
C LYS A 104 -2.83 8.69 -4.72
N ALA A 105 -2.44 7.63 -4.00
CA ALA A 105 -1.99 6.42 -4.64
C ALA A 105 -3.14 5.76 -5.38
N TRP A 106 -4.30 5.66 -4.73
CA TRP A 106 -5.47 5.04 -5.35
C TRP A 106 -5.97 5.88 -6.51
N SER A 107 -5.79 7.20 -6.43
CA SER A 107 -6.19 8.11 -7.49
C SER A 107 -5.36 7.89 -8.75
N VAL A 108 -4.09 7.50 -8.58
CA VAL A 108 -3.19 7.33 -9.73
C VAL A 108 -3.44 5.99 -10.39
N VAL A 109 -3.67 4.93 -9.61
CA VAL A 109 -3.87 3.62 -10.19
C VAL A 109 -5.27 3.47 -10.77
N LYS A 110 -6.28 4.13 -10.20
CA LYS A 110 -7.63 3.98 -10.69
C LYS A 110 -7.80 4.71 -12.02
N LYS A 111 -7.13 5.86 -12.20
CA LYS A 111 -7.21 6.58 -13.46
C LYS A 111 -6.36 5.90 -14.51
N TYR A 112 -5.38 5.10 -14.08
CA TYR A 112 -4.55 4.30 -14.96
C TYR A 112 -5.23 3.03 -15.48
N LEU A 113 -6.13 2.47 -14.68
CA LEU A 113 -6.88 1.28 -15.07
C LEU A 113 -8.14 1.67 -15.85
N GLU A 114 -8.61 2.90 -15.66
CA GLU A 114 -9.76 3.43 -16.39
C GLU A 114 -9.35 4.01 -17.75
N ALA A 115 -8.04 4.00 -18.05
CA ALA A 115 -7.51 4.53 -19.29
C ALA A 115 -7.93 3.66 -20.48
N THR A 1 -14.50 18.20 2.48
CA THR A 1 -13.35 17.29 2.71
C THR A 1 -13.75 15.88 3.12
N VAL A 2 -14.50 15.75 4.22
CA VAL A 2 -14.88 14.45 4.75
C VAL A 2 -15.74 13.65 3.77
N VAL A 3 -16.45 14.35 2.88
CA VAL A 3 -17.29 13.69 1.89
C VAL A 3 -16.45 12.95 0.85
N GLU A 4 -15.22 13.42 0.61
CA GLU A 4 -14.33 12.77 -0.33
C GLU A 4 -13.64 11.59 0.35
N PHE A 5 -13.47 11.67 1.67
CA PHE A 5 -12.87 10.60 2.45
C PHE A 5 -13.76 9.37 2.60
N GLU A 6 -15.07 9.57 2.77
CA GLU A 6 -16.01 8.47 2.88
C GLU A 6 -16.31 7.91 1.49
N GLU A 7 -16.13 8.71 0.43
CA GLU A 7 -16.30 8.25 -0.93
C GLU A 7 -15.13 7.34 -1.32
N LEU A 8 -13.93 7.64 -0.78
CA LEU A 8 -12.76 6.82 -1.00
C LEU A 8 -12.88 5.51 -0.21
N ARG A 9 -13.45 5.60 0.99
CA ARG A 9 -13.60 4.45 1.86
C ARG A 9 -14.47 3.38 1.20
N LYS A 10 -15.58 3.79 0.59
CA LYS A 10 -16.49 2.83 -0.05
C LYS A 10 -15.93 2.35 -1.38
N GLU A 11 -15.04 3.14 -2.00
CA GLU A 11 -14.46 2.77 -3.28
C GLU A 11 -13.41 1.68 -3.11
N LEU A 12 -12.59 1.76 -2.06
CA LEU A 12 -11.54 0.79 -1.84
C LEU A 12 -12.14 -0.57 -1.43
N VAL A 13 -13.07 -0.57 -0.48
CA VAL A 13 -13.65 -1.83 0.01
C VAL A 13 -14.36 -2.56 -1.13
N LYS A 14 -14.86 -1.81 -2.11
CA LYS A 14 -15.55 -2.36 -3.27
C LYS A 14 -14.57 -2.90 -4.31
N ARG A 15 -13.33 -2.40 -4.29
CA ARG A 15 -12.29 -2.80 -5.25
C ARG A 15 -11.26 -3.73 -4.62
N ASP A 16 -11.41 -4.03 -3.33
CA ASP A 16 -10.45 -4.86 -2.61
C ASP A 16 -10.49 -6.31 -3.08
N SER A 17 -9.41 -7.06 -2.86
CA SER A 17 -9.31 -8.47 -3.24
C SER A 17 -10.20 -9.34 -2.36
N GLY A 18 -10.39 -8.92 -1.10
CA GLY A 18 -11.21 -9.64 -0.15
C GLY A 18 -10.49 -10.83 0.47
N LYS A 19 -9.34 -11.22 -0.08
CA LYS A 19 -8.53 -12.32 0.46
C LYS A 19 -7.72 -11.84 1.65
N PRO A 20 -7.45 -12.71 2.63
CA PRO A 20 -6.71 -12.36 3.83
C PRO A 20 -5.24 -12.11 3.49
N VAL A 21 -4.59 -11.22 4.26
CA VAL A 21 -3.22 -10.81 4.01
C VAL A 21 -2.25 -11.99 3.96
N GLU A 22 -2.59 -13.11 4.63
CA GLU A 22 -1.71 -14.27 4.65
C GLU A 22 -1.66 -14.93 3.26
N LYS A 23 -2.71 -14.73 2.45
CA LYS A 23 -2.78 -15.26 1.10
C LYS A 23 -2.23 -14.26 0.10
N ILE A 24 -2.38 -12.95 0.38
CA ILE A 24 -1.93 -11.91 -0.53
C ILE A 24 -0.44 -12.01 -0.74
N LYS A 25 0.34 -12.25 0.33
CA LYS A 25 1.79 -12.28 0.23
C LYS A 25 2.28 -13.42 -0.66
N GLU A 26 1.46 -14.46 -0.83
CA GLU A 26 1.84 -15.58 -1.69
C GLU A 26 1.75 -15.16 -3.14
N GLU A 27 0.68 -14.42 -3.49
CA GLU A 27 0.52 -13.91 -4.83
C GLU A 27 1.57 -12.84 -5.13
N ILE A 28 1.95 -12.07 -4.11
CA ILE A 28 2.96 -11.02 -4.28
C ILE A 28 4.32 -11.63 -4.59
N CYS A 29 4.61 -12.80 -4.02
CA CYS A 29 5.89 -13.45 -4.25
C CYS A 29 5.94 -14.10 -5.64
N THR A 30 4.79 -14.36 -6.25
CA THR A 30 4.74 -15.07 -7.53
C THR A 30 4.19 -14.24 -8.71
N LYS A 31 4.01 -12.93 -8.52
CA LYS A 31 3.46 -12.07 -9.56
C LYS A 31 4.44 -10.98 -10.00
N SER A 32 5.69 -11.05 -9.54
CA SER A 32 6.70 -10.09 -9.94
C SER A 32 8.10 -10.67 -9.82
N PRO A 33 9.06 -10.19 -10.63
CA PRO A 33 10.46 -10.55 -10.53
C PRO A 33 11.07 -10.11 -9.20
N PRO A 34 12.34 -10.42 -8.96
CA PRO A 34 13.11 -10.04 -7.77
C PRO A 34 13.28 -8.52 -7.60
N LYS A 35 12.32 -7.72 -8.09
CA LYS A 35 12.37 -6.27 -7.97
C LYS A 35 12.36 -5.84 -6.50
N LEU A 36 12.71 -4.57 -6.24
CA LEU A 36 12.80 -4.05 -4.89
C LEU A 36 11.47 -4.19 -4.14
N ILE A 37 10.35 -4.01 -4.86
CA ILE A 37 9.03 -4.09 -4.25
C ILE A 37 8.73 -5.53 -3.80
N LYS A 38 9.20 -6.51 -4.56
CA LYS A 38 8.95 -7.91 -4.25
C LYS A 38 9.65 -8.28 -2.95
N GLU A 39 10.88 -7.80 -2.77
CA GLU A 39 11.66 -8.15 -1.60
C GLU A 39 11.05 -7.55 -0.33
N ILE A 40 10.47 -6.35 -0.43
CA ILE A 40 9.98 -5.67 0.76
C ILE A 40 8.79 -6.43 1.36
N ILE A 41 7.92 -6.96 0.50
CA ILE A 41 6.71 -7.62 0.97
C ILE A 41 6.90 -9.13 1.06
N CYS A 42 7.73 -9.72 0.20
CA CYS A 42 7.86 -11.17 0.17
C CYS A 42 8.89 -11.64 1.22
N GLU A 43 9.90 -10.81 1.51
CA GLU A 43 10.92 -11.17 2.49
C GLU A 43 10.69 -10.44 3.81
N ASN A 44 9.67 -9.57 3.85
CA ASN A 44 9.29 -8.80 5.03
C ASN A 44 10.47 -8.00 5.58
N LYS A 45 11.40 -7.58 4.71
CA LYS A 45 12.52 -6.73 5.11
C LYS A 45 12.04 -5.29 5.23
N THR A 46 12.97 -4.34 5.34
CA THR A 46 12.64 -2.93 5.52
C THR A 46 13.40 -2.01 4.56
N TYR A 47 12.99 -0.74 4.49
CA TYR A 47 13.53 0.19 3.51
C TYR A 47 15.05 0.41 3.64
N ALA A 48 15.57 0.29 4.86
CA ALA A 48 17.00 0.48 5.10
C ALA A 48 17.80 -0.69 4.55
N ASP A 49 17.15 -1.83 4.29
CA ASP A 49 17.83 -3.01 3.76
C ASP A 49 18.02 -2.83 2.26
N VAL A 50 17.15 -2.04 1.63
CA VAL A 50 17.20 -1.76 0.20
C VAL A 50 17.65 -0.33 -0.09
N ASN A 51 18.02 0.41 0.96
CA ASN A 51 18.57 1.76 0.85
C ASN A 51 17.66 2.68 0.04
N ILE A 52 16.37 2.74 0.39
CA ILE A 52 15.41 3.61 -0.28
C ILE A 52 14.79 4.58 0.73
N ASP A 53 14.29 5.73 0.27
CA ASP A 53 13.64 6.70 1.12
C ASP A 53 12.28 6.19 1.59
N ARG A 54 11.91 6.52 2.83
CA ARG A 54 10.70 5.99 3.45
C ARG A 54 9.45 6.50 2.75
N SER A 55 9.46 7.75 2.25
CA SER A 55 8.29 8.32 1.60
C SER A 55 8.19 7.84 0.15
N ARG A 56 9.34 7.65 -0.50
CA ARG A 56 9.38 7.17 -1.87
C ARG A 56 8.97 5.70 -1.92
N GLY A 57 9.38 4.93 -0.91
CA GLY A 57 9.02 3.53 -0.83
C GLY A 57 7.52 3.40 -0.57
N ASP A 58 6.98 4.21 0.34
CA ASP A 58 5.57 4.18 0.64
C ASP A 58 4.69 4.48 -0.56
N TRP A 59 5.22 5.21 -1.54
CA TRP A 59 4.48 5.49 -2.75
C TRP A 59 4.42 4.22 -3.61
N HIS A 60 5.57 3.67 -3.97
CA HIS A 60 5.62 2.53 -4.88
C HIS A 60 5.03 1.27 -4.25
N VAL A 61 5.08 1.16 -2.92
CA VAL A 61 4.55 -0.01 -2.23
C VAL A 61 3.03 0.06 -2.21
N ILE A 62 2.45 1.25 -1.99
CA ILE A 62 1.01 1.37 -1.89
C ILE A 62 0.36 1.27 -3.28
N LEU A 63 1.00 1.85 -4.30
CA LEU A 63 0.43 1.78 -5.65
C LEU A 63 0.50 0.36 -6.19
N TYR A 64 1.57 -0.37 -5.85
CA TYR A 64 1.75 -1.72 -6.37
C TYR A 64 0.70 -2.70 -5.86
N LEU A 65 0.36 -2.58 -4.57
CA LEU A 65 -0.64 -3.45 -3.97
C LEU A 65 -2.01 -3.19 -4.57
N MET A 66 -2.32 -1.92 -4.84
CA MET A 66 -3.62 -1.58 -5.41
C MET A 66 -3.70 -1.97 -6.88
N LYS A 67 -2.54 -2.07 -7.56
CA LYS A 67 -2.49 -2.63 -8.90
C LYS A 67 -2.53 -4.15 -8.86
N HIS A 68 -2.17 -4.75 -7.72
CA HIS A 68 -2.19 -6.20 -7.54
C HIS A 68 -3.63 -6.69 -7.36
N GLY A 69 -4.54 -5.77 -6.98
CA GLY A 69 -5.95 -6.08 -6.82
C GLY A 69 -6.38 -6.02 -5.35
N VAL A 70 -5.44 -5.81 -4.43
CA VAL A 70 -5.76 -5.64 -3.02
C VAL A 70 -5.71 -4.15 -2.66
N THR A 71 -6.77 -3.64 -2.01
CA THR A 71 -6.90 -2.21 -1.80
C THR A 71 -7.40 -1.82 -0.40
N ASP A 72 -7.79 -2.78 0.42
CA ASP A 72 -8.18 -2.50 1.79
C ASP A 72 -7.01 -1.89 2.57
N PRO A 73 -7.19 -0.72 3.19
CA PRO A 73 -6.13 0.00 3.86
C PRO A 73 -5.48 -0.82 4.99
N ASP A 74 -6.20 -1.78 5.55
CA ASP A 74 -5.67 -2.61 6.61
C ASP A 74 -4.73 -3.67 6.02
N LYS A 75 -5.03 -4.14 4.81
CA LYS A 75 -4.17 -5.11 4.13
C LYS A 75 -2.91 -4.41 3.62
N ILE A 76 -3.08 -3.20 3.07
CA ILE A 76 -1.95 -2.43 2.57
C ILE A 76 -1.01 -2.07 3.72
N LEU A 77 -1.59 -1.60 4.83
CA LEU A 77 -0.85 -1.18 6.01
C LEU A 77 -0.08 -2.36 6.60
N GLU A 78 -0.68 -3.55 6.57
CA GLU A 78 -0.07 -4.73 7.17
C GLU A 78 1.15 -5.18 6.36
N LEU A 79 1.26 -4.73 5.10
CA LEU A 79 2.36 -5.13 4.23
C LEU A 79 3.45 -4.06 4.09
N LEU A 80 3.21 -2.86 4.63
CA LEU A 80 4.25 -1.83 4.63
C LEU A 80 5.35 -2.22 5.62
N PRO A 81 6.62 -1.91 5.30
CA PRO A 81 7.78 -2.26 6.09
C PRO A 81 7.85 -1.46 7.38
N ARG A 82 8.81 -1.82 8.25
CA ARG A 82 8.95 -1.22 9.58
C ARG A 82 9.44 0.22 9.49
N ASP A 83 10.22 0.54 8.46
CA ASP A 83 10.79 1.88 8.31
C ASP A 83 9.86 2.84 7.57
N SER A 84 8.63 2.41 7.26
CA SER A 84 7.68 3.25 6.56
C SER A 84 7.20 4.37 7.48
N LYS A 85 7.04 5.58 6.91
CA LYS A 85 6.57 6.73 7.65
C LYS A 85 5.11 6.53 8.07
N ALA A 86 4.41 5.63 7.38
CA ALA A 86 3.03 5.31 7.67
C ALA A 86 2.88 4.30 8.82
N LYS A 87 4.00 3.93 9.48
CA LYS A 87 3.96 2.95 10.57
C LYS A 87 4.92 3.30 11.70
N GLU A 88 6.00 4.02 11.42
CA GLU A 88 6.97 4.38 12.46
C GLU A 88 6.52 5.62 13.24
N ASN A 89 5.50 6.33 12.72
CA ASN A 89 4.94 7.48 13.43
C ASN A 89 4.19 7.02 14.68
N GLU A 90 3.86 7.97 15.57
CA GLU A 90 3.26 7.64 16.86
C GLU A 90 1.84 7.09 16.68
N LYS A 91 0.84 7.96 16.48
CA LYS A 91 -0.55 7.56 16.34
C LYS A 91 -1.30 8.53 15.41
N TRP A 92 -1.34 9.81 15.78
CA TRP A 92 -2.10 10.80 15.04
C TRP A 92 -1.44 11.11 13.70
N ASN A 93 -0.10 11.16 13.69
CA ASN A 93 0.64 11.43 12.48
C ASN A 93 0.74 10.17 11.61
N THR A 94 0.40 9.01 12.18
CA THR A 94 0.40 7.75 11.45
C THR A 94 -0.81 7.58 10.54
N GLN A 95 -2.01 7.75 11.10
CA GLN A 95 -3.24 7.58 10.33
C GLN A 95 -3.44 8.76 9.39
N LYS A 96 -2.95 9.95 9.78
CA LYS A 96 -3.06 11.14 8.95
C LYS A 96 -2.24 10.96 7.69
N TYR A 97 -0.93 10.73 7.84
CA TYR A 97 -0.05 10.60 6.69
C TYR A 97 -0.36 9.39 5.82
N PHE A 98 -0.83 8.30 6.44
CA PHE A 98 -1.18 7.11 5.70
C PHE A 98 -2.26 7.35 4.66
N VAL A 99 -3.29 8.13 5.02
CA VAL A 99 -4.41 8.39 4.14
C VAL A 99 -4.01 9.38 3.06
N ILE A 100 -3.11 10.31 3.36
CA ILE A 100 -2.69 11.30 2.38
C ILE A 100 -2.03 10.61 1.20
N THR A 101 -1.11 9.69 1.48
CA THR A 101 -0.44 8.92 0.45
C THR A 101 -1.37 7.93 -0.23
N LEU A 102 -2.26 7.32 0.53
CA LEU A 102 -3.18 6.32 0.01
C LEU A 102 -4.21 6.96 -0.92
N SER A 103 -4.66 8.18 -0.60
CA SER A 103 -5.68 8.85 -1.40
C SER A 103 -5.15 9.21 -2.78
N LYS A 104 -3.91 9.71 -2.85
CA LYS A 104 -3.32 10.06 -4.14
C LYS A 104 -2.84 8.82 -4.86
N ALA A 105 -2.40 7.81 -4.12
CA ALA A 105 -1.97 6.55 -4.71
C ALA A 105 -3.13 5.88 -5.43
N TRP A 106 -4.32 5.89 -4.81
CA TRP A 106 -5.47 5.25 -5.41
C TRP A 106 -5.93 6.02 -6.65
N SER A 107 -5.73 7.34 -6.64
CA SER A 107 -6.12 8.17 -7.76
C SER A 107 -5.28 7.83 -9.00
N VAL A 108 -4.03 7.44 -8.79
CA VAL A 108 -3.11 7.18 -9.90
C VAL A 108 -3.37 5.78 -10.46
N VAL A 109 -3.63 4.80 -9.60
CA VAL A 109 -3.84 3.43 -10.07
C VAL A 109 -5.23 3.25 -10.64
N LYS A 110 -6.23 3.99 -10.15
CA LYS A 110 -7.59 3.80 -10.64
C LYS A 110 -7.74 4.41 -12.03
N LYS A 111 -7.01 5.50 -12.32
CA LYS A 111 -7.04 6.08 -13.65
C LYS A 111 -6.18 5.24 -14.60
N TYR A 112 -5.23 4.48 -14.05
CA TYR A 112 -4.38 3.60 -14.82
C TYR A 112 -5.02 2.26 -15.18
N LEU A 113 -5.85 1.73 -14.27
CA LEU A 113 -6.53 0.46 -14.50
C LEU A 113 -7.80 0.65 -15.33
N GLU A 114 -8.35 1.87 -15.33
CA GLU A 114 -9.55 2.20 -16.09
C GLU A 114 -9.21 2.92 -17.39
N ALA A 115 -7.92 2.97 -17.75
CA ALA A 115 -7.46 3.61 -18.97
C ALA A 115 -8.01 2.89 -20.20
N THR A 1 -14.11 17.60 3.00
CA THR A 1 -12.96 16.75 3.30
C THR A 1 -13.33 15.38 3.86
N VAL A 2 -14.07 15.36 4.96
CA VAL A 2 -14.45 14.13 5.63
C VAL A 2 -15.31 13.29 4.69
N VAL A 3 -16.26 13.92 3.99
CA VAL A 3 -17.16 13.22 3.08
C VAL A 3 -16.41 12.62 1.88
N GLU A 4 -15.26 13.21 1.52
CA GLU A 4 -14.45 12.71 0.43
C GLU A 4 -13.75 11.42 0.84
N PHE A 5 -13.45 11.28 2.13
CA PHE A 5 -12.84 10.08 2.66
C PHE A 5 -13.81 8.90 2.79
N GLU A 6 -15.10 9.20 3.02
CA GLU A 6 -16.12 8.17 3.11
C GLU A 6 -16.43 7.62 1.71
N GLU A 7 -16.29 8.45 0.68
CA GLU A 7 -16.47 8.01 -0.69
C GLU A 7 -15.28 7.18 -1.15
N LEU A 8 -14.10 7.47 -0.60
CA LEU A 8 -12.90 6.71 -0.90
C LEU A 8 -12.96 5.37 -0.18
N ARG A 9 -13.46 5.35 1.06
CA ARG A 9 -13.51 4.14 1.85
C ARG A 9 -14.39 3.08 1.17
N LYS A 10 -15.52 3.50 0.59
CA LYS A 10 -16.43 2.56 -0.06
C LYS A 10 -15.90 2.14 -1.42
N GLU A 11 -15.06 2.98 -2.04
CA GLU A 11 -14.48 2.65 -3.34
C GLU A 11 -13.39 1.59 -3.19
N LEU A 12 -12.60 1.67 -2.12
CA LEU A 12 -11.54 0.71 -1.88
C LEU A 12 -12.13 -0.66 -1.60
N VAL A 13 -13.07 -0.77 -0.65
CA VAL A 13 -13.63 -2.07 -0.29
C VAL A 13 -14.39 -2.70 -1.46
N LYS A 14 -14.83 -1.88 -2.42
CA LYS A 14 -15.50 -2.39 -3.61
C LYS A 14 -14.49 -2.98 -4.59
N ARG A 15 -13.24 -2.50 -4.55
CA ARG A 15 -12.19 -2.94 -5.46
C ARG A 15 -11.17 -3.85 -4.77
N ASP A 16 -11.33 -4.08 -3.46
CA ASP A 16 -10.39 -4.88 -2.68
C ASP A 16 -10.47 -6.35 -3.09
N SER A 17 -9.40 -7.11 -2.80
CA SER A 17 -9.33 -8.53 -3.11
C SER A 17 -10.22 -9.33 -2.15
N GLY A 18 -10.36 -8.85 -0.91
CA GLY A 18 -11.19 -9.48 0.10
C GLY A 18 -10.50 -10.68 0.75
N LYS A 19 -9.37 -11.14 0.19
CA LYS A 19 -8.60 -12.24 0.76
C LYS A 19 -7.77 -11.73 1.93
N PRO A 20 -7.51 -12.59 2.93
CA PRO A 20 -6.73 -12.23 4.11
C PRO A 20 -5.28 -11.97 3.72
N VAL A 21 -4.62 -11.07 4.46
CA VAL A 21 -3.25 -10.65 4.15
C VAL A 21 -2.28 -11.84 4.09
N GLU A 22 -2.57 -12.91 4.82
CA GLU A 22 -1.69 -14.07 4.85
C GLU A 22 -1.70 -14.78 3.49
N LYS A 23 -2.78 -14.61 2.73
CA LYS A 23 -2.90 -15.20 1.39
C LYS A 23 -2.39 -14.22 0.34
N ILE A 24 -2.53 -12.91 0.60
CA ILE A 24 -2.13 -11.89 -0.35
C ILE A 24 -0.63 -11.99 -0.65
N LYS A 25 0.18 -12.22 0.38
CA LYS A 25 1.63 -12.28 0.22
C LYS A 25 2.03 -13.43 -0.70
N GLU A 26 1.22 -14.48 -0.77
CA GLU A 26 1.52 -15.61 -1.64
C GLU A 26 1.33 -15.19 -3.08
N GLU A 27 0.21 -14.51 -3.37
CA GLU A 27 -0.10 -14.08 -4.72
C GLU A 27 0.83 -12.96 -5.17
N ILE A 28 1.34 -12.17 -4.21
CA ILE A 28 2.28 -11.09 -4.53
C ILE A 28 3.60 -11.68 -5.01
N CYS A 29 4.03 -12.79 -4.41
CA CYS A 29 5.35 -13.36 -4.66
C CYS A 29 5.34 -14.31 -5.86
N THR A 30 4.16 -14.66 -6.36
CA THR A 30 4.04 -15.54 -7.53
C THR A 30 3.40 -14.87 -8.75
N LYS A 31 3.21 -13.54 -8.70
CA LYS A 31 2.60 -12.80 -9.81
C LYS A 31 3.53 -11.71 -10.35
N SER A 32 4.81 -11.74 -9.98
CA SER A 32 5.75 -10.73 -10.44
C SER A 32 7.18 -11.28 -10.48
N PRO A 33 8.02 -10.74 -11.37
CA PRO A 33 9.43 -11.06 -11.46
C PRO A 33 10.18 -10.44 -10.28
N PRO A 34 11.45 -10.84 -10.06
CA PRO A 34 12.26 -10.28 -8.99
C PRO A 34 12.51 -8.80 -9.21
N LYS A 35 12.14 -7.98 -8.22
CA LYS A 35 12.32 -6.53 -8.26
C LYS A 35 12.19 -5.96 -6.85
N LEU A 36 12.48 -4.66 -6.71
CA LEU A 36 12.55 -4.01 -5.40
C LEU A 36 11.33 -4.30 -4.55
N ILE A 37 10.14 -4.01 -5.07
CA ILE A 37 8.90 -4.12 -4.31
C ILE A 37 8.64 -5.55 -3.87
N LYS A 38 9.04 -6.52 -4.71
CA LYS A 38 8.81 -7.93 -4.41
C LYS A 38 9.67 -8.34 -3.22
N GLU A 39 10.90 -7.83 -3.13
CA GLU A 39 11.78 -8.20 -2.03
C GLU A 39 11.28 -7.64 -0.71
N ILE A 40 10.59 -6.50 -0.72
CA ILE A 40 10.14 -5.90 0.53
C ILE A 40 9.09 -6.78 1.18
N ILE A 41 8.16 -7.31 0.39
CA ILE A 41 7.05 -8.10 0.91
C ILE A 41 7.37 -9.60 0.97
N CYS A 42 8.26 -10.10 0.10
CA CYS A 42 8.54 -11.52 0.01
C CYS A 42 9.76 -11.94 0.84
N GLU A 43 10.43 -10.97 1.47
CA GLU A 43 11.59 -11.27 2.33
C GLU A 43 11.47 -10.55 3.67
N ASN A 44 10.35 -9.85 3.90
CA ASN A 44 10.05 -9.16 5.15
C ASN A 44 11.16 -8.20 5.56
N LYS A 45 11.95 -7.71 4.60
CA LYS A 45 13.03 -6.75 4.87
C LYS A 45 12.43 -5.36 5.07
N THR A 46 13.28 -4.35 5.18
CA THR A 46 12.86 -2.98 5.44
C THR A 46 13.54 -1.99 4.50
N TYR A 47 13.07 -0.74 4.48
CA TYR A 47 13.57 0.26 3.54
C TYR A 47 15.06 0.54 3.69
N ALA A 48 15.59 0.37 4.91
CA ALA A 48 17.00 0.61 5.17
C ALA A 48 17.87 -0.50 4.60
N ASP A 49 17.26 -1.65 4.27
CA ASP A 49 18.02 -2.76 3.70
C ASP A 49 18.25 -2.47 2.22
N VAL A 50 17.39 -1.62 1.64
CA VAL A 50 17.50 -1.21 0.24
C VAL A 50 17.87 0.27 0.12
N ASN A 51 18.13 0.92 1.24
CA ASN A 51 18.61 2.30 1.30
C ASN A 51 17.69 3.27 0.56
N ILE A 52 16.37 3.04 0.62
CA ILE A 52 15.41 3.90 -0.06
C ILE A 52 14.77 4.87 0.93
N ASP A 53 14.28 6.01 0.43
CA ASP A 53 13.56 6.97 1.23
C ASP A 53 12.24 6.39 1.72
N ARG A 54 11.93 6.55 3.01
CA ARG A 54 10.75 5.94 3.61
C ARG A 54 9.47 6.47 2.97
N SER A 55 9.48 7.72 2.50
CA SER A 55 8.30 8.32 1.88
C SER A 55 8.16 7.84 0.44
N ARG A 56 9.29 7.69 -0.26
CA ARG A 56 9.31 7.25 -1.64
C ARG A 56 8.93 5.78 -1.72
N GLY A 57 9.36 4.99 -0.73
CA GLY A 57 9.03 3.57 -0.68
C GLY A 57 7.54 3.39 -0.46
N ASP A 58 6.97 4.14 0.50
CA ASP A 58 5.55 4.04 0.79
C ASP A 58 4.69 4.38 -0.41
N TRP A 59 5.20 5.18 -1.34
CA TRP A 59 4.46 5.49 -2.55
C TRP A 59 4.41 4.28 -3.47
N HIS A 60 5.58 3.75 -3.85
CA HIS A 60 5.64 2.66 -4.81
C HIS A 60 5.06 1.37 -4.26
N VAL A 61 5.12 1.19 -2.94
CA VAL A 61 4.60 -0.03 -2.32
C VAL A 61 3.08 0.01 -2.31
N ILE A 62 2.47 1.18 -2.04
CA ILE A 62 1.02 1.27 -1.98
C ILE A 62 0.38 1.15 -3.36
N LEU A 63 1.00 1.77 -4.38
CA LEU A 63 0.45 1.75 -5.73
C LEU A 63 0.51 0.34 -6.31
N TYR A 64 1.55 -0.43 -5.96
CA TYR A 64 1.69 -1.78 -6.49
C TYR A 64 0.65 -2.77 -5.96
N LEU A 65 0.31 -2.67 -4.68
CA LEU A 65 -0.70 -3.55 -4.09
C LEU A 65 -2.05 -3.30 -4.77
N MET A 66 -2.35 -2.04 -5.11
CA MET A 66 -3.61 -1.71 -5.76
C MET A 66 -3.68 -2.37 -7.14
N LYS A 67 -2.55 -2.42 -7.84
CA LYS A 67 -2.49 -3.08 -9.15
C LYS A 67 -2.51 -4.60 -9.02
N HIS A 68 -2.19 -5.13 -7.84
CA HIS A 68 -2.26 -6.56 -7.58
C HIS A 68 -3.70 -6.99 -7.31
N GLY A 69 -4.58 -6.03 -6.99
CA GLY A 69 -6.00 -6.30 -6.78
C GLY A 69 -6.41 -6.13 -5.31
N VAL A 70 -5.44 -5.90 -4.42
CA VAL A 70 -5.74 -5.65 -3.01
C VAL A 70 -5.70 -4.14 -2.73
N THR A 71 -6.73 -3.63 -2.06
CA THR A 71 -6.87 -2.18 -1.87
C THR A 71 -7.35 -1.75 -0.48
N ASP A 72 -7.77 -2.70 0.36
CA ASP A 72 -8.16 -2.38 1.72
C ASP A 72 -7.00 -1.75 2.50
N PRO A 73 -7.20 -0.57 3.10
CA PRO A 73 -6.15 0.16 3.79
C PRO A 73 -5.49 -0.66 4.90
N ASP A 74 -6.22 -1.61 5.48
CA ASP A 74 -5.67 -2.44 6.55
C ASP A 74 -4.76 -3.54 6.01
N LYS A 75 -5.02 -3.99 4.78
CA LYS A 75 -4.17 -4.98 4.13
C LYS A 75 -2.93 -4.29 3.58
N ILE A 76 -3.10 -3.10 3.01
CA ILE A 76 -1.98 -2.33 2.48
C ILE A 76 -1.03 -1.93 3.61
N LEU A 77 -1.60 -1.50 4.74
CA LEU A 77 -0.85 -1.05 5.89
C LEU A 77 -0.06 -2.21 6.51
N GLU A 78 -0.70 -3.39 6.61
CA GLU A 78 -0.12 -4.53 7.28
C GLU A 78 1.09 -5.07 6.51
N LEU A 79 1.20 -4.73 5.22
CA LEU A 79 2.26 -5.23 4.37
C LEU A 79 3.40 -4.22 4.19
N LEU A 80 3.29 -3.03 4.81
CA LEU A 80 4.37 -2.06 4.78
C LEU A 80 5.53 -2.55 5.66
N PRO A 81 6.77 -2.22 5.29
CA PRO A 81 7.95 -2.61 6.02
C PRO A 81 8.03 -1.90 7.37
N ARG A 82 9.00 -2.29 8.20
CA ARG A 82 9.13 -1.79 9.56
C ARG A 82 9.45 -0.30 9.55
N ASP A 83 10.30 0.15 8.62
CA ASP A 83 10.73 1.54 8.53
C ASP A 83 9.74 2.43 7.79
N SER A 84 8.50 1.97 7.62
CA SER A 84 7.50 2.73 6.88
C SER A 84 7.15 4.00 7.64
N LYS A 85 7.01 5.11 6.91
CA LYS A 85 6.64 6.39 7.49
C LYS A 85 5.18 6.33 7.98
N ALA A 86 4.40 5.39 7.43
CA ALA A 86 3.04 5.14 7.84
C ALA A 86 2.99 4.19 9.04
N LYS A 87 4.13 3.94 9.70
CA LYS A 87 4.20 3.08 10.87
C LYS A 87 5.16 3.60 11.94
N GLU A 88 6.17 4.39 11.55
CA GLU A 88 7.16 4.90 12.48
C GLU A 88 6.80 6.27 13.06
N ASN A 89 5.83 6.97 12.45
CA ASN A 89 5.41 8.28 12.93
C ASN A 89 4.53 8.16 14.17
N GLU A 90 4.22 9.31 14.80
CA GLU A 90 3.31 9.36 15.94
C GLU A 90 1.93 8.90 15.49
N LYS A 91 1.16 8.27 16.39
CA LYS A 91 -0.09 7.61 16.04
C LYS A 91 -1.03 8.53 15.27
N TRP A 92 -1.14 9.80 15.69
CA TRP A 92 -2.06 10.72 15.06
C TRP A 92 -1.52 11.18 13.70
N ASN A 93 -0.21 11.35 13.59
CA ASN A 93 0.41 11.80 12.35
C ASN A 93 0.48 10.67 11.34
N THR A 94 0.53 9.43 11.84
CA THR A 94 0.62 8.25 10.99
C THR A 94 -0.72 8.09 10.25
N GLN A 95 -1.82 8.24 10.96
CA GLN A 95 -3.14 8.07 10.37
C GLN A 95 -3.42 9.16 9.34
N LYS A 96 -2.97 10.39 9.63
CA LYS A 96 -3.19 11.50 8.72
C LYS A 96 -2.38 11.30 7.45
N TYR A 97 -1.07 11.11 7.58
CA TYR A 97 -0.20 10.97 6.42
C TYR A 97 -0.49 9.73 5.59
N PHE A 98 -0.94 8.66 6.23
CA PHE A 98 -1.28 7.43 5.53
C PHE A 98 -2.43 7.62 4.54
N VAL A 99 -3.44 8.39 4.95
CA VAL A 99 -4.61 8.61 4.10
C VAL A 99 -4.27 9.57 2.97
N ILE A 100 -3.36 10.52 3.22
CA ILE A 100 -2.94 11.45 2.18
C ILE A 100 -2.20 10.69 1.07
N THR A 101 -1.36 9.74 1.46
CA THR A 101 -0.64 8.91 0.51
C THR A 101 -1.54 7.87 -0.15
N LEU A 102 -2.47 7.32 0.62
CA LEU A 102 -3.39 6.29 0.14
C LEU A 102 -4.37 6.88 -0.87
N SER A 103 -4.90 8.07 -0.58
CA SER A 103 -5.89 8.70 -1.44
C SER A 103 -5.28 9.09 -2.79
N LYS A 104 -4.04 9.60 -2.77
CA LYS A 104 -3.37 9.99 -4.00
C LYS A 104 -2.85 8.78 -4.75
N ALA A 105 -2.44 7.72 -4.02
CA ALA A 105 -1.96 6.51 -4.65
C ALA A 105 -3.09 5.84 -5.42
N TRP A 106 -4.27 5.76 -4.79
CA TRP A 106 -5.42 5.14 -5.42
C TRP A 106 -5.88 5.96 -6.61
N SER A 107 -5.69 7.28 -6.54
CA SER A 107 -6.08 8.17 -7.62
C SER A 107 -5.23 7.90 -8.87
N VAL A 108 -3.96 7.54 -8.68
CA VAL A 108 -3.05 7.35 -9.81
C VAL A 108 -3.31 5.98 -10.45
N VAL A 109 -3.56 4.95 -9.64
CA VAL A 109 -3.76 3.62 -10.20
C VAL A 109 -5.16 3.45 -10.77
N LYS A 110 -6.17 4.12 -10.20
CA LYS A 110 -7.53 3.94 -10.69
C LYS A 110 -7.71 4.62 -12.04
N LYS A 111 -6.99 5.73 -12.28
CA LYS A 111 -7.07 6.39 -13.58
C LYS A 111 -6.19 5.65 -14.59
N TYR A 112 -5.23 4.87 -14.10
CA TYR A 112 -4.37 4.05 -14.95
C TYR A 112 -4.97 2.70 -15.35
N LEU A 113 -5.74 2.10 -14.45
CA LEU A 113 -6.36 0.79 -14.69
C LEU A 113 -7.65 0.93 -15.50
N GLU A 114 -8.30 2.10 -15.42
CA GLU A 114 -9.52 2.36 -16.17
C GLU A 114 -9.21 3.00 -17.53
N ALA A 115 -7.92 3.13 -17.86
CA ALA A 115 -7.49 3.72 -19.11
C ALA A 115 -7.89 2.83 -20.29
N THR A 1 -13.94 17.47 4.45
CA THR A 1 -12.82 16.50 4.47
C THR A 1 -13.24 15.07 4.75
N VAL A 2 -13.93 14.85 5.87
CA VAL A 2 -14.32 13.50 6.30
C VAL A 2 -15.27 12.85 5.29
N VAL A 3 -15.99 13.66 4.50
CA VAL A 3 -16.90 13.13 3.50
C VAL A 3 -16.13 12.47 2.35
N GLU A 4 -14.91 12.94 2.09
CA GLU A 4 -14.07 12.38 1.05
C GLU A 4 -13.39 11.10 1.56
N PHE A 5 -13.17 11.03 2.88
CA PHE A 5 -12.57 9.86 3.49
C PHE A 5 -13.50 8.65 3.53
N GLU A 6 -14.80 8.88 3.80
CA GLU A 6 -15.76 7.78 3.83
C GLU A 6 -16.16 7.40 2.41
N GLU A 7 -16.01 8.32 1.45
CA GLU A 7 -16.26 8.03 0.05
C GLU A 7 -15.13 7.15 -0.50
N LEU A 8 -13.91 7.37 -0.01
CA LEU A 8 -12.76 6.57 -0.39
C LEU A 8 -12.84 5.20 0.26
N ARG A 9 -13.34 5.14 1.49
CA ARG A 9 -13.45 3.89 2.21
C ARG A 9 -14.36 2.91 1.48
N LYS A 10 -15.49 3.38 0.95
CA LYS A 10 -16.43 2.49 0.28
C LYS A 10 -15.89 2.11 -1.11
N GLU A 11 -15.05 2.97 -1.70
CA GLU A 11 -14.50 2.69 -3.02
C GLU A 11 -13.45 1.60 -2.94
N LEU A 12 -12.60 1.62 -1.90
CA LEU A 12 -11.55 0.65 -1.76
C LEU A 12 -12.12 -0.73 -1.45
N VAL A 13 -13.04 -0.83 -0.48
CA VAL A 13 -13.59 -2.14 -0.12
C VAL A 13 -14.37 -2.75 -1.28
N LYS A 14 -14.84 -1.91 -2.22
CA LYS A 14 -15.58 -2.37 -3.38
C LYS A 14 -14.64 -2.89 -4.46
N ARG A 15 -13.38 -2.43 -4.44
CA ARG A 15 -12.36 -2.85 -5.40
C ARG A 15 -11.34 -3.79 -4.79
N ASP A 16 -11.47 -4.08 -3.49
CA ASP A 16 -10.52 -4.93 -2.78
C ASP A 16 -10.66 -6.37 -3.25
N SER A 17 -9.60 -7.17 -3.07
CA SER A 17 -9.60 -8.57 -3.47
C SER A 17 -10.42 -9.42 -2.49
N GLY A 18 -10.60 -8.90 -1.27
CA GLY A 18 -11.36 -9.59 -0.23
C GLY A 18 -10.58 -10.75 0.40
N LYS A 19 -9.39 -11.05 -0.14
CA LYS A 19 -8.56 -12.14 0.38
C LYS A 19 -7.77 -11.64 1.61
N PRO A 20 -7.49 -12.53 2.57
CA PRO A 20 -6.74 -12.19 3.76
C PRO A 20 -5.28 -11.94 3.41
N VAL A 21 -4.62 -11.05 4.18
CA VAL A 21 -3.24 -10.65 3.91
C VAL A 21 -2.29 -11.84 3.86
N GLU A 22 -2.61 -12.95 4.53
CA GLU A 22 -1.73 -14.10 4.55
C GLU A 22 -1.68 -14.76 3.18
N LYS A 23 -2.72 -14.56 2.36
CA LYS A 23 -2.78 -15.11 1.01
C LYS A 23 -2.19 -14.13 0.00
N ILE A 24 -2.29 -12.83 0.30
CA ILE A 24 -1.81 -11.80 -0.61
C ILE A 24 -0.31 -11.93 -0.83
N LYS A 25 0.44 -12.16 0.25
CA LYS A 25 1.89 -12.21 0.18
C LYS A 25 2.37 -13.39 -0.67
N GLU A 26 1.52 -14.41 -0.84
CA GLU A 26 1.87 -15.56 -1.66
C GLU A 26 1.86 -15.14 -3.13
N GLU A 27 0.75 -14.53 -3.57
CA GLU A 27 0.61 -14.12 -4.96
C GLU A 27 1.55 -12.98 -5.29
N ILE A 28 1.85 -12.11 -4.31
CA ILE A 28 2.74 -10.99 -4.54
C ILE A 28 4.14 -11.48 -4.88
N CYS A 29 4.58 -12.58 -4.26
CA CYS A 29 5.93 -13.07 -4.43
C CYS A 29 6.05 -13.92 -5.69
N THR A 30 4.94 -14.38 -6.25
CA THR A 30 4.96 -15.23 -7.44
C THR A 30 4.33 -14.59 -8.68
N LYS A 31 3.96 -13.31 -8.61
CA LYS A 31 3.37 -12.61 -9.74
C LYS A 31 4.40 -11.74 -10.47
N SER A 32 5.65 -11.76 -10.02
CA SER A 32 6.70 -10.97 -10.64
C SER A 32 8.07 -11.60 -10.42
N PRO A 33 9.03 -11.36 -11.33
CA PRO A 33 10.42 -11.72 -11.18
C PRO A 33 11.04 -11.01 -9.97
N PRO A 34 12.29 -11.33 -9.63
CA PRO A 34 13.02 -10.67 -8.57
C PRO A 34 13.02 -9.15 -8.78
N LYS A 35 12.53 -8.42 -7.79
CA LYS A 35 12.41 -6.96 -7.86
C LYS A 35 12.33 -6.40 -6.45
N LEU A 36 12.67 -5.12 -6.28
CA LEU A 36 12.75 -4.50 -4.97
C LEU A 36 11.39 -4.53 -4.25
N ILE A 37 10.29 -4.40 -4.98
CA ILE A 37 8.97 -4.32 -4.38
C ILE A 37 8.57 -5.66 -3.72
N LYS A 38 8.66 -6.76 -4.48
CA LYS A 38 8.30 -8.06 -3.95
C LYS A 38 9.35 -8.55 -2.96
N GLU A 39 10.55 -7.96 -2.98
CA GLU A 39 11.61 -8.32 -2.06
C GLU A 39 11.31 -7.75 -0.67
N ILE A 40 10.62 -6.60 -0.60
CA ILE A 40 10.25 -6.01 0.68
C ILE A 40 9.15 -6.83 1.34
N ILE A 41 8.14 -7.22 0.56
CA ILE A 41 6.96 -7.90 1.09
C ILE A 41 7.20 -9.39 1.31
N CYS A 42 8.06 -10.02 0.49
CA CYS A 42 8.23 -11.47 0.55
C CYS A 42 9.39 -11.86 1.48
N GLU A 43 10.20 -10.89 1.93
CA GLU A 43 11.32 -11.17 2.83
C GLU A 43 11.12 -10.48 4.17
N ASN A 44 10.00 -9.75 4.34
CA ASN A 44 9.65 -9.07 5.59
C ASN A 44 10.74 -8.09 6.05
N LYS A 45 11.64 -7.70 5.13
CA LYS A 45 12.71 -6.77 5.44
C LYS A 45 12.17 -5.33 5.44
N THR A 46 13.08 -4.35 5.47
CA THR A 46 12.69 -2.95 5.59
C THR A 46 13.42 -2.05 4.60
N TYR A 47 12.98 -0.79 4.48
CA TYR A 47 13.51 0.13 3.47
C TYR A 47 15.01 0.40 3.62
N ALA A 48 15.52 0.33 4.85
CA ALA A 48 16.92 0.56 5.10
C ALA A 48 17.78 -0.58 4.57
N ASP A 49 17.18 -1.75 4.32
CA ASP A 49 17.94 -2.91 3.84
C ASP A 49 18.15 -2.76 2.34
N VAL A 50 17.19 -2.14 1.65
CA VAL A 50 17.27 -1.91 0.21
C VAL A 50 17.74 -0.49 -0.11
N ASN A 51 18.10 0.27 0.93
CA ASN A 51 18.67 1.61 0.81
C ASN A 51 17.76 2.51 -0.04
N ILE A 52 16.49 2.61 0.34
CA ILE A 52 15.54 3.49 -0.34
C ILE A 52 14.91 4.44 0.69
N ASP A 53 14.48 5.62 0.22
CA ASP A 53 13.79 6.57 1.08
C ASP A 53 12.44 6.01 1.51
N ARG A 54 12.10 6.14 2.79
CA ARG A 54 10.91 5.50 3.34
C ARG A 54 9.63 6.14 2.81
N SER A 55 9.70 7.40 2.35
CA SER A 55 8.54 8.07 1.81
C SER A 55 8.32 7.67 0.35
N ARG A 56 9.42 7.53 -0.39
CA ARG A 56 9.37 7.12 -1.79
C ARG A 56 8.99 5.65 -1.89
N GLY A 57 9.51 4.83 -0.96
CA GLY A 57 9.21 3.42 -0.94
C GLY A 57 7.74 3.17 -0.62
N ASP A 58 7.17 3.97 0.30
CA ASP A 58 5.79 3.80 0.71
C ASP A 58 4.88 4.09 -0.48
N TRP A 59 5.27 5.04 -1.34
CA TRP A 59 4.47 5.37 -2.50
C TRP A 59 4.38 4.19 -3.46
N HIS A 60 5.53 3.65 -3.88
CA HIS A 60 5.56 2.58 -4.88
C HIS A 60 4.98 1.29 -4.32
N VAL A 61 5.08 1.08 -3.00
CA VAL A 61 4.54 -0.12 -2.38
C VAL A 61 3.02 -0.03 -2.34
N ILE A 62 2.46 1.14 -2.05
CA ILE A 62 1.01 1.28 -1.96
C ILE A 62 0.37 1.15 -3.34
N LEU A 63 0.97 1.78 -4.37
CA LEU A 63 0.40 1.76 -5.71
C LEU A 63 0.48 0.34 -6.29
N TYR A 64 1.52 -0.42 -5.93
CA TYR A 64 1.70 -1.76 -6.46
C TYR A 64 0.67 -2.76 -5.96
N LEU A 65 0.30 -2.65 -4.68
CA LEU A 65 -0.69 -3.52 -4.09
C LEU A 65 -2.06 -3.30 -4.73
N MET A 66 -2.39 -2.04 -5.04
CA MET A 66 -3.65 -1.72 -5.69
C MET A 66 -3.71 -2.37 -7.07
N LYS A 67 -2.57 -2.42 -7.77
CA LYS A 67 -2.50 -3.06 -9.08
C LYS A 67 -2.52 -4.58 -8.97
N HIS A 68 -2.24 -5.12 -7.79
CA HIS A 68 -2.32 -6.56 -7.54
C HIS A 68 -3.77 -6.99 -7.34
N GLY A 69 -4.65 -6.02 -7.05
CA GLY A 69 -6.07 -6.27 -6.87
C GLY A 69 -6.52 -6.11 -5.42
N VAL A 70 -5.56 -5.91 -4.51
CA VAL A 70 -5.88 -5.68 -3.10
C VAL A 70 -5.82 -4.18 -2.81
N THR A 71 -6.84 -3.64 -2.16
CA THR A 71 -6.94 -2.18 -1.99
C THR A 71 -7.41 -1.74 -0.61
N ASP A 72 -7.85 -2.67 0.23
CA ASP A 72 -8.25 -2.34 1.59
C ASP A 72 -7.04 -1.77 2.37
N PRO A 73 -7.17 -0.56 2.93
CA PRO A 73 -6.07 0.12 3.60
C PRO A 73 -5.49 -0.70 4.75
N ASP A 74 -6.27 -1.61 5.33
CA ASP A 74 -5.77 -2.45 6.41
C ASP A 74 -4.85 -3.56 5.89
N LYS A 75 -5.07 -3.99 4.65
CA LYS A 75 -4.20 -4.98 4.00
C LYS A 75 -2.96 -4.27 3.45
N ILE A 76 -3.16 -3.08 2.88
CA ILE A 76 -2.05 -2.29 2.34
C ILE A 76 -1.09 -1.92 3.47
N LEU A 77 -1.64 -1.51 4.61
CA LEU A 77 -0.88 -1.09 5.77
C LEU A 77 -0.11 -2.24 6.37
N GLU A 78 -0.74 -3.42 6.42
CA GLU A 78 -0.15 -4.59 7.09
C GLU A 78 1.07 -5.08 6.33
N LEU A 79 1.19 -4.73 5.05
CA LEU A 79 2.30 -5.17 4.22
C LEU A 79 3.43 -4.14 4.13
N LEU A 80 3.26 -2.96 4.74
CA LEU A 80 4.32 -1.97 4.76
C LEU A 80 5.45 -2.40 5.69
N PRO A 81 6.71 -2.11 5.34
CA PRO A 81 7.87 -2.46 6.14
C PRO A 81 7.93 -1.65 7.44
N ARG A 82 8.86 -2.02 8.32
CA ARG A 82 8.96 -1.42 9.65
C ARG A 82 9.35 0.05 9.57
N ASP A 83 10.17 0.42 8.58
CA ASP A 83 10.66 1.79 8.47
C ASP A 83 9.68 2.74 7.79
N SER A 84 8.47 2.28 7.48
CA SER A 84 7.51 3.09 6.75
C SER A 84 7.08 4.30 7.57
N LYS A 85 6.88 5.44 6.89
CA LYS A 85 6.44 6.67 7.53
C LYS A 85 5.00 6.53 8.01
N ALA A 86 4.28 5.52 7.53
CA ALA A 86 2.92 5.24 7.94
C ALA A 86 2.88 4.22 9.07
N LYS A 87 4.05 3.89 9.66
CA LYS A 87 4.15 2.96 10.77
C LYS A 87 5.11 3.44 11.86
N GLU A 88 6.05 4.32 11.52
CA GLU A 88 6.95 4.91 12.49
C GLU A 88 7.02 6.43 12.33
N ASN A 89 6.06 7.12 12.95
CA ASN A 89 5.98 8.57 12.96
C ASN A 89 5.06 8.99 14.13
N GLU A 90 4.86 10.29 14.32
CA GLU A 90 3.93 10.77 15.35
C GLU A 90 2.54 10.17 15.08
N LYS A 91 1.84 9.76 16.15
CA LYS A 91 0.61 8.99 16.00
C LYS A 91 -0.45 9.75 15.21
N TRP A 92 -0.58 11.06 15.44
CA TRP A 92 -1.57 11.87 14.75
C TRP A 92 -1.17 12.07 13.29
N ASN A 93 0.14 12.13 13.02
CA ASN A 93 0.63 12.35 11.67
C ASN A 93 0.59 11.04 10.89
N THR A 94 0.77 9.91 11.59
CA THR A 94 0.79 8.60 10.94
C THR A 94 -0.55 8.29 10.30
N GLN A 95 -1.65 8.59 11.01
CA GLN A 95 -2.98 8.28 10.50
C GLN A 95 -3.38 9.26 9.41
N LYS A 96 -3.10 10.55 9.59
CA LYS A 96 -3.52 11.58 8.65
C LYS A 96 -2.70 11.53 7.37
N TYR A 97 -1.38 11.38 7.48
CA TYR A 97 -0.52 11.44 6.32
C TYR A 97 -0.66 10.12 5.56
N PHE A 98 -1.05 9.04 6.25
CA PHE A 98 -1.32 7.79 5.58
C PHE A 98 -2.47 7.89 4.57
N VAL A 99 -3.56 8.56 4.96
CA VAL A 99 -4.72 8.71 4.10
C VAL A 99 -4.38 9.63 2.93
N ILE A 100 -3.49 10.61 3.13
CA ILE A 100 -3.10 11.51 2.05
C ILE A 100 -2.27 10.75 1.01
N THR A 101 -1.43 9.81 1.46
CA THR A 101 -0.68 8.96 0.55
C THR A 101 -1.58 7.92 -0.11
N LEU A 102 -2.56 7.43 0.65
CA LEU A 102 -3.47 6.40 0.19
C LEU A 102 -4.44 6.96 -0.86
N SER A 103 -4.96 8.16 -0.63
CA SER A 103 -5.95 8.74 -1.54
C SER A 103 -5.31 9.13 -2.86
N LYS A 104 -4.08 9.64 -2.81
CA LYS A 104 -3.37 10.02 -4.03
C LYS A 104 -2.84 8.80 -4.75
N ALA A 105 -2.45 7.76 -4.01
CA ALA A 105 -2.00 6.53 -4.62
C ALA A 105 -3.14 5.86 -5.37
N TRP A 106 -4.30 5.77 -4.73
CA TRP A 106 -5.45 5.15 -5.34
C TRP A 106 -5.93 5.97 -6.53
N SER A 107 -5.73 7.28 -6.48
CA SER A 107 -6.12 8.17 -7.57
C SER A 107 -5.27 7.88 -8.81
N VAL A 108 -4.01 7.52 -8.63
CA VAL A 108 -3.09 7.32 -9.75
C VAL A 108 -3.37 5.95 -10.39
N VAL A 109 -3.61 4.93 -9.57
CA VAL A 109 -3.83 3.59 -10.12
C VAL A 109 -5.22 3.43 -10.69
N LYS A 110 -6.23 4.11 -10.14
CA LYS A 110 -7.59 3.95 -10.62
C LYS A 110 -7.76 4.62 -11.98
N LYS A 111 -7.05 5.72 -12.23
CA LYS A 111 -7.10 6.37 -13.54
C LYS A 111 -6.24 5.60 -14.54
N TYR A 112 -5.28 4.81 -14.04
CA TYR A 112 -4.43 3.98 -14.87
C TYR A 112 -5.04 2.63 -15.26
N LEU A 113 -5.83 2.05 -14.36
CA LEU A 113 -6.47 0.76 -14.61
C LEU A 113 -7.75 0.94 -15.44
N GLU A 114 -8.36 2.12 -15.36
CA GLU A 114 -9.58 2.42 -16.13
C GLU A 114 -9.23 3.07 -17.47
N ALA A 115 -7.94 3.16 -17.80
CA ALA A 115 -7.48 3.77 -19.04
C ALA A 115 -7.91 2.91 -20.25
N THR A 1 -14.83 18.01 0.78
CA THR A 1 -13.94 17.20 1.63
C THR A 1 -14.55 15.89 2.08
N VAL A 2 -15.74 15.95 2.68
CA VAL A 2 -16.39 14.76 3.23
C VAL A 2 -16.97 13.86 2.15
N VAL A 3 -17.32 14.43 0.99
CA VAL A 3 -17.93 13.65 -0.08
C VAL A 3 -16.88 12.86 -0.85
N GLU A 4 -15.65 13.38 -0.91
CA GLU A 4 -14.55 12.70 -1.57
C GLU A 4 -13.98 11.64 -0.63
N PHE A 5 -14.12 11.86 0.68
CA PHE A 5 -13.66 10.91 1.68
C PHE A 5 -14.48 9.64 1.76
N GLU A 6 -15.80 9.74 1.60
CA GLU A 6 -16.67 8.58 1.61
C GLU A 6 -16.65 7.90 0.24
N GLU A 7 -16.32 8.64 -0.82
CA GLU A 7 -16.20 8.07 -2.15
C GLU A 7 -14.97 7.18 -2.22
N LEU A 8 -13.93 7.50 -1.44
CA LEU A 8 -12.72 6.72 -1.39
C LEU A 8 -12.98 5.43 -0.64
N ARG A 9 -13.66 5.51 0.50
CA ARG A 9 -13.91 4.34 1.33
C ARG A 9 -14.76 3.30 0.61
N LYS A 10 -15.75 3.74 -0.17
CA LYS A 10 -16.62 2.80 -0.88
C LYS A 10 -15.90 2.19 -2.09
N GLU A 11 -14.93 2.92 -2.67
CA GLU A 11 -14.19 2.41 -3.81
C GLU A 11 -13.20 1.33 -3.39
N LEU A 12 -12.53 1.53 -2.25
CA LEU A 12 -11.54 0.56 -1.81
C LEU A 12 -12.21 -0.77 -1.48
N VAL A 13 -13.27 -0.75 -0.68
CA VAL A 13 -13.91 -2.00 -0.27
C VAL A 13 -14.59 -2.69 -1.44
N LYS A 14 -14.91 -1.94 -2.50
CA LYS A 14 -15.52 -2.50 -3.70
C LYS A 14 -14.47 -3.10 -4.63
N ARG A 15 -13.20 -2.69 -4.46
CA ARG A 15 -12.11 -3.12 -5.33
C ARG A 15 -11.11 -4.00 -4.59
N ASP A 16 -11.32 -4.22 -3.29
CA ASP A 16 -10.41 -5.03 -2.49
C ASP A 16 -10.48 -6.49 -2.93
N SER A 17 -9.43 -7.27 -2.64
CA SER A 17 -9.37 -8.68 -3.03
C SER A 17 -10.21 -9.53 -2.07
N GLY A 18 -10.40 -9.04 -0.84
CA GLY A 18 -11.19 -9.74 0.18
C GLY A 18 -10.42 -10.90 0.81
N LYS A 19 -9.22 -11.20 0.30
CA LYS A 19 -8.39 -12.28 0.83
C LYS A 19 -7.57 -11.77 2.01
N PRO A 20 -7.28 -12.62 3.00
CA PRO A 20 -6.50 -12.26 4.16
C PRO A 20 -5.06 -11.98 3.77
N VAL A 21 -4.38 -11.09 4.51
CA VAL A 21 -3.02 -10.67 4.20
C VAL A 21 -2.04 -11.84 4.15
N GLU A 22 -2.34 -12.94 4.85
CA GLU A 22 -1.44 -14.08 4.87
C GLU A 22 -1.44 -14.79 3.52
N LYS A 23 -2.49 -14.59 2.72
CA LYS A 23 -2.59 -15.15 1.38
C LYS A 23 -2.01 -14.18 0.36
N ILE A 24 -2.09 -12.88 0.64
CA ILE A 24 -1.64 -11.85 -0.30
C ILE A 24 -0.14 -11.97 -0.54
N LYS A 25 0.64 -12.18 0.53
CA LYS A 25 2.09 -12.20 0.41
C LYS A 25 2.56 -13.35 -0.47
N GLU A 26 1.76 -14.40 -0.61
CA GLU A 26 2.12 -15.53 -1.45
C GLU A 26 1.91 -15.14 -2.92
N GLU A 27 0.79 -14.48 -3.21
CA GLU A 27 0.50 -14.04 -4.57
C GLU A 27 1.47 -12.95 -4.99
N ILE A 28 1.97 -12.16 -4.03
CA ILE A 28 2.94 -11.12 -4.31
C ILE A 28 4.26 -11.74 -4.75
N CYS A 29 4.60 -12.91 -4.19
CA CYS A 29 5.84 -13.59 -4.52
C CYS A 29 5.78 -14.24 -5.91
N THR A 30 4.58 -14.48 -6.42
CA THR A 30 4.40 -15.17 -7.71
C THR A 30 3.73 -14.32 -8.80
N LYS A 31 3.63 -13.02 -8.59
CA LYS A 31 2.99 -12.12 -9.56
C LYS A 31 3.91 -10.98 -9.99
N SER A 32 5.20 -11.09 -9.70
CA SER A 32 6.16 -10.08 -10.11
C SER A 32 7.56 -10.68 -10.24
N PRO A 33 8.40 -10.12 -11.14
CA PRO A 33 9.80 -10.48 -11.27
C PRO A 33 10.60 -9.89 -10.11
N PRO A 34 11.87 -10.33 -9.95
CA PRO A 34 12.75 -9.82 -8.91
C PRO A 34 12.88 -8.30 -8.99
N LYS A 35 12.32 -7.61 -7.99
CA LYS A 35 12.34 -6.15 -7.90
C LYS A 35 12.33 -5.70 -6.45
N LEU A 36 12.65 -4.43 -6.21
CA LEU A 36 12.71 -3.88 -4.86
C LEU A 36 11.38 -4.06 -4.14
N ILE A 37 10.26 -3.88 -4.85
CA ILE A 37 8.94 -4.00 -4.26
C ILE A 37 8.66 -5.45 -3.85
N LYS A 38 9.11 -6.39 -4.69
CA LYS A 38 8.84 -7.80 -4.44
C LYS A 38 9.54 -8.26 -3.17
N GLU A 39 10.78 -7.82 -2.96
CA GLU A 39 11.55 -8.25 -1.81
C GLU A 39 10.99 -7.66 -0.51
N ILE A 40 10.41 -6.45 -0.57
CA ILE A 40 9.95 -5.79 0.65
C ILE A 40 8.79 -6.57 1.25
N ILE A 41 7.92 -7.12 0.41
CA ILE A 41 6.76 -7.86 0.89
C ILE A 41 6.98 -9.37 0.88
N CYS A 42 7.81 -9.87 -0.04
CA CYS A 42 8.02 -11.32 -0.16
C CYS A 42 9.11 -11.80 0.79
N GLU A 43 10.02 -10.91 1.23
CA GLU A 43 11.08 -11.26 2.15
C GLU A 43 10.94 -10.49 3.47
N ASN A 44 9.88 -9.67 3.57
CA ASN A 44 9.55 -8.92 4.77
C ASN A 44 10.73 -8.04 5.24
N LYS A 45 11.62 -7.65 4.34
CA LYS A 45 12.73 -6.77 4.69
C LYS A 45 12.23 -5.33 4.79
N THR A 46 13.12 -4.40 5.13
CA THR A 46 12.76 -3.01 5.37
C THR A 46 13.42 -2.06 4.36
N TYR A 47 12.96 -0.81 4.32
CA TYR A 47 13.44 0.16 3.34
C TYR A 47 14.94 0.42 3.43
N ALA A 48 15.50 0.29 4.64
CA ALA A 48 16.92 0.50 4.85
C ALA A 48 17.76 -0.65 4.27
N ASP A 49 17.13 -1.80 4.01
CA ASP A 49 17.85 -2.95 3.48
C ASP A 49 17.99 -2.78 1.97
N VAL A 50 17.00 -2.11 1.34
CA VAL A 50 17.01 -1.85 -0.10
C VAL A 50 17.49 -0.44 -0.41
N ASN A 51 17.91 0.30 0.63
CA ASN A 51 18.48 1.63 0.49
C ASN A 51 17.55 2.58 -0.27
N ILE A 52 16.30 2.70 0.18
CA ILE A 52 15.32 3.61 -0.41
C ILE A 52 14.75 4.51 0.68
N ASP A 53 14.29 5.71 0.29
CA ASP A 53 13.64 6.62 1.24
C ASP A 53 12.31 6.05 1.71
N ARG A 54 11.99 6.22 3.00
CA ARG A 54 10.84 5.59 3.60
C ARG A 54 9.53 6.16 3.07
N SER A 55 9.53 7.42 2.62
CA SER A 55 8.34 8.04 2.06
C SER A 55 8.16 7.65 0.59
N ARG A 56 9.28 7.54 -0.14
CA ARG A 56 9.25 7.18 -1.54
C ARG A 56 8.89 5.72 -1.70
N GLY A 57 9.38 4.87 -0.78
CA GLY A 57 9.08 3.46 -0.80
C GLY A 57 7.61 3.22 -0.49
N ASP A 58 7.05 3.99 0.46
CA ASP A 58 5.67 3.84 0.86
C ASP A 58 4.76 4.14 -0.34
N TRP A 59 5.18 5.05 -1.21
CA TRP A 59 4.39 5.39 -2.38
C TRP A 59 4.31 4.20 -3.34
N HIS A 60 5.46 3.67 -3.77
CA HIS A 60 5.49 2.61 -4.75
C HIS A 60 4.91 1.32 -4.19
N VAL A 61 4.98 1.12 -2.87
CA VAL A 61 4.44 -0.09 -2.24
C VAL A 61 2.91 -0.01 -2.22
N ILE A 62 2.34 1.16 -1.96
CA ILE A 62 0.89 1.29 -1.88
C ILE A 62 0.27 1.16 -3.27
N LEU A 63 0.88 1.78 -4.29
CA LEU A 63 0.32 1.76 -5.64
C LEU A 63 0.40 0.35 -6.23
N TYR A 64 1.42 -0.41 -5.85
CA TYR A 64 1.59 -1.76 -6.39
C TYR A 64 0.55 -2.75 -5.87
N LEU A 65 0.21 -2.65 -4.60
CA LEU A 65 -0.78 -3.54 -4.00
C LEU A 65 -2.15 -3.30 -4.61
N MET A 66 -2.47 -2.05 -4.93
CA MET A 66 -3.73 -1.73 -5.57
C MET A 66 -3.82 -2.37 -6.95
N LYS A 67 -2.71 -2.42 -7.67
CA LYS A 67 -2.63 -3.08 -8.97
C LYS A 67 -2.57 -4.60 -8.82
N HIS A 68 -2.22 -5.10 -7.62
CA HIS A 68 -2.21 -6.53 -7.33
C HIS A 68 -3.62 -7.03 -7.09
N GLY A 69 -4.56 -6.12 -6.81
CA GLY A 69 -5.97 -6.44 -6.62
C GLY A 69 -6.41 -6.26 -5.16
N VAL A 70 -5.48 -5.97 -4.26
CA VAL A 70 -5.81 -5.72 -2.86
C VAL A 70 -5.79 -4.23 -2.57
N THR A 71 -6.81 -3.71 -1.88
CA THR A 71 -6.93 -2.26 -1.68
C THR A 71 -7.42 -1.83 -0.30
N ASP A 72 -7.84 -2.79 0.54
CA ASP A 72 -8.22 -2.48 1.91
C ASP A 72 -7.05 -1.84 2.67
N PRO A 73 -7.25 -0.66 3.27
CA PRO A 73 -6.19 0.07 3.93
C PRO A 73 -5.52 -0.73 5.04
N ASP A 74 -6.22 -1.71 5.63
CA ASP A 74 -5.65 -2.53 6.69
C ASP A 74 -4.72 -3.60 6.13
N LYS A 75 -4.98 -4.05 4.90
CA LYS A 75 -4.12 -5.02 4.23
C LYS A 75 -2.90 -4.30 3.68
N ILE A 76 -3.10 -3.12 3.10
CA ILE A 76 -2.00 -2.33 2.56
C ILE A 76 -1.05 -1.95 3.68
N LEU A 77 -1.60 -1.56 4.83
CA LEU A 77 -0.83 -1.11 5.98
C LEU A 77 -0.04 -2.26 6.59
N GLU A 78 -0.66 -3.43 6.68
CA GLU A 78 -0.06 -4.58 7.36
C GLU A 78 1.15 -5.10 6.60
N LEU A 79 1.25 -4.76 5.31
CA LEU A 79 2.35 -5.24 4.47
C LEU A 79 3.48 -4.23 4.36
N LEU A 80 3.33 -3.04 4.95
CA LEU A 80 4.39 -2.04 4.93
C LEU A 80 5.54 -2.48 5.84
N PRO A 81 6.79 -2.17 5.46
CA PRO A 81 7.98 -2.55 6.19
C PRO A 81 8.09 -1.81 7.52
N ARG A 82 9.08 -2.18 8.34
CA ARG A 82 9.24 -1.65 9.68
C ARG A 82 9.61 -0.17 9.67
N ASP A 83 10.37 0.27 8.66
CA ASP A 83 10.81 1.65 8.58
C ASP A 83 9.80 2.59 7.91
N SER A 84 8.59 2.09 7.67
CA SER A 84 7.58 2.84 6.93
C SER A 84 7.22 4.14 7.65
N LYS A 85 6.99 5.19 6.86
CA LYS A 85 6.57 6.49 7.38
C LYS A 85 5.13 6.40 7.92
N ALA A 86 4.39 5.37 7.50
CA ALA A 86 3.03 5.14 7.95
C ALA A 86 2.98 4.18 9.14
N LYS A 87 4.12 3.88 9.77
CA LYS A 87 4.17 2.94 10.88
C LYS A 87 5.09 3.41 12.01
N GLU A 88 6.11 4.22 11.71
CA GLU A 88 7.04 4.72 12.72
C GLU A 88 7.04 6.25 12.78
N ASN A 89 5.97 6.82 13.33
CA ASN A 89 5.85 8.26 13.58
C ASN A 89 4.82 8.50 14.69
N GLU A 90 4.60 9.76 15.06
CA GLU A 90 3.60 10.12 16.05
C GLU A 90 2.22 9.64 15.59
N LYS A 91 1.43 9.08 16.50
CA LYS A 91 0.18 8.41 16.15
C LYS A 91 -0.75 9.31 15.35
N TRP A 92 -0.81 10.60 15.69
CA TRP A 92 -1.74 11.52 15.04
C TRP A 92 -1.23 11.86 13.64
N ASN A 93 0.09 11.98 13.47
CA ASN A 93 0.68 12.33 12.19
C ASN A 93 0.73 11.13 11.26
N THR A 94 0.83 9.92 11.83
CA THR A 94 0.90 8.70 11.05
C THR A 94 -0.42 8.38 10.36
N GLN A 95 -1.54 8.56 11.06
CA GLN A 95 -2.86 8.29 10.50
C GLN A 95 -3.23 9.36 9.48
N LYS A 96 -2.83 10.61 9.73
CA LYS A 96 -3.13 11.71 8.84
C LYS A 96 -2.38 11.49 7.52
N TYR A 97 -1.06 11.35 7.58
CA TYR A 97 -0.25 11.19 6.39
C TYR A 97 -0.54 9.90 5.62
N PHE A 98 -0.96 8.85 6.33
CA PHE A 98 -1.33 7.60 5.68
C PHE A 98 -2.48 7.76 4.71
N VAL A 99 -3.51 8.52 5.10
CA VAL A 99 -4.67 8.72 4.26
C VAL A 99 -4.34 9.66 3.11
N ILE A 100 -3.42 10.61 3.33
CA ILE A 100 -3.02 11.52 2.26
C ILE A 100 -2.29 10.75 1.17
N THR A 101 -1.47 9.77 1.57
CA THR A 101 -0.75 8.92 0.63
C THR A 101 -1.66 7.87 0.01
N LEU A 102 -2.59 7.35 0.80
CA LEU A 102 -3.50 6.31 0.35
C LEU A 102 -4.49 6.86 -0.67
N SER A 103 -5.03 8.06 -0.41
CA SER A 103 -6.03 8.65 -1.28
C SER A 103 -5.42 9.06 -2.62
N LYS A 104 -4.18 9.57 -2.61
CA LYS A 104 -3.52 9.97 -3.83
C LYS A 104 -2.98 8.76 -4.58
N ALA A 105 -2.55 7.72 -3.86
CA ALA A 105 -2.07 6.51 -4.50
C ALA A 105 -3.20 5.83 -5.25
N TRP A 106 -4.38 5.72 -4.61
CA TRP A 106 -5.52 5.11 -5.24
C TRP A 106 -6.02 5.94 -6.42
N SER A 107 -5.83 7.25 -6.35
CA SER A 107 -6.22 8.14 -7.43
C SER A 107 -5.36 7.90 -8.67
N VAL A 108 -4.09 7.53 -8.47
CA VAL A 108 -3.16 7.38 -9.59
C VAL A 108 -3.39 6.02 -10.25
N VAL A 109 -3.66 4.97 -9.48
CA VAL A 109 -3.85 3.65 -10.05
C VAL A 109 -5.24 3.49 -10.67
N LYS A 110 -6.27 4.15 -10.10
CA LYS A 110 -7.62 3.99 -10.61
C LYS A 110 -7.77 4.72 -11.95
N LYS A 111 -7.06 5.84 -12.14
CA LYS A 111 -7.11 6.54 -13.42
C LYS A 111 -6.21 5.84 -14.44
N TYR A 112 -5.24 5.06 -13.97
CA TYR A 112 -4.38 4.28 -14.85
C TYR A 112 -5.04 2.99 -15.34
N LEU A 113 -5.91 2.39 -14.51
CA LEU A 113 -6.67 1.21 -14.93
C LEU A 113 -7.90 1.62 -15.73
N GLU A 114 -8.31 2.89 -15.65
CA GLU A 114 -9.42 3.40 -16.42
C GLU A 114 -9.03 3.63 -17.88
N ALA A 115 -7.72 3.74 -18.15
CA ALA A 115 -7.20 3.97 -19.49
C ALA A 115 -7.45 2.75 -20.38
N THR A 1 -14.60 18.49 1.84
CA THR A 1 -13.36 17.69 1.90
C THR A 1 -13.54 16.32 2.54
N VAL A 2 -14.03 16.29 3.78
CA VAL A 2 -14.20 15.03 4.51
C VAL A 2 -15.16 14.08 3.80
N VAL A 3 -16.14 14.64 3.07
CA VAL A 3 -17.11 13.83 2.36
C VAL A 3 -16.47 13.10 1.18
N GLU A 4 -15.40 13.67 0.62
CA GLU A 4 -14.67 13.05 -0.49
C GLU A 4 -13.89 11.85 0.04
N PHE A 5 -13.45 11.93 1.30
CA PHE A 5 -12.75 10.82 1.94
C PHE A 5 -13.66 9.65 2.31
N GLU A 6 -14.95 9.91 2.51
CA GLU A 6 -15.92 8.84 2.78
C GLU A 6 -16.22 8.08 1.49
N GLU A 7 -16.18 8.77 0.35
CA GLU A 7 -16.38 8.12 -0.94
C GLU A 7 -15.16 7.29 -1.31
N LEU A 8 -13.99 7.65 -0.78
CA LEU A 8 -12.77 6.87 -1.00
C LEU A 8 -12.83 5.58 -0.20
N ARG A 9 -13.33 5.65 1.03
CA ARG A 9 -13.38 4.49 1.90
C ARG A 9 -14.28 3.41 1.33
N LYS A 10 -15.42 3.78 0.74
CA LYS A 10 -16.34 2.81 0.17
C LYS A 10 -15.83 2.32 -1.18
N GLU A 11 -14.99 3.12 -1.86
CA GLU A 11 -14.45 2.74 -3.15
C GLU A 11 -13.38 1.66 -3.00
N LEU A 12 -12.52 1.78 -1.97
CA LEU A 12 -11.46 0.80 -1.77
C LEU A 12 -12.05 -0.55 -1.35
N VAL A 13 -12.95 -0.57 -0.37
CA VAL A 13 -13.50 -1.82 0.11
C VAL A 13 -14.31 -2.53 -0.98
N LYS A 14 -14.79 -1.77 -1.98
CA LYS A 14 -15.52 -2.33 -3.09
C LYS A 14 -14.57 -2.90 -4.15
N ARG A 15 -13.32 -2.41 -4.17
CA ARG A 15 -12.31 -2.82 -5.13
C ARG A 15 -11.28 -3.77 -4.52
N ASP A 16 -11.39 -4.04 -3.22
CA ASP A 16 -10.42 -4.86 -2.50
C ASP A 16 -10.49 -6.32 -2.95
N SER A 17 -9.40 -7.07 -2.75
CA SER A 17 -9.32 -8.47 -3.14
C SER A 17 -10.18 -9.33 -2.21
N GLY A 18 -10.37 -8.89 -0.96
CA GLY A 18 -11.17 -9.59 0.03
C GLY A 18 -10.44 -10.80 0.63
N LYS A 19 -9.32 -11.20 0.04
CA LYS A 19 -8.51 -12.30 0.56
C LYS A 19 -7.66 -11.82 1.73
N PRO A 20 -7.38 -12.70 2.71
CA PRO A 20 -6.59 -12.36 3.88
C PRO A 20 -5.14 -12.10 3.48
N VAL A 21 -4.46 -11.24 4.23
CA VAL A 21 -3.09 -10.84 3.94
C VAL A 21 -2.13 -12.02 3.84
N GLU A 22 -2.45 -13.14 4.48
CA GLU A 22 -1.58 -14.32 4.47
C GLU A 22 -1.59 -14.97 3.09
N LYS A 23 -2.66 -14.74 2.31
CA LYS A 23 -2.76 -15.26 0.95
C LYS A 23 -2.19 -14.25 -0.05
N ILE A 24 -2.28 -12.95 0.28
CA ILE A 24 -1.84 -11.89 -0.62
C ILE A 24 -0.34 -12.00 -0.88
N LYS A 25 0.46 -12.24 0.16
CA LYS A 25 1.91 -12.27 0.04
C LYS A 25 2.36 -13.41 -0.86
N GLU A 26 1.53 -14.46 -1.01
CA GLU A 26 1.88 -15.61 -1.83
C GLU A 26 1.75 -15.22 -3.30
N GLU A 27 0.63 -14.57 -3.66
CA GLU A 27 0.42 -14.14 -5.03
C GLU A 27 1.39 -13.03 -5.38
N ILE A 28 1.64 -12.12 -4.44
CA ILE A 28 2.51 -10.98 -4.68
C ILE A 28 3.89 -11.44 -5.12
N CYS A 29 4.39 -12.52 -4.51
CA CYS A 29 5.75 -12.98 -4.76
C CYS A 29 5.82 -13.89 -5.98
N THR A 30 4.67 -14.41 -6.43
CA THR A 30 4.65 -15.35 -7.54
C THR A 30 3.90 -14.86 -8.79
N LYS A 31 3.39 -13.61 -8.76
CA LYS A 31 2.59 -13.08 -9.85
C LYS A 31 3.46 -12.65 -11.03
N SER A 32 4.74 -12.41 -10.76
CA SER A 32 5.70 -12.05 -11.80
C SER A 32 7.12 -12.23 -11.26
N PRO A 33 8.14 -12.17 -12.13
CA PRO A 33 9.53 -12.34 -11.75
C PRO A 33 9.96 -11.38 -10.64
N PRO A 34 11.07 -11.68 -9.95
CA PRO A 34 11.54 -10.94 -8.80
C PRO A 34 11.75 -9.45 -9.10
N LYS A 35 11.41 -8.60 -8.13
CA LYS A 35 11.56 -7.16 -8.20
C LYS A 35 11.83 -6.62 -6.79
N LEU A 36 12.30 -5.38 -6.68
CA LEU A 36 12.61 -4.77 -5.40
C LEU A 36 11.36 -4.69 -4.52
N ILE A 37 10.20 -4.46 -5.13
CA ILE A 37 8.94 -4.38 -4.39
C ILE A 37 8.56 -5.74 -3.81
N LYS A 38 8.85 -6.82 -4.53
CA LYS A 38 8.59 -8.16 -4.04
C LYS A 38 9.59 -8.52 -2.97
N GLU A 39 10.82 -7.97 -3.06
CA GLU A 39 11.86 -8.26 -2.10
C GLU A 39 11.51 -7.70 -0.72
N ILE A 40 10.71 -6.62 -0.69
CA ILE A 40 10.30 -6.03 0.58
C ILE A 40 9.20 -6.87 1.23
N ILE A 41 8.19 -7.25 0.45
CA ILE A 41 7.03 -7.94 0.99
C ILE A 41 7.29 -9.44 1.18
N CYS A 42 8.07 -10.04 0.30
CA CYS A 42 8.25 -11.50 0.28
C CYS A 42 9.35 -11.92 1.24
N GLU A 43 10.01 -10.97 1.90
CA GLU A 43 11.06 -11.25 2.88
C GLU A 43 10.82 -10.48 4.18
N ASN A 44 9.73 -9.71 4.25
CA ASN A 44 9.33 -8.95 5.43
C ASN A 44 10.47 -8.04 5.93
N LYS A 45 11.39 -7.67 5.05
CA LYS A 45 12.49 -6.77 5.39
C LYS A 45 11.99 -5.32 5.42
N THR A 46 12.91 -4.36 5.39
CA THR A 46 12.58 -2.95 5.53
C THR A 46 13.35 -2.07 4.55
N TYR A 47 12.94 -0.79 4.45
CA TYR A 47 13.52 0.13 3.49
C TYR A 47 15.02 0.35 3.68
N ALA A 48 15.49 0.25 4.92
CA ALA A 48 16.88 0.45 5.25
C ALA A 48 17.75 -0.70 4.72
N ASP A 49 17.14 -1.83 4.38
CA ASP A 49 17.89 -2.97 3.86
C ASP A 49 18.14 -2.75 2.37
N VAL A 50 17.24 -2.04 1.71
CA VAL A 50 17.35 -1.75 0.27
C VAL A 50 17.79 -0.31 0.01
N ASN A 51 18.14 0.43 1.07
CA ASN A 51 18.68 1.78 0.98
C ASN A 51 17.78 2.71 0.17
N ILE A 52 16.48 2.73 0.47
CA ILE A 52 15.53 3.58 -0.21
C ILE A 52 14.88 4.55 0.78
N ASP A 53 14.40 5.71 0.30
CA ASP A 53 13.74 6.68 1.15
C ASP A 53 12.38 6.18 1.61
N ARG A 54 12.04 6.47 2.88
CA ARG A 54 10.84 5.93 3.52
C ARG A 54 9.57 6.45 2.85
N SER A 55 9.57 7.70 2.38
CA SER A 55 8.38 8.29 1.77
C SER A 55 8.25 7.85 0.31
N ARG A 56 9.37 7.67 -0.37
CA ARG A 56 9.37 7.22 -1.76
C ARG A 56 8.98 5.75 -1.82
N GLY A 57 9.40 4.97 -0.84
CA GLY A 57 9.05 3.57 -0.78
C GLY A 57 7.56 3.41 -0.51
N ASP A 58 7.03 4.19 0.45
CA ASP A 58 5.62 4.14 0.77
C ASP A 58 4.73 4.45 -0.42
N TRP A 59 5.22 5.24 -1.38
CA TRP A 59 4.46 5.53 -2.58
C TRP A 59 4.40 4.29 -3.47
N HIS A 60 5.57 3.75 -3.87
CA HIS A 60 5.62 2.65 -4.80
C HIS A 60 5.01 1.37 -4.22
N VAL A 61 5.10 1.20 -2.90
CA VAL A 61 4.58 0.00 -2.26
C VAL A 61 3.06 0.06 -2.23
N ILE A 62 2.48 1.24 -1.97
CA ILE A 62 1.02 1.35 -1.87
C ILE A 62 0.38 1.25 -3.26
N LEU A 63 1.01 1.84 -4.28
CA LEU A 63 0.45 1.80 -5.62
C LEU A 63 0.51 0.37 -6.16
N TYR A 64 1.60 -0.35 -5.86
CA TYR A 64 1.77 -1.69 -6.39
C TYR A 64 0.75 -2.68 -5.88
N LEU A 65 0.40 -2.57 -4.59
CA LEU A 65 -0.58 -3.46 -3.98
C LEU A 65 -1.97 -3.22 -4.58
N MET A 66 -2.32 -1.96 -4.83
CA MET A 66 -3.62 -1.64 -5.39
C MET A 66 -3.70 -2.03 -6.87
N LYS A 67 -2.54 -2.12 -7.54
CA LYS A 67 -2.49 -2.67 -8.90
C LYS A 67 -2.59 -4.21 -8.87
N HIS A 68 -2.27 -4.83 -7.74
CA HIS A 68 -2.36 -6.28 -7.59
C HIS A 68 -3.81 -6.70 -7.35
N GLY A 69 -4.67 -5.75 -6.96
CA GLY A 69 -6.09 -5.99 -6.75
C GLY A 69 -6.47 -5.92 -5.27
N VAL A 70 -5.48 -5.79 -4.37
CA VAL A 70 -5.76 -5.63 -2.95
C VAL A 70 -5.68 -4.15 -2.60
N THR A 71 -6.73 -3.62 -1.95
CA THR A 71 -6.84 -2.18 -1.73
C THR A 71 -7.31 -1.78 -0.34
N ASP A 72 -7.71 -2.75 0.49
CA ASP A 72 -8.08 -2.49 1.87
C ASP A 72 -6.89 -1.90 2.64
N PRO A 73 -7.06 -0.72 3.27
CA PRO A 73 -5.98 -0.02 3.94
C PRO A 73 -5.34 -0.84 5.05
N ASP A 74 -6.06 -1.82 5.61
CA ASP A 74 -5.53 -2.66 6.65
C ASP A 74 -4.60 -3.72 6.04
N LYS A 75 -4.94 -4.22 4.86
CA LYS A 75 -4.10 -5.18 4.16
C LYS A 75 -2.85 -4.49 3.62
N ILE A 76 -3.01 -3.27 3.11
CA ILE A 76 -1.88 -2.49 2.60
C ILE A 76 -0.94 -2.18 3.75
N LEU A 77 -1.48 -1.67 4.86
CA LEU A 77 -0.71 -1.26 6.01
C LEU A 77 0.07 -2.44 6.59
N GLU A 78 -0.55 -3.63 6.57
CA GLU A 78 0.06 -4.82 7.14
C GLU A 78 1.25 -5.27 6.32
N LEU A 79 1.33 -4.83 5.06
CA LEU A 79 2.42 -5.23 4.16
C LEU A 79 3.49 -4.14 4.01
N LEU A 80 3.25 -2.95 4.57
CA LEU A 80 4.29 -1.91 4.56
C LEU A 80 5.38 -2.29 5.57
N PRO A 81 6.64 -1.97 5.25
CA PRO A 81 7.80 -2.38 6.01
C PRO A 81 7.87 -1.69 7.38
N ARG A 82 8.82 -2.15 8.21
CA ARG A 82 8.93 -1.73 9.60
C ARG A 82 9.40 -0.28 9.72
N ASP A 83 10.18 0.20 8.74
CA ASP A 83 10.73 1.57 8.79
C ASP A 83 9.86 2.48 7.92
N SER A 84 8.59 2.11 7.71
CA SER A 84 7.68 2.91 6.91
C SER A 84 7.30 4.19 7.63
N LYS A 85 7.18 5.30 6.89
CA LYS A 85 6.80 6.58 7.44
C LYS A 85 5.32 6.54 7.84
N ALA A 86 4.55 5.64 7.23
CA ALA A 86 3.15 5.46 7.53
C ALA A 86 2.95 4.47 8.68
N LYS A 87 4.03 4.14 9.42
CA LYS A 87 3.95 3.18 10.53
C LYS A 87 4.83 3.59 11.71
N GLU A 88 5.85 4.42 11.46
CA GLU A 88 6.76 4.87 12.51
C GLU A 88 6.62 6.37 12.80
N ASN A 89 5.42 6.77 13.24
CA ASN A 89 5.15 8.15 13.63
C ASN A 89 4.05 8.18 14.71
N GLU A 90 3.73 9.39 15.20
CA GLU A 90 2.68 9.56 16.19
C GLU A 90 1.35 9.01 15.66
N LYS A 91 0.56 8.37 16.52
CA LYS A 91 -0.62 7.63 16.09
C LYS A 91 -1.58 8.51 15.28
N TRP A 92 -1.76 9.77 15.70
CA TRP A 92 -2.67 10.68 15.02
C TRP A 92 -2.09 11.18 13.72
N ASN A 93 -0.77 11.41 13.68
CA ASN A 93 -0.11 11.91 12.48
C ASN A 93 0.02 10.80 11.44
N THR A 94 0.09 9.55 11.91
CA THR A 94 0.25 8.41 11.03
C THR A 94 -1.02 8.14 10.24
N GLN A 95 -2.19 8.25 10.89
CA GLN A 95 -3.46 8.03 10.21
C GLN A 95 -3.74 9.13 9.21
N LYS A 96 -3.35 10.37 9.53
CA LYS A 96 -3.56 11.50 8.62
C LYS A 96 -2.68 11.37 7.38
N TYR A 97 -1.38 11.13 7.57
CA TYR A 97 -0.46 11.04 6.45
C TYR A 97 -0.67 9.80 5.59
N PHE A 98 -1.09 8.69 6.21
CA PHE A 98 -1.37 7.47 5.49
C PHE A 98 -2.49 7.63 4.47
N VAL A 99 -3.55 8.34 4.84
CA VAL A 99 -4.70 8.52 3.97
C VAL A 99 -4.35 9.49 2.85
N ILE A 100 -3.47 10.46 3.10
CA ILE A 100 -3.05 11.40 2.07
C ILE A 100 -2.25 10.66 0.99
N THR A 101 -1.40 9.72 1.41
CA THR A 101 -0.64 8.91 0.49
C THR A 101 -1.50 7.88 -0.23
N LEU A 102 -2.46 7.30 0.51
CA LEU A 102 -3.33 6.27 -0.01
C LEU A 102 -4.35 6.84 -1.01
N SER A 103 -4.87 8.03 -0.72
CA SER A 103 -5.89 8.63 -1.57
C SER A 103 -5.30 9.07 -2.89
N LYS A 104 -4.07 9.59 -2.87
CA LYS A 104 -3.39 10.00 -4.10
C LYS A 104 -2.86 8.79 -4.84
N ALA A 105 -2.44 7.75 -4.11
CA ALA A 105 -1.97 6.53 -4.72
C ALA A 105 -3.12 5.87 -5.48
N TRP A 106 -4.30 5.84 -4.87
CA TRP A 106 -5.45 5.22 -5.49
C TRP A 106 -5.91 6.00 -6.72
N SER A 107 -5.70 7.32 -6.71
CA SER A 107 -6.06 8.17 -7.82
C SER A 107 -5.20 7.83 -9.04
N VAL A 108 -3.95 7.43 -8.82
CA VAL A 108 -3.02 7.17 -9.92
C VAL A 108 -3.27 5.77 -10.48
N VAL A 109 -3.50 4.78 -9.63
CA VAL A 109 -3.69 3.41 -10.10
C VAL A 109 -5.08 3.22 -10.71
N LYS A 110 -6.09 3.95 -10.22
CA LYS A 110 -7.44 3.77 -10.75
C LYS A 110 -7.55 4.40 -12.12
N LYS A 111 -6.89 5.55 -12.35
CA LYS A 111 -6.96 6.19 -13.66
C LYS A 111 -6.10 5.42 -14.66
N TYR A 112 -5.18 4.59 -14.14
CA TYR A 112 -4.34 3.74 -14.96
C TYR A 112 -4.97 2.40 -15.35
N LEU A 113 -6.01 1.98 -14.62
CA LEU A 113 -6.72 0.73 -14.89
C LEU A 113 -8.10 1.00 -15.47
N GLU A 114 -8.66 2.18 -15.22
CA GLU A 114 -9.97 2.56 -15.75
C GLU A 114 -9.84 3.25 -17.11
N ALA A 115 -8.68 3.10 -17.75
CA ALA A 115 -8.40 3.74 -19.04
C ALA A 115 -7.53 2.82 -19.89
N THR A 1 -14.30 18.40 0.96
CA THR A 1 -13.11 17.60 1.31
C THR A 1 -13.45 16.36 2.14
N VAL A 2 -14.20 16.54 3.22
CA VAL A 2 -14.57 15.44 4.12
C VAL A 2 -15.43 14.42 3.35
N VAL A 3 -16.37 14.90 2.55
CA VAL A 3 -17.26 14.02 1.79
C VAL A 3 -16.48 13.20 0.74
N GLU A 4 -15.34 13.72 0.27
CA GLU A 4 -14.52 13.01 -0.71
C GLU A 4 -13.74 11.89 -0.03
N PHE A 5 -13.45 12.04 1.27
CA PHE A 5 -12.79 11.00 2.04
C PHE A 5 -13.68 9.80 2.32
N GLU A 6 -14.98 10.04 2.56
CA GLU A 6 -15.93 8.96 2.77
C GLU A 6 -16.20 8.23 1.46
N GLU A 7 -16.08 8.95 0.33
CA GLU A 7 -16.25 8.37 -0.98
C GLU A 7 -15.07 7.45 -1.32
N LEU A 8 -13.91 7.73 -0.71
CA LEU A 8 -12.71 6.92 -0.91
C LEU A 8 -12.83 5.62 -0.12
N ARG A 9 -13.37 5.69 1.11
CA ARG A 9 -13.48 4.50 1.95
C ARG A 9 -14.39 3.46 1.31
N LYS A 10 -15.53 3.90 0.77
CA LYS A 10 -16.48 2.97 0.17
C LYS A 10 -15.94 2.42 -1.14
N GLU A 11 -15.07 3.18 -1.83
CA GLU A 11 -14.52 2.74 -3.10
C GLU A 11 -13.46 1.67 -2.89
N LEU A 12 -12.60 1.83 -1.88
CA LEU A 12 -11.55 0.85 -1.65
C LEU A 12 -12.14 -0.49 -1.21
N VAL A 13 -13.06 -0.48 -0.25
CA VAL A 13 -13.63 -1.73 0.25
C VAL A 13 -14.45 -2.44 -0.82
N LYS A 14 -14.94 -1.71 -1.82
CA LYS A 14 -15.66 -2.30 -2.94
C LYS A 14 -14.69 -2.88 -3.98
N ARG A 15 -13.45 -2.38 -3.99
CA ARG A 15 -12.44 -2.78 -4.97
C ARG A 15 -11.43 -3.75 -4.36
N ASP A 16 -11.52 -4.00 -3.05
CA ASP A 16 -10.55 -4.84 -2.36
C ASP A 16 -10.65 -6.29 -2.83
N SER A 17 -9.56 -7.06 -2.65
CA SER A 17 -9.50 -8.45 -3.05
C SER A 17 -10.36 -9.32 -2.14
N GLY A 18 -10.54 -8.89 -0.89
CA GLY A 18 -11.38 -9.58 0.09
C GLY A 18 -10.68 -10.78 0.72
N LYS A 19 -9.58 -11.25 0.14
CA LYS A 19 -8.79 -12.34 0.71
C LYS A 19 -7.84 -11.81 1.79
N PRO A 20 -7.54 -12.63 2.80
CA PRO A 20 -6.67 -12.25 3.91
C PRO A 20 -5.24 -12.05 3.42
N VAL A 21 -4.49 -11.18 4.11
CA VAL A 21 -3.13 -10.83 3.71
C VAL A 21 -2.20 -12.04 3.63
N GLU A 22 -2.51 -13.12 4.36
CA GLU A 22 -1.68 -14.31 4.34
C GLU A 22 -1.76 -14.99 2.97
N LYS A 23 -2.84 -14.74 2.22
CA LYS A 23 -2.99 -15.24 0.86
C LYS A 23 -2.43 -14.25 -0.14
N ILE A 24 -2.52 -12.95 0.16
CA ILE A 24 -2.08 -11.90 -0.75
C ILE A 24 -0.58 -12.02 -1.00
N LYS A 25 0.21 -12.25 0.06
CA LYS A 25 1.65 -12.30 -0.07
C LYS A 25 2.10 -13.47 -0.96
N GLU A 26 1.26 -14.49 -1.11
CA GLU A 26 1.61 -15.62 -1.97
C GLU A 26 1.49 -15.19 -3.42
N GLU A 27 0.39 -14.53 -3.77
CA GLU A 27 0.16 -14.10 -5.14
C GLU A 27 1.10 -12.96 -5.51
N ILE A 28 1.56 -12.20 -4.52
CA ILE A 28 2.48 -11.09 -4.76
C ILE A 28 3.87 -11.61 -5.10
N CYS A 29 4.28 -12.70 -4.46
CA CYS A 29 5.65 -13.20 -4.56
C CYS A 29 5.83 -14.18 -5.72
N THR A 30 4.74 -14.59 -6.36
CA THR A 30 4.82 -15.49 -7.51
C THR A 30 4.32 -14.89 -8.82
N LYS A 31 3.93 -13.61 -8.83
CA LYS A 31 3.43 -12.98 -10.05
C LYS A 31 4.48 -12.06 -10.67
N SER A 32 5.67 -11.99 -10.09
CA SER A 32 6.70 -11.06 -10.55
C SER A 32 8.10 -11.60 -10.30
N PRO A 33 9.04 -11.31 -11.22
CA PRO A 33 10.46 -11.60 -11.04
C PRO A 33 11.04 -10.70 -9.94
N PRO A 34 12.29 -10.96 -9.52
CA PRO A 34 12.96 -10.19 -8.50
C PRO A 34 12.93 -8.68 -8.80
N LYS A 35 12.51 -7.89 -7.82
CA LYS A 35 12.41 -6.44 -7.93
C LYS A 35 12.35 -5.85 -6.53
N LEU A 36 12.64 -4.56 -6.37
CA LEU A 36 12.72 -3.93 -5.07
C LEU A 36 11.40 -4.09 -4.29
N ILE A 37 10.27 -4.06 -5.00
CA ILE A 37 8.97 -4.21 -4.36
C ILE A 37 8.79 -5.63 -3.83
N LYS A 38 9.32 -6.62 -4.55
CA LYS A 38 9.24 -8.02 -4.16
C LYS A 38 10.20 -8.29 -3.01
N GLU A 39 11.33 -7.60 -3.00
CA GLU A 39 12.33 -7.76 -1.95
C GLU A 39 11.78 -7.31 -0.59
N ILE A 40 10.92 -6.30 -0.57
CA ILE A 40 10.40 -5.78 0.69
C ILE A 40 9.34 -6.71 1.28
N ILE A 41 8.38 -7.14 0.45
CA ILE A 41 7.22 -7.87 0.94
C ILE A 41 7.50 -9.37 1.09
N CYS A 42 8.41 -9.92 0.28
CA CYS A 42 8.65 -11.36 0.25
C CYS A 42 9.81 -11.77 1.15
N GLU A 43 10.44 -10.82 1.83
CA GLU A 43 11.53 -11.12 2.76
C GLU A 43 11.32 -10.40 4.10
N ASN A 44 10.22 -9.64 4.23
CA ASN A 44 9.87 -8.93 5.45
C ASN A 44 10.98 -7.97 5.91
N LYS A 45 11.88 -7.58 5.00
CA LYS A 45 12.95 -6.65 5.30
C LYS A 45 12.40 -5.22 5.34
N THR A 46 13.27 -4.23 5.40
CA THR A 46 12.87 -2.85 5.54
C THR A 46 13.57 -1.92 4.54
N TYR A 47 13.11 -0.67 4.44
CA TYR A 47 13.62 0.27 3.45
C TYR A 47 15.12 0.56 3.59
N ALA A 48 15.64 0.51 4.83
CA ALA A 48 17.04 0.73 5.08
C ALA A 48 17.90 -0.41 4.54
N ASP A 49 17.30 -1.57 4.28
CA ASP A 49 18.04 -2.72 3.77
C ASP A 49 18.24 -2.55 2.26
N VAL A 50 17.33 -1.84 1.61
CA VAL A 50 17.39 -1.59 0.18
C VAL A 50 17.81 -0.15 -0.14
N ASN A 51 18.17 0.62 0.90
CA ASN A 51 18.70 1.97 0.76
C ASN A 51 17.75 2.89 -0.01
N ILE A 52 16.46 2.89 0.35
CA ILE A 52 15.47 3.75 -0.29
C ILE A 52 14.79 4.66 0.74
N ASP A 53 14.29 5.81 0.29
CA ASP A 53 13.53 6.71 1.14
C ASP A 53 12.20 6.09 1.55
N ARG A 54 11.85 6.19 2.84
CA ARG A 54 10.64 5.55 3.36
C ARG A 54 9.39 6.16 2.76
N SER A 55 9.45 7.43 2.34
CA SER A 55 8.30 8.09 1.73
C SER A 55 8.16 7.68 0.27
N ARG A 56 9.29 7.54 -0.43
CA ARG A 56 9.30 7.09 -1.81
C ARG A 56 8.93 5.62 -1.89
N GLY A 57 9.38 4.84 -0.90
CA GLY A 57 9.09 3.42 -0.85
C GLY A 57 7.60 3.19 -0.66
N ASP A 58 7.00 3.86 0.33
CA ASP A 58 5.57 3.72 0.57
C ASP A 58 4.72 4.07 -0.65
N TRP A 59 5.20 4.98 -1.50
CA TRP A 59 4.46 5.31 -2.70
C TRP A 59 4.40 4.12 -3.63
N HIS A 60 5.57 3.58 -4.00
CA HIS A 60 5.64 2.48 -4.96
C HIS A 60 5.03 1.21 -4.37
N VAL A 61 5.08 1.05 -3.05
CA VAL A 61 4.56 -0.14 -2.38
C VAL A 61 3.04 -0.06 -2.31
N ILE A 62 2.48 1.12 -2.01
CA ILE A 62 1.03 1.24 -1.88
C ILE A 62 0.35 1.18 -3.25
N LEU A 63 0.96 1.77 -4.29
CA LEU A 63 0.37 1.74 -5.62
C LEU A 63 0.41 0.32 -6.18
N TYR A 64 1.48 -0.42 -5.90
CA TYR A 64 1.64 -1.76 -6.44
C TYR A 64 0.62 -2.76 -5.91
N LEU A 65 0.28 -2.65 -4.62
CA LEU A 65 -0.68 -3.52 -4.00
C LEU A 65 -2.08 -3.26 -4.56
N MET A 66 -2.41 -1.99 -4.81
CA MET A 66 -3.72 -1.65 -5.36
C MET A 66 -3.81 -2.05 -6.83
N LYS A 67 -2.68 -2.18 -7.52
CA LYS A 67 -2.64 -2.75 -8.86
C LYS A 67 -2.75 -4.27 -8.83
N HIS A 68 -2.42 -4.90 -7.69
CA HIS A 68 -2.55 -6.34 -7.53
C HIS A 68 -4.02 -6.72 -7.32
N GLY A 69 -4.84 -5.75 -6.89
CA GLY A 69 -6.27 -5.96 -6.69
C GLY A 69 -6.64 -5.91 -5.20
N VAL A 70 -5.65 -5.79 -4.31
CA VAL A 70 -5.91 -5.62 -2.89
C VAL A 70 -5.84 -4.14 -2.56
N THR A 71 -6.88 -3.61 -1.90
CA THR A 71 -6.98 -2.17 -1.69
C THR A 71 -7.44 -1.75 -0.30
N ASP A 72 -7.81 -2.72 0.55
CA ASP A 72 -8.16 -2.44 1.93
C ASP A 72 -6.98 -1.84 2.68
N PRO A 73 -7.15 -0.67 3.30
CA PRO A 73 -6.06 0.05 3.95
C PRO A 73 -5.39 -0.77 5.04
N ASP A 74 -6.09 -1.75 5.61
CA ASP A 74 -5.50 -2.60 6.65
C ASP A 74 -4.55 -3.62 6.01
N LYS A 75 -4.91 -4.13 4.84
CA LYS A 75 -4.06 -5.07 4.12
C LYS A 75 -2.85 -4.35 3.55
N ILE A 76 -3.07 -3.14 3.02
CA ILE A 76 -1.98 -2.34 2.46
C ILE A 76 -0.99 -1.98 3.57
N LEU A 77 -1.52 -1.62 4.75
CA LEU A 77 -0.72 -1.18 5.87
C LEU A 77 0.09 -2.34 6.44
N GLU A 78 -0.53 -3.53 6.52
CA GLU A 78 0.09 -4.69 7.14
C GLU A 78 1.26 -5.20 6.31
N LEU A 79 1.35 -4.77 5.04
CA LEU A 79 2.43 -5.18 4.16
C LEU A 79 3.55 -4.15 4.08
N LEU A 80 3.39 -2.99 4.74
CA LEU A 80 4.45 -1.99 4.76
C LEU A 80 5.58 -2.44 5.70
N PRO A 81 6.83 -2.12 5.35
CA PRO A 81 8.01 -2.45 6.13
C PRO A 81 8.06 -1.64 7.42
N ARG A 82 9.04 -1.96 8.28
CA ARG A 82 9.15 -1.34 9.60
C ARG A 82 9.51 0.13 9.50
N ASP A 83 10.22 0.55 8.46
CA ASP A 83 10.65 1.93 8.29
C ASP A 83 9.57 2.87 7.75
N SER A 84 8.35 2.36 7.55
CA SER A 84 7.28 3.15 6.97
C SER A 84 6.88 4.30 7.88
N LYS A 85 6.65 5.49 7.30
CA LYS A 85 6.18 6.63 8.07
C LYS A 85 4.73 6.43 8.49
N ALA A 86 4.07 5.43 7.90
CA ALA A 86 2.72 5.05 8.27
C ALA A 86 2.74 4.04 9.41
N LYS A 87 3.89 3.86 10.06
CA LYS A 87 4.04 2.92 11.16
C LYS A 87 4.97 3.46 12.26
N GLU A 88 5.97 4.27 11.89
CA GLU A 88 6.93 4.79 12.87
C GLU A 88 6.60 6.20 13.37
N ASN A 89 5.69 6.92 12.70
CA ASN A 89 5.33 8.27 13.12
C ASN A 89 4.37 8.23 14.31
N GLU A 90 4.03 9.41 14.85
CA GLU A 90 3.07 9.51 15.95
C GLU A 90 1.71 9.00 15.48
N LYS A 91 0.88 8.53 16.42
CA LYS A 91 -0.37 7.86 16.09
C LYS A 91 -1.30 8.77 15.27
N TRP A 92 -1.34 10.07 15.60
CA TRP A 92 -2.21 10.99 14.91
C TRP A 92 -1.69 11.32 13.53
N ASN A 93 -0.37 11.44 13.39
CA ASN A 93 0.25 11.77 12.11
C ASN A 93 0.27 10.53 11.20
N THR A 94 0.33 9.35 11.80
CA THR A 94 0.42 8.10 11.07
C THR A 94 -0.87 7.89 10.29
N GLN A 95 -2.02 8.06 10.95
CA GLN A 95 -3.30 7.82 10.32
C GLN A 95 -3.60 8.91 9.29
N LYS A 96 -3.20 10.15 9.57
CA LYS A 96 -3.48 11.26 8.68
C LYS A 96 -2.65 11.16 7.41
N TYR A 97 -1.32 11.03 7.54
CA TYR A 97 -0.44 11.07 6.39
C TYR A 97 -0.63 9.77 5.59
N PHE A 98 -1.07 8.70 6.26
CA PHE A 98 -1.37 7.46 5.56
C PHE A 98 -2.48 7.62 4.53
N VAL A 99 -3.54 8.33 4.90
CA VAL A 99 -4.67 8.54 4.01
C VAL A 99 -4.29 9.52 2.91
N ILE A 100 -3.38 10.46 3.19
CA ILE A 100 -2.93 11.39 2.17
C ILE A 100 -2.18 10.64 1.07
N THR A 101 -1.34 9.68 1.47
CA THR A 101 -0.61 8.86 0.51
C THR A 101 -1.50 7.85 -0.19
N LEU A 102 -2.42 7.25 0.56
CA LEU A 102 -3.32 6.23 0.03
C LEU A 102 -4.34 6.84 -0.93
N SER A 103 -4.84 8.02 -0.62
CA SER A 103 -5.85 8.68 -1.45
C SER A 103 -5.26 9.07 -2.79
N LYS A 104 -4.02 9.58 -2.81
CA LYS A 104 -3.36 9.97 -4.04
C LYS A 104 -2.86 8.73 -4.79
N ALA A 105 -2.46 7.70 -4.05
CA ALA A 105 -2.01 6.46 -4.67
C ALA A 105 -3.18 5.80 -5.40
N TRP A 106 -4.37 5.80 -4.80
CA TRP A 106 -5.52 5.19 -5.42
C TRP A 106 -5.95 5.98 -6.65
N SER A 107 -5.74 7.30 -6.63
CA SER A 107 -6.09 8.15 -7.76
C SER A 107 -5.23 7.82 -8.97
N VAL A 108 -3.97 7.43 -8.74
CA VAL A 108 -3.04 7.17 -9.84
C VAL A 108 -3.28 5.78 -10.42
N VAL A 109 -3.58 4.79 -9.58
CA VAL A 109 -3.77 3.43 -10.09
C VAL A 109 -5.16 3.26 -10.71
N LYS A 110 -6.18 3.99 -10.22
CA LYS A 110 -7.51 3.83 -10.76
C LYS A 110 -7.61 4.48 -12.13
N LYS A 111 -6.88 5.57 -12.37
CA LYS A 111 -6.89 6.20 -13.68
C LYS A 111 -5.99 5.41 -14.64
N TYR A 112 -5.05 4.65 -14.08
CA TYR A 112 -4.18 3.78 -14.85
C TYR A 112 -4.86 2.48 -15.31
N LEU A 113 -5.79 1.96 -14.50
CA LEU A 113 -6.56 0.77 -14.86
C LEU A 113 -7.76 1.15 -15.73
N GLU A 114 -8.12 2.44 -15.75
CA GLU A 114 -9.21 2.95 -16.58
C GLU A 114 -8.77 3.04 -18.05
N ALA A 115 -7.45 3.04 -18.29
CA ALA A 115 -6.89 3.13 -19.64
C ALA A 115 -7.22 1.88 -20.45
#